data_1EGX
#
_entry.id   1EGX
#
_cell.length_a   1.000
_cell.length_b   1.000
_cell.length_c   1.000
_cell.angle_alpha   90.00
_cell.angle_beta   90.00
_cell.angle_gamma   90.00
#
_symmetry.space_group_name_H-M   'P 1'
#
_entity_poly.entity_id   1
_entity_poly.type   'polypeptide(L)'
_entity_poly.pdbx_seq_one_letter_code
;MSETVICSSRATVMLYDDGNKRWLPAGTGPQAFSRVQIYHNPTANSFRVVGRKMQPDQQVVINCAIVRGVKYNQATPNFH
QWRDARQVWGLNFGSKEDAAQFAAGMASALEALEG
;
_entity_poly.pdbx_strand_id   A
#
# COMPACT_ATOMS: atom_id res chain seq x y z
N MET A 1 -13.44 0.40 -16.55
CA MET A 1 -13.03 0.43 -15.12
C MET A 1 -11.93 1.45 -14.88
N SER A 2 -11.88 1.99 -13.67
CA SER A 2 -10.87 2.99 -13.31
C SER A 2 -9.47 2.38 -13.36
N GLU A 3 -8.70 2.78 -14.37
CA GLU A 3 -7.34 2.28 -14.54
C GLU A 3 -7.30 0.76 -14.48
N THR A 4 -6.11 0.20 -14.40
CA THR A 4 -5.92 -1.25 -14.34
C THR A 4 -5.24 -1.66 -13.04
N VAL A 5 -6.00 -2.22 -12.11
CA VAL A 5 -5.46 -2.67 -10.84
C VAL A 5 -4.38 -3.75 -11.06
N ILE A 6 -3.48 -3.88 -10.08
CA ILE A 6 -2.41 -4.87 -10.18
C ILE A 6 -2.67 -6.07 -9.28
N CYS A 7 -2.75 -5.83 -7.98
CA CYS A 7 -2.97 -6.90 -7.01
C CYS A 7 -3.93 -6.46 -5.91
N SER A 8 -4.16 -7.35 -4.95
CA SER A 8 -5.06 -7.07 -3.83
C SER A 8 -4.70 -7.90 -2.60
N SER A 9 -4.39 -7.23 -1.50
CA SER A 9 -4.02 -7.92 -0.27
C SER A 9 -4.85 -7.43 0.92
N ARG A 10 -4.99 -8.28 1.93
CA ARG A 10 -5.73 -7.94 3.13
C ARG A 10 -4.76 -7.42 4.20
N ALA A 11 -4.99 -6.18 4.64
CA ALA A 11 -4.10 -5.59 5.64
C ALA A 11 -4.62 -4.24 6.12
N THR A 12 -4.20 -3.84 7.32
CA THR A 12 -4.60 -2.56 7.89
C THR A 12 -3.50 -1.53 7.69
N VAL A 13 -3.59 -0.78 6.59
CA VAL A 13 -2.59 0.23 6.25
C VAL A 13 -2.25 1.10 7.46
N MET A 14 -0.97 1.43 7.56
CA MET A 14 -0.47 2.27 8.65
C MET A 14 0.46 3.36 8.14
N LEU A 15 0.35 4.55 8.72
CA LEU A 15 1.19 5.68 8.33
C LEU A 15 2.16 6.04 9.45
N TYR A 16 3.44 6.10 9.12
CA TYR A 16 4.47 6.43 10.10
C TYR A 16 4.55 7.92 10.36
N ASP A 17 4.88 8.27 11.59
CA ASP A 17 5.02 9.67 11.98
C ASP A 17 6.43 9.94 12.49
N ASP A 18 7.37 10.04 11.56
CA ASP A 18 8.78 10.28 11.91
C ASP A 18 8.91 11.38 12.96
N GLY A 19 7.97 12.34 12.94
CA GLY A 19 8.00 13.42 13.89
C GLY A 19 7.96 12.91 15.32
N ASN A 20 7.34 11.76 15.52
CA ASN A 20 7.22 11.15 16.83
C ASN A 20 7.85 9.75 16.86
N LYS A 21 8.26 9.26 15.69
CA LYS A 21 8.88 7.94 15.59
C LYS A 21 7.89 6.85 15.98
N ARG A 22 6.96 6.53 15.07
CA ARG A 22 5.95 5.50 15.33
C ARG A 22 4.95 5.40 14.18
N TRP A 23 4.06 4.43 14.27
CA TRP A 23 3.05 4.22 13.24
C TRP A 23 1.76 4.97 13.59
N LEU A 24 0.84 5.05 12.64
CA LEU A 24 -0.41 5.75 12.86
C LEU A 24 -1.42 5.39 11.76
N PRO A 25 -2.64 4.95 12.15
CA PRO A 25 -3.69 4.57 11.20
C PRO A 25 -3.77 5.54 10.01
N ALA A 26 -3.40 5.05 8.83
CA ALA A 26 -3.42 5.86 7.62
C ALA A 26 -4.77 6.56 7.46
N GLY A 27 -5.81 5.78 7.22
CA GLY A 27 -7.14 6.33 7.05
C GLY A 27 -7.61 7.12 8.25
N THR A 28 -8.63 6.59 8.93
CA THR A 28 -9.17 7.25 10.12
C THR A 28 -8.66 6.60 11.39
N GLY A 29 -9.36 6.82 12.50
CA GLY A 29 -8.95 6.23 13.77
C GLY A 29 -9.23 4.74 13.82
N PRO A 30 -10.51 4.35 13.81
CA PRO A 30 -10.90 2.93 13.86
C PRO A 30 -10.09 2.08 12.88
N GLN A 31 -10.06 0.78 13.12
CA GLN A 31 -9.32 -0.13 12.25
C GLN A 31 -10.03 -1.48 12.14
N ALA A 32 -9.65 -2.24 11.12
CA ALA A 32 -10.22 -3.56 10.86
C ALA A 32 -9.74 -4.09 9.51
N PHE A 33 -8.43 -3.96 9.29
CA PHE A 33 -7.82 -4.40 8.05
C PHE A 33 -8.39 -3.61 6.88
N SER A 34 -7.89 -3.88 5.68
CA SER A 34 -8.36 -3.20 4.49
C SER A 34 -7.89 -3.91 3.23
N ARG A 35 -8.68 -3.78 2.16
CA ARG A 35 -8.33 -4.40 0.90
C ARG A 35 -7.60 -3.40 0.01
N VAL A 36 -6.28 -3.46 0.05
CA VAL A 36 -5.45 -2.54 -0.73
C VAL A 36 -5.06 -3.13 -2.07
N GLN A 37 -5.29 -2.36 -3.13
CA GLN A 37 -4.97 -2.77 -4.49
C GLN A 37 -4.08 -1.73 -5.15
N ILE A 38 -3.22 -2.18 -6.05
CA ILE A 38 -2.32 -1.28 -6.75
C ILE A 38 -2.89 -0.92 -8.12
N TYR A 39 -2.58 0.27 -8.60
CA TYR A 39 -3.07 0.72 -9.89
C TYR A 39 -1.95 0.82 -10.91
N HIS A 40 -2.13 0.12 -12.04
CA HIS A 40 -1.15 0.11 -13.10
C HIS A 40 -1.56 1.04 -14.24
N ASN A 41 -1.16 2.31 -14.14
CA ASN A 41 -1.47 3.29 -15.17
C ASN A 41 -0.26 3.52 -16.08
N PRO A 42 -0.11 2.72 -17.14
CA PRO A 42 1.02 2.83 -18.07
C PRO A 42 0.90 4.07 -18.97
N THR A 43 -0.30 4.63 -19.06
CA THR A 43 -0.52 5.81 -19.88
C THR A 43 0.46 6.91 -19.50
N ALA A 44 0.93 6.87 -18.26
CA ALA A 44 1.90 7.86 -17.77
C ALA A 44 3.11 7.19 -17.15
N ASN A 45 3.18 5.86 -17.25
CA ASN A 45 4.29 5.10 -16.69
C ASN A 45 4.43 5.39 -15.19
N SER A 46 3.32 5.29 -14.49
CA SER A 46 3.28 5.56 -13.05
C SER A 46 2.38 4.57 -12.32
N PHE A 47 2.59 4.43 -11.02
CA PHE A 47 1.79 3.52 -10.22
C PHE A 47 1.27 4.22 -8.96
N ARG A 48 0.26 3.63 -8.34
CA ARG A 48 -0.32 4.19 -7.12
C ARG A 48 -1.14 3.14 -6.37
N VAL A 49 -1.09 3.20 -5.04
CA VAL A 49 -1.80 2.25 -4.21
C VAL A 49 -3.16 2.80 -3.79
N VAL A 50 -4.14 1.90 -3.62
CA VAL A 50 -5.48 2.28 -3.23
C VAL A 50 -6.14 1.17 -2.41
N GLY A 51 -6.43 1.46 -1.16
CA GLY A 51 -7.05 0.45 -0.30
C GLY A 51 -8.14 1.03 0.59
N ARG A 52 -9.16 0.22 0.87
CA ARG A 52 -10.27 0.66 1.72
C ARG A 52 -10.56 -0.40 2.80
N LYS A 53 -11.29 0.02 3.83
CA LYS A 53 -11.63 -0.88 4.92
C LYS A 53 -12.55 -2.00 4.45
N MET A 54 -12.81 -2.96 5.32
CA MET A 54 -13.68 -4.09 4.99
C MET A 54 -14.96 -4.03 5.79
N GLN A 55 -15.56 -2.85 5.86
CA GLN A 55 -16.80 -2.64 6.59
C GLN A 55 -17.81 -1.85 5.75
N PRO A 56 -19.09 -1.88 6.13
CA PRO A 56 -20.15 -1.16 5.41
C PRO A 56 -19.79 0.29 5.15
N ASP A 57 -18.93 0.85 5.99
CA ASP A 57 -18.50 2.24 5.86
C ASP A 57 -17.76 2.45 4.54
N GLN A 58 -16.81 1.57 4.26
CA GLN A 58 -16.02 1.66 3.04
C GLN A 58 -15.24 2.96 2.97
N GLN A 59 -14.06 2.97 3.57
CA GLN A 59 -13.21 4.16 3.59
C GLN A 59 -11.81 3.81 3.12
N VAL A 60 -11.25 4.64 2.23
CA VAL A 60 -9.91 4.42 1.72
C VAL A 60 -8.86 4.74 2.76
N VAL A 61 -8.03 3.75 3.09
CA VAL A 61 -6.99 3.92 4.09
C VAL A 61 -5.66 4.31 3.43
N ILE A 62 -5.53 4.04 2.13
CA ILE A 62 -4.33 4.36 1.40
C ILE A 62 -4.67 4.90 0.01
N ASN A 63 -3.96 5.94 -0.40
CA ASN A 63 -4.20 6.54 -1.70
C ASN A 63 -3.01 7.41 -2.11
N CYS A 64 -1.88 6.77 -2.35
CA CYS A 64 -0.65 7.47 -2.75
C CYS A 64 -0.14 6.94 -4.08
N ALA A 65 0.79 7.67 -4.68
CA ALA A 65 1.36 7.27 -5.97
C ALA A 65 2.82 6.86 -5.83
N ILE A 66 3.20 5.81 -6.54
CA ILE A 66 4.58 5.31 -6.53
C ILE A 66 5.18 5.32 -7.92
N VAL A 67 6.30 6.01 -8.07
CA VAL A 67 6.97 6.08 -9.37
C VAL A 67 8.48 5.96 -9.23
N ARG A 68 8.99 4.83 -9.70
CA ARG A 68 10.43 4.54 -9.67
C ARG A 68 11.15 5.26 -8.53
N GLY A 69 10.57 5.20 -7.34
CA GLY A 69 11.16 5.88 -6.20
C GLY A 69 10.93 5.15 -4.89
N VAL A 70 9.90 4.31 -4.83
CA VAL A 70 9.60 3.57 -3.60
C VAL A 70 10.00 2.11 -3.75
N LYS A 71 10.60 1.56 -2.70
CA LYS A 71 11.03 0.17 -2.68
C LYS A 71 10.51 -0.54 -1.44
N TYR A 72 9.62 -1.50 -1.65
CA TYR A 72 9.04 -2.27 -0.55
C TYR A 72 10.13 -2.81 0.39
N ASN A 73 9.97 -2.53 1.68
CA ASN A 73 10.94 -2.98 2.68
C ASN A 73 10.52 -4.31 3.28
N GLN A 74 9.23 -4.45 3.55
CA GLN A 74 8.70 -5.68 4.13
C GLN A 74 9.35 -5.96 5.48
N ALA A 75 8.89 -5.27 6.51
CA ALA A 75 9.42 -5.44 7.86
C ALA A 75 9.32 -6.90 8.31
N THR A 76 8.13 -7.47 8.18
CA THR A 76 7.90 -8.85 8.57
C THR A 76 7.09 -9.59 7.51
N PRO A 77 6.92 -10.91 7.67
CA PRO A 77 6.16 -11.72 6.71
C PRO A 77 4.77 -11.16 6.44
N ASN A 78 4.25 -10.39 7.40
CA ASN A 78 2.93 -9.78 7.26
C ASN A 78 3.01 -8.28 7.48
N PHE A 79 3.80 -7.60 6.67
CA PHE A 79 3.96 -6.15 6.76
C PHE A 79 4.73 -5.60 5.58
N HIS A 80 4.34 -4.41 5.11
CA HIS A 80 4.99 -3.77 3.99
C HIS A 80 5.13 -2.27 4.24
N GLN A 81 6.35 -1.84 4.52
CA GLN A 81 6.62 -0.44 4.79
C GLN A 81 7.56 0.17 3.75
N TRP A 82 7.09 1.21 3.07
CA TRP A 82 7.90 1.89 2.05
C TRP A 82 7.99 3.38 2.33
N ARG A 83 9.14 3.96 1.98
CA ARG A 83 9.36 5.39 2.16
C ARG A 83 9.34 6.09 0.81
N ASP A 84 8.35 6.95 0.60
CA ASP A 84 8.22 7.66 -0.66
C ASP A 84 8.90 9.03 -0.59
N ALA A 85 8.17 10.04 -0.14
CA ALA A 85 8.71 11.39 -0.04
C ALA A 85 9.26 11.65 1.36
N ARG A 86 8.37 11.73 2.33
CA ARG A 86 8.77 11.97 3.72
C ARG A 86 7.93 11.13 4.69
N GLN A 87 6.95 10.41 4.16
CA GLN A 87 6.10 9.57 4.99
C GLN A 87 6.43 8.10 4.80
N VAL A 88 5.75 7.26 5.54
CA VAL A 88 5.96 5.82 5.45
C VAL A 88 4.64 5.08 5.54
N TRP A 89 4.36 4.25 4.54
CA TRP A 89 3.12 3.49 4.50
C TRP A 89 3.33 2.05 4.93
N GLY A 90 3.28 1.82 6.24
CA GLY A 90 3.47 0.48 6.77
C GLY A 90 2.16 -0.20 7.05
N LEU A 91 1.70 -1.01 6.12
CA LEU A 91 0.45 -1.72 6.29
C LEU A 91 0.66 -3.11 6.88
N ASN A 92 -0.15 -3.42 7.88
CA ASN A 92 -0.07 -4.73 8.54
C ASN A 92 -1.06 -5.71 7.90
N PHE A 93 -0.55 -6.88 7.52
CA PHE A 93 -1.39 -7.90 6.89
C PHE A 93 -1.89 -8.92 7.90
N GLY A 94 -2.88 -9.70 7.50
CA GLY A 94 -3.45 -10.70 8.37
C GLY A 94 -3.03 -12.11 8.03
N SER A 95 -2.91 -12.39 6.74
CA SER A 95 -2.50 -13.71 6.27
C SER A 95 -1.22 -13.65 5.45
N LYS A 96 -0.55 -14.79 5.32
CA LYS A 96 0.68 -14.87 4.55
C LYS A 96 0.43 -14.51 3.09
N GLU A 97 -0.64 -15.06 2.53
CA GLU A 97 -0.99 -14.80 1.13
C GLU A 97 -1.19 -13.31 0.89
N ASP A 98 -1.74 -12.62 1.88
CA ASP A 98 -1.98 -11.19 1.77
C ASP A 98 -0.67 -10.45 1.51
N ALA A 99 0.22 -10.47 2.50
CA ALA A 99 1.50 -9.81 2.39
C ALA A 99 2.28 -10.31 1.18
N ALA A 100 2.07 -11.57 0.82
CA ALA A 100 2.75 -12.16 -0.33
C ALA A 100 2.16 -11.65 -1.64
N GLN A 101 0.85 -11.59 -1.70
CA GLN A 101 0.14 -11.12 -2.89
C GLN A 101 0.39 -9.63 -3.12
N PHE A 102 0.32 -8.88 -2.03
CA PHE A 102 0.53 -7.43 -2.09
C PHE A 102 1.84 -7.08 -2.80
N ALA A 103 2.94 -7.65 -2.32
CA ALA A 103 4.24 -7.40 -2.92
C ALA A 103 4.26 -7.85 -4.36
N ALA A 104 3.45 -8.86 -4.67
CA ALA A 104 3.36 -9.39 -6.03
C ALA A 104 3.18 -8.28 -7.05
N GLY A 105 2.06 -7.59 -6.96
CA GLY A 105 1.78 -6.50 -7.88
C GLY A 105 2.75 -5.36 -7.72
N MET A 106 2.89 -4.91 -6.48
CA MET A 106 3.80 -3.81 -6.17
C MET A 106 5.15 -4.03 -6.83
N ALA A 107 5.81 -5.12 -6.45
CA ALA A 107 7.12 -5.45 -7.00
C ALA A 107 7.12 -5.26 -8.52
N SER A 108 5.99 -5.59 -9.15
CA SER A 108 5.84 -5.43 -10.58
C SER A 108 5.89 -3.95 -10.95
N ALA A 109 5.24 -3.13 -10.14
CA ALA A 109 5.22 -1.68 -10.38
C ALA A 109 6.63 -1.10 -10.30
N LEU A 110 7.29 -1.32 -9.17
CA LEU A 110 8.64 -0.82 -8.95
C LEU A 110 9.61 -1.36 -9.99
N GLU A 111 9.22 -2.43 -10.69
CA GLU A 111 10.08 -3.04 -11.70
C GLU A 111 9.81 -2.49 -13.09
N ALA A 112 8.57 -2.09 -13.32
CA ALA A 112 8.17 -1.53 -14.62
C ALA A 112 8.25 -0.01 -14.60
N LEU A 113 8.67 0.53 -13.46
CA LEU A 113 8.79 1.95 -13.29
C LEU A 113 10.26 2.35 -13.18
N GLU A 114 11.05 1.51 -12.53
CA GLU A 114 12.48 1.76 -12.37
C GLU A 114 13.25 1.25 -13.59
N GLY A 115 12.75 0.17 -14.19
CA GLY A 115 13.40 -0.40 -15.35
C GLY A 115 13.05 -1.86 -15.57
N MET A 1 -9.66 9.72 -13.96
CA MET A 1 -10.99 9.07 -14.10
C MET A 1 -10.97 7.64 -13.57
N SER A 2 -10.23 6.77 -14.24
CA SER A 2 -10.13 5.38 -13.83
C SER A 2 -8.92 4.70 -14.50
N GLU A 3 -8.23 3.86 -13.73
CA GLU A 3 -7.06 3.16 -14.24
C GLU A 3 -7.20 1.65 -14.02
N THR A 4 -6.16 0.91 -14.39
CA THR A 4 -6.18 -0.55 -14.25
C THR A 4 -5.53 -0.97 -12.93
N VAL A 5 -6.14 -1.96 -12.28
CA VAL A 5 -5.61 -2.47 -11.01
C VAL A 5 -4.57 -3.58 -11.27
N ILE A 6 -3.73 -3.83 -10.28
CA ILE A 6 -2.70 -4.85 -10.42
C ILE A 6 -2.94 -6.04 -9.50
N CYS A 7 -2.79 -5.83 -8.19
CA CYS A 7 -2.97 -6.91 -7.22
C CYS A 7 -3.95 -6.50 -6.13
N SER A 8 -4.16 -7.42 -5.17
CA SER A 8 -5.08 -7.17 -4.06
C SER A 8 -4.71 -8.01 -2.84
N SER A 9 -4.46 -7.36 -1.71
CA SER A 9 -4.10 -8.07 -0.50
C SER A 9 -4.87 -7.52 0.72
N ARG A 10 -5.01 -8.36 1.75
CA ARG A 10 -5.70 -7.96 2.97
C ARG A 10 -4.69 -7.53 4.03
N ALA A 11 -4.91 -6.36 4.62
CA ALA A 11 -4.01 -5.84 5.64
C ALA A 11 -4.56 -4.58 6.27
N THR A 12 -3.82 -4.03 7.22
CA THR A 12 -4.22 -2.82 7.92
C THR A 12 -3.25 -1.68 7.60
N VAL A 13 -3.57 -0.92 6.55
CA VAL A 13 -2.73 0.19 6.13
C VAL A 13 -2.33 1.06 7.33
N MET A 14 -1.10 1.54 7.29
CA MET A 14 -0.57 2.36 8.36
C MET A 14 0.26 3.52 7.81
N LEU A 15 0.45 4.56 8.61
CA LEU A 15 1.22 5.73 8.19
C LEU A 15 2.27 6.09 9.24
N TYR A 16 3.53 5.92 8.89
CA TYR A 16 4.62 6.22 9.81
C TYR A 16 4.86 7.72 9.94
N ASP A 17 5.24 8.13 11.14
CA ASP A 17 5.52 9.54 11.42
C ASP A 17 6.95 9.70 11.92
N ASP A 18 7.90 9.71 10.99
CA ASP A 18 9.31 9.84 11.33
C ASP A 18 9.54 11.02 12.27
N GLY A 19 8.66 12.01 12.21
CA GLY A 19 8.79 13.17 13.06
C GLY A 19 8.87 12.80 14.52
N ASN A 20 8.22 11.70 14.89
CA ASN A 20 8.22 11.21 16.27
C ASN A 20 8.59 9.73 16.33
N LYS A 21 8.94 9.15 15.18
CA LYS A 21 9.32 7.74 15.12
C LYS A 21 8.20 6.86 15.66
N ARG A 22 7.23 6.55 14.80
CA ARG A 22 6.10 5.70 15.19
C ARG A 22 5.07 5.63 14.07
N TRP A 23 4.26 4.57 14.09
CA TRP A 23 3.22 4.39 13.08
C TRP A 23 2.05 5.33 13.35
N LEU A 24 1.07 5.33 12.44
CA LEU A 24 -0.10 6.18 12.58
C LEU A 24 -1.18 5.77 11.57
N PRO A 25 -2.40 5.47 12.05
CA PRO A 25 -3.51 5.06 11.19
C PRO A 25 -3.62 5.90 9.93
N ALA A 26 -3.06 5.41 8.82
CA ALA A 26 -3.11 6.10 7.54
C ALA A 26 -4.52 6.62 7.24
N GLY A 27 -5.47 5.70 7.17
CA GLY A 27 -6.85 6.06 6.89
C GLY A 27 -7.36 7.18 7.78
N THR A 28 -8.06 6.81 8.85
CA THR A 28 -8.60 7.79 9.78
C THR A 28 -8.39 7.36 11.23
N GLY A 29 -9.21 6.40 11.68
CA GLY A 29 -9.10 5.93 13.04
C GLY A 29 -9.14 4.41 13.13
N PRO A 30 -10.32 3.79 12.92
CA PRO A 30 -10.48 2.34 12.98
C PRO A 30 -9.37 1.61 12.23
N GLN A 31 -9.26 0.31 12.48
CA GLN A 31 -8.24 -0.50 11.83
C GLN A 31 -8.71 -1.95 11.64
N ALA A 32 -9.83 -2.11 10.97
CA ALA A 32 -10.39 -3.44 10.71
C ALA A 32 -9.89 -3.97 9.37
N PHE A 33 -8.58 -3.89 9.16
CA PHE A 33 -7.98 -4.35 7.92
C PHE A 33 -8.51 -3.55 6.74
N SER A 34 -8.09 -3.92 5.54
CA SER A 34 -8.52 -3.24 4.33
C SER A 34 -8.03 -3.97 3.10
N ARG A 35 -8.79 -3.88 2.02
CA ARG A 35 -8.43 -4.52 0.77
C ARG A 35 -7.68 -3.53 -0.13
N VAL A 36 -6.36 -3.61 -0.12
CA VAL A 36 -5.54 -2.71 -0.90
C VAL A 36 -5.18 -3.29 -2.26
N GLN A 37 -5.31 -2.46 -3.28
CA GLN A 37 -5.00 -2.86 -4.65
C GLN A 37 -4.11 -1.81 -5.31
N ILE A 38 -3.30 -2.24 -6.26
CA ILE A 38 -2.41 -1.32 -6.95
C ILE A 38 -3.00 -0.91 -8.29
N TYR A 39 -2.56 0.22 -8.80
CA TYR A 39 -3.05 0.73 -10.07
C TYR A 39 -1.91 0.93 -11.06
N HIS A 40 -1.99 0.23 -12.18
CA HIS A 40 -0.96 0.33 -13.21
C HIS A 40 -1.34 1.37 -14.26
N ASN A 41 -0.80 2.58 -14.11
CA ASN A 41 -1.09 3.67 -15.03
C ASN A 41 0.07 3.85 -16.02
N PRO A 42 -0.04 3.25 -17.22
CA PRO A 42 1.00 3.35 -18.23
C PRO A 42 0.91 4.65 -19.04
N THR A 43 -0.26 5.28 -19.00
CA THR A 43 -0.46 6.54 -19.73
C THR A 43 0.67 7.52 -19.42
N ALA A 44 1.20 7.41 -18.21
CA ALA A 44 2.29 8.27 -17.77
C ALA A 44 3.43 7.45 -17.14
N ASN A 45 3.30 6.13 -17.21
CA ASN A 45 4.31 5.24 -16.64
C ASN A 45 4.39 5.45 -15.13
N SER A 46 3.23 5.45 -14.49
CA SER A 46 3.16 5.65 -13.04
C SER A 46 2.25 4.62 -12.39
N PHE A 47 2.49 4.36 -11.10
CA PHE A 47 1.68 3.40 -10.36
C PHE A 47 0.98 4.07 -9.19
N ARG A 48 0.13 3.32 -8.49
CA ARG A 48 -0.61 3.87 -7.36
C ARG A 48 -1.21 2.78 -6.49
N VAL A 49 -1.39 3.08 -5.21
CA VAL A 49 -1.97 2.13 -4.27
C VAL A 49 -3.34 2.63 -3.80
N VAL A 50 -4.30 1.72 -3.69
CA VAL A 50 -5.64 2.08 -3.26
C VAL A 50 -6.28 0.94 -2.48
N GLY A 51 -6.64 1.21 -1.24
CA GLY A 51 -7.25 0.19 -0.41
C GLY A 51 -8.37 0.73 0.46
N ARG A 52 -9.39 -0.09 0.69
CA ARG A 52 -10.52 0.30 1.50
C ARG A 52 -10.67 -0.63 2.71
N LYS A 53 -11.33 -0.14 3.75
CA LYS A 53 -11.53 -0.92 4.95
C LYS A 53 -12.72 -1.85 4.80
N MET A 54 -12.80 -2.88 5.64
CA MET A 54 -13.89 -3.83 5.59
C MET A 54 -15.00 -3.44 6.56
N GLN A 55 -15.35 -2.15 6.55
CA GLN A 55 -16.39 -1.63 7.43
C GLN A 55 -17.74 -1.61 6.73
N PRO A 56 -18.83 -1.47 7.49
CA PRO A 56 -20.18 -1.41 6.93
C PRO A 56 -20.34 -0.24 5.98
N ASP A 57 -19.41 0.72 6.07
CA ASP A 57 -19.44 1.90 5.21
C ASP A 57 -18.38 1.82 4.12
N GLN A 58 -17.27 1.16 4.43
CA GLN A 58 -16.19 1.02 3.46
C GLN A 58 -15.56 2.37 3.14
N GLN A 59 -14.27 2.52 3.45
CA GLN A 59 -13.57 3.77 3.19
C GLN A 59 -12.13 3.50 2.76
N VAL A 60 -11.63 4.30 1.83
CA VAL A 60 -10.27 4.14 1.34
C VAL A 60 -9.26 4.57 2.41
N VAL A 61 -8.40 3.64 2.81
CA VAL A 61 -7.39 3.91 3.82
C VAL A 61 -6.07 4.34 3.18
N ILE A 62 -5.90 4.02 1.90
CA ILE A 62 -4.70 4.38 1.16
C ILE A 62 -5.04 4.84 -0.24
N ASN A 63 -4.38 5.90 -0.69
CA ASN A 63 -4.64 6.45 -2.03
C ASN A 63 -3.51 7.36 -2.46
N CYS A 64 -2.34 6.78 -2.73
CA CYS A 64 -1.18 7.55 -3.15
C CYS A 64 -0.48 6.89 -4.34
N ALA A 65 -0.13 7.69 -5.34
CA ALA A 65 0.53 7.18 -6.54
C ALA A 65 2.01 6.92 -6.26
N ILE A 66 2.50 5.76 -6.72
CA ILE A 66 3.90 5.40 -6.52
C ILE A 66 4.67 5.50 -7.83
N VAL A 67 6.00 5.47 -7.72
CA VAL A 67 6.87 5.55 -8.88
C VAL A 67 8.24 4.98 -8.55
N ARG A 68 9.18 5.11 -9.50
CA ARG A 68 10.53 4.61 -9.30
C ARG A 68 11.18 5.31 -8.10
N GLY A 69 10.98 4.76 -6.92
CA GLY A 69 11.56 5.38 -5.72
C GLY A 69 11.20 4.64 -4.45
N VAL A 70 10.00 4.07 -4.38
CA VAL A 70 9.57 3.37 -3.19
C VAL A 70 10.08 1.92 -3.19
N LYS A 71 10.69 1.51 -2.08
CA LYS A 71 11.21 0.17 -1.94
C LYS A 71 10.50 -0.57 -0.81
N TYR A 72 9.56 -1.43 -1.18
CA TYR A 72 8.80 -2.20 -0.21
C TYR A 72 9.70 -2.83 0.84
N ASN A 73 9.68 -2.27 2.05
CA ASN A 73 10.50 -2.78 3.15
C ASN A 73 9.69 -3.69 4.05
N GLN A 74 9.82 -5.00 3.84
CA GLN A 74 9.11 -5.99 4.64
C GLN A 74 9.61 -5.99 6.07
N ALA A 75 9.01 -5.14 6.90
CA ALA A 75 9.40 -5.03 8.31
C ALA A 75 9.28 -6.38 9.01
N THR A 76 8.16 -7.05 8.80
CA THR A 76 7.92 -8.36 9.41
C THR A 76 7.32 -9.32 8.40
N PRO A 77 7.37 -10.64 8.69
CA PRO A 77 6.82 -11.66 7.79
C PRO A 77 5.38 -11.37 7.38
N ASN A 78 4.67 -10.58 8.19
CA ASN A 78 3.30 -10.23 7.91
C ASN A 78 3.04 -8.74 8.11
N PHE A 79 3.92 -7.91 7.56
CA PHE A 79 3.79 -6.47 7.69
C PHE A 79 4.65 -5.73 6.66
N HIS A 80 4.00 -4.88 5.87
CA HIS A 80 4.71 -4.12 4.84
C HIS A 80 5.02 -2.71 5.34
N GLN A 81 5.79 -1.95 4.57
CA GLN A 81 6.15 -0.58 4.95
C GLN A 81 7.08 0.05 3.92
N TRP A 82 6.64 1.13 3.31
CA TRP A 82 7.47 1.83 2.32
C TRP A 82 7.48 3.34 2.54
N ARG A 83 8.66 3.93 2.41
CA ARG A 83 8.83 5.37 2.56
C ARG A 83 8.91 6.01 1.18
N ASP A 84 7.87 6.73 0.80
CA ASP A 84 7.83 7.37 -0.51
C ASP A 84 8.34 8.82 -0.46
N ALA A 85 7.43 9.79 -0.47
CA ALA A 85 7.82 11.19 -0.43
C ALA A 85 8.59 11.51 0.85
N ARG A 86 7.86 11.56 1.96
CA ARG A 86 8.46 11.85 3.26
C ARG A 86 7.85 10.98 4.36
N GLN A 87 6.73 10.34 4.05
CA GLN A 87 6.06 9.49 5.03
C GLN A 87 6.26 8.03 4.67
N VAL A 88 5.65 7.15 5.44
CA VAL A 88 5.76 5.72 5.20
C VAL A 88 4.40 5.05 5.34
N TRP A 89 3.97 4.36 4.29
CA TRP A 89 2.67 3.69 4.30
C TRP A 89 2.82 2.23 4.72
N GLY A 90 2.68 1.98 6.02
CA GLY A 90 2.79 0.63 6.53
C GLY A 90 1.58 -0.21 6.17
N LEU A 91 1.72 -1.53 6.31
CA LEU A 91 0.63 -2.43 5.99
C LEU A 91 0.70 -3.69 6.85
N ASN A 92 -0.24 -3.83 7.79
CA ASN A 92 -0.28 -5.01 8.64
C ASN A 92 -1.20 -6.05 8.02
N PHE A 93 -0.59 -7.06 7.41
CA PHE A 93 -1.32 -8.13 6.77
C PHE A 93 -2.02 -9.03 7.76
N GLY A 94 -2.97 -9.81 7.26
CA GLY A 94 -3.72 -10.73 8.11
C GLY A 94 -3.24 -12.16 7.96
N SER A 95 -2.72 -12.48 6.77
CA SER A 95 -2.22 -13.83 6.50
C SER A 95 -0.92 -13.78 5.70
N LYS A 96 -0.24 -14.91 5.62
CA LYS A 96 1.03 -14.99 4.90
C LYS A 96 0.81 -14.75 3.41
N GLU A 97 -0.26 -15.30 2.86
CA GLU A 97 -0.58 -15.16 1.45
C GLU A 97 -0.79 -13.69 1.10
N ASP A 98 -1.52 -12.98 1.95
CA ASP A 98 -1.78 -11.56 1.71
C ASP A 98 -0.49 -10.80 1.47
N ALA A 99 0.35 -10.72 2.49
CA ALA A 99 1.63 -10.04 2.40
C ALA A 99 2.40 -10.45 1.14
N ALA A 100 2.23 -11.71 0.73
CA ALA A 100 2.90 -12.21 -0.46
C ALA A 100 2.24 -11.68 -1.73
N GLN A 101 0.93 -11.44 -1.67
CA GLN A 101 0.18 -10.93 -2.81
C GLN A 101 0.41 -9.44 -2.99
N PHE A 102 0.27 -8.69 -1.91
CA PHE A 102 0.45 -7.24 -1.94
C PHE A 102 1.77 -6.86 -2.60
N ALA A 103 2.85 -7.52 -2.17
CA ALA A 103 4.17 -7.26 -2.73
C ALA A 103 4.25 -7.71 -4.18
N ALA A 104 3.53 -8.78 -4.50
CA ALA A 104 3.49 -9.33 -5.85
C ALA A 104 3.34 -8.23 -6.89
N GLY A 105 2.17 -7.59 -6.89
CA GLY A 105 1.91 -6.53 -7.85
C GLY A 105 2.85 -5.35 -7.65
N MET A 106 2.96 -4.89 -6.42
CA MET A 106 3.83 -3.77 -6.11
C MET A 106 5.21 -3.97 -6.71
N ALA A 107 5.87 -5.05 -6.30
CA ALA A 107 7.20 -5.38 -6.81
C ALA A 107 7.25 -5.15 -8.31
N SER A 108 6.15 -5.45 -8.99
CA SER A 108 6.06 -5.26 -10.42
C SER A 108 6.07 -3.77 -10.75
N ALA A 109 5.36 -2.98 -9.95
CA ALA A 109 5.30 -1.54 -10.14
C ALA A 109 6.69 -0.93 -10.08
N LEU A 110 7.38 -1.16 -8.97
CA LEU A 110 8.72 -0.63 -8.77
C LEU A 110 9.68 -1.12 -9.86
N GLU A 111 9.36 -2.28 -10.44
CA GLU A 111 10.18 -2.86 -11.50
C GLU A 111 9.78 -2.36 -12.87
N ALA A 112 8.55 -1.91 -12.98
CA ALA A 112 8.03 -1.39 -14.25
C ALA A 112 8.17 0.12 -14.29
N LEU A 113 8.65 0.67 -13.19
CA LEU A 113 8.83 2.09 -13.07
C LEU A 113 10.33 2.43 -13.05
N GLU A 114 11.14 1.44 -12.69
CA GLU A 114 12.59 1.62 -12.66
C GLU A 114 13.20 1.25 -14.00
N GLY A 115 12.66 0.20 -14.62
CA GLY A 115 13.17 -0.24 -15.91
C GLY A 115 12.15 -1.04 -16.69
N MET A 1 -8.76 8.39 -19.51
CA MET A 1 -9.65 7.28 -19.08
C MET A 1 -9.20 6.71 -17.73
N SER A 2 -9.99 5.77 -17.20
CA SER A 2 -9.69 5.16 -15.91
C SER A 2 -8.32 4.47 -15.96
N GLU A 3 -8.00 3.74 -14.90
CA GLU A 3 -6.73 3.03 -14.81
C GLU A 3 -6.95 1.53 -14.74
N THR A 4 -5.87 0.78 -14.49
CA THR A 4 -5.93 -0.67 -14.39
C THR A 4 -5.29 -1.16 -13.10
N VAL A 5 -6.10 -1.77 -12.23
CA VAL A 5 -5.60 -2.28 -10.96
C VAL A 5 -4.66 -3.46 -11.21
N ILE A 6 -3.73 -3.67 -10.27
CA ILE A 6 -2.77 -4.76 -10.39
C ILE A 6 -3.14 -5.96 -9.53
N CYS A 7 -3.01 -5.82 -8.22
CA CYS A 7 -3.32 -6.91 -7.31
C CYS A 7 -4.19 -6.44 -6.14
N SER A 8 -4.43 -7.34 -5.19
CA SER A 8 -5.25 -7.03 -4.03
C SER A 8 -4.89 -7.91 -2.83
N SER A 9 -4.52 -7.28 -1.72
CA SER A 9 -4.15 -8.03 -0.51
C SER A 9 -4.87 -7.47 0.72
N ARG A 10 -5.02 -8.32 1.73
CA ARG A 10 -5.69 -7.92 2.98
C ARG A 10 -4.66 -7.51 4.03
N ALA A 11 -4.85 -6.34 4.62
CA ALA A 11 -3.94 -5.84 5.63
C ALA A 11 -4.50 -4.59 6.31
N THR A 12 -3.72 -4.03 7.23
CA THR A 12 -4.13 -2.84 7.96
C THR A 12 -3.17 -1.69 7.64
N VAL A 13 -3.49 -0.94 6.60
CA VAL A 13 -2.66 0.18 6.18
C VAL A 13 -2.25 1.04 7.37
N MET A 14 -1.03 1.54 7.31
CA MET A 14 -0.48 2.37 8.37
C MET A 14 0.34 3.52 7.78
N LEU A 15 0.38 4.64 8.50
CA LEU A 15 1.14 5.81 8.04
C LEU A 15 2.18 6.21 9.08
N TYR A 16 3.44 6.09 8.73
CA TYR A 16 4.52 6.44 9.64
C TYR A 16 4.67 7.95 9.79
N ASP A 17 5.16 8.36 10.95
CA ASP A 17 5.37 9.78 11.24
C ASP A 17 6.78 10.01 11.73
N ASP A 18 7.73 10.11 10.80
CA ASP A 18 9.13 10.33 11.14
C ASP A 18 9.29 11.49 12.12
N GLY A 19 8.34 12.43 12.09
CA GLY A 19 8.40 13.56 12.99
C GLY A 19 8.53 13.13 14.44
N ASN A 20 7.99 11.96 14.75
CA ASN A 20 8.04 11.44 16.12
C ASN A 20 8.49 9.97 16.13
N LYS A 21 8.92 9.48 14.97
CA LYS A 21 9.38 8.09 14.86
C LYS A 21 8.33 7.12 15.38
N ARG A 22 7.36 6.80 14.54
CA ARG A 22 6.29 5.87 14.92
C ARG A 22 5.25 5.74 13.81
N TRP A 23 4.32 4.81 13.98
CA TRP A 23 3.26 4.58 12.99
C TRP A 23 2.06 5.48 13.29
N LEU A 24 1.10 5.50 12.37
CA LEU A 24 -0.09 6.31 12.53
C LEU A 24 -1.20 5.82 11.58
N PRO A 25 -2.39 5.50 12.12
CA PRO A 25 -3.52 5.01 11.31
C PRO A 25 -3.70 5.83 10.02
N ALA A 26 -3.15 5.31 8.93
CA ALA A 26 -3.25 5.97 7.64
C ALA A 26 -4.67 6.41 7.34
N GLY A 27 -5.59 5.45 7.37
CA GLY A 27 -6.98 5.75 7.08
C GLY A 27 -7.53 6.90 7.91
N THR A 28 -8.22 6.58 8.99
CA THR A 28 -8.79 7.61 9.86
C THR A 28 -8.72 7.21 11.33
N GLY A 29 -9.54 6.25 11.72
CA GLY A 29 -9.56 5.79 13.09
C GLY A 29 -9.53 4.28 13.21
N PRO A 30 -10.67 3.61 12.97
CA PRO A 30 -10.77 2.15 13.05
C PRO A 30 -9.64 1.45 12.30
N GLN A 31 -9.40 0.18 12.62
CA GLN A 31 -8.35 -0.59 11.98
C GLN A 31 -8.79 -2.03 11.75
N ALA A 32 -9.89 -2.20 11.03
CA ALA A 32 -10.41 -3.52 10.74
C ALA A 32 -9.89 -4.01 9.39
N PHE A 33 -8.58 -3.91 9.20
CA PHE A 33 -7.94 -4.33 7.96
C PHE A 33 -8.48 -3.52 6.79
N SER A 34 -8.06 -3.88 5.59
CA SER A 34 -8.49 -3.18 4.38
C SER A 34 -7.97 -3.89 3.14
N ARG A 35 -8.75 -3.81 2.07
CA ARG A 35 -8.36 -4.44 0.80
C ARG A 35 -7.64 -3.42 -0.08
N VAL A 36 -6.31 -3.45 -0.02
CA VAL A 36 -5.52 -2.51 -0.80
C VAL A 36 -5.08 -3.10 -2.14
N GLN A 37 -5.41 -2.39 -3.21
CA GLN A 37 -5.07 -2.80 -4.56
C GLN A 37 -4.10 -1.79 -5.16
N ILE A 38 -3.43 -2.17 -6.24
CA ILE A 38 -2.47 -1.26 -6.87
C ILE A 38 -2.98 -0.81 -8.23
N TYR A 39 -2.56 0.38 -8.64
CA TYR A 39 -2.98 0.94 -9.92
C TYR A 39 -1.82 1.01 -10.91
N HIS A 40 -1.97 0.34 -12.04
CA HIS A 40 -0.95 0.33 -13.07
C HIS A 40 -1.24 1.38 -14.14
N ASN A 41 -0.76 2.59 -13.90
CA ASN A 41 -0.96 3.70 -14.84
C ASN A 41 0.30 3.96 -15.65
N PRO A 42 0.42 3.34 -16.84
CA PRO A 42 1.59 3.51 -17.70
C PRO A 42 1.55 4.82 -18.49
N THR A 43 0.36 5.42 -18.59
CA THR A 43 0.19 6.68 -19.31
C THR A 43 1.27 7.69 -18.90
N ALA A 44 1.62 7.67 -17.62
CA ALA A 44 2.65 8.57 -17.11
C ALA A 44 3.85 7.79 -16.59
N ASN A 45 3.73 6.46 -16.56
CA ASN A 45 4.81 5.60 -16.09
C ASN A 45 4.90 5.64 -14.57
N SER A 46 3.74 5.63 -13.93
CA SER A 46 3.67 5.67 -12.47
C SER A 46 2.64 4.68 -11.95
N PHE A 47 2.63 4.47 -10.64
CA PHE A 47 1.69 3.54 -10.03
C PHE A 47 0.98 4.18 -8.84
N ARG A 48 -0.02 3.50 -8.30
CA ARG A 48 -0.78 4.03 -7.17
C ARG A 48 -1.34 2.92 -6.28
N VAL A 49 -1.41 3.20 -5.00
CA VAL A 49 -1.95 2.25 -4.04
C VAL A 49 -3.32 2.72 -3.56
N VAL A 50 -4.30 1.83 -3.62
CA VAL A 50 -5.66 2.17 -3.21
C VAL A 50 -6.30 1.04 -2.40
N GLY A 51 -6.65 1.35 -1.17
CA GLY A 51 -7.27 0.34 -0.32
C GLY A 51 -8.36 0.91 0.57
N ARG A 52 -9.34 0.07 0.88
CA ARG A 52 -10.45 0.48 1.73
C ARG A 52 -10.66 -0.51 2.87
N LYS A 53 -11.34 -0.07 3.92
CA LYS A 53 -11.60 -0.92 5.07
C LYS A 53 -12.57 -2.04 4.72
N MET A 54 -12.67 -3.03 5.60
CA MET A 54 -13.57 -4.16 5.37
C MET A 54 -14.77 -4.08 6.31
N GLN A 55 -15.35 -2.89 6.42
CA GLN A 55 -16.51 -2.69 7.27
C GLN A 55 -17.68 -2.13 6.47
N PRO A 56 -18.91 -2.24 7.01
CA PRO A 56 -20.13 -1.76 6.34
C PRO A 56 -19.98 -0.32 5.85
N ASP A 57 -19.11 0.43 6.50
CA ASP A 57 -18.87 1.83 6.14
C ASP A 57 -18.07 1.92 4.83
N GLN A 58 -17.04 1.09 4.72
CA GLN A 58 -16.20 1.07 3.53
C GLN A 58 -15.57 2.45 3.28
N GLN A 59 -14.31 2.57 3.64
CA GLN A 59 -13.58 3.83 3.46
C GLN A 59 -12.15 3.57 3.01
N VAL A 60 -11.67 4.38 2.07
CA VAL A 60 -10.31 4.23 1.56
C VAL A 60 -9.29 4.61 2.62
N VAL A 61 -8.43 3.67 2.98
CA VAL A 61 -7.41 3.91 3.99
C VAL A 61 -6.09 4.34 3.35
N ILE A 62 -5.93 4.02 2.07
CA ILE A 62 -4.72 4.38 1.33
C ILE A 62 -5.07 4.86 -0.07
N ASN A 63 -4.44 5.94 -0.50
CA ASN A 63 -4.70 6.50 -1.81
C ASN A 63 -3.56 7.42 -2.25
N CYS A 64 -2.37 6.84 -2.41
CA CYS A 64 -1.20 7.61 -2.82
C CYS A 64 -0.51 6.95 -4.01
N ALA A 65 0.08 7.77 -4.88
CA ALA A 65 0.77 7.26 -6.06
C ALA A 65 2.21 6.87 -5.75
N ILE A 66 2.63 5.72 -6.26
CA ILE A 66 4.00 5.24 -6.03
C ILE A 66 4.82 5.33 -7.31
N VAL A 67 5.84 6.19 -7.28
CA VAL A 67 6.70 6.37 -8.44
C VAL A 67 8.03 5.64 -8.25
N ARG A 68 8.76 5.46 -9.34
CA ARG A 68 10.05 4.78 -9.30
C ARG A 68 10.91 5.28 -8.15
N GLY A 69 10.89 4.55 -7.03
CA GLY A 69 11.68 4.96 -5.88
C GLY A 69 11.27 4.28 -4.59
N VAL A 70 10.04 3.75 -4.54
CA VAL A 70 9.56 3.10 -3.33
C VAL A 70 9.92 1.61 -3.33
N LYS A 71 10.69 1.19 -2.33
CA LYS A 71 11.10 -0.20 -2.21
C LYS A 71 10.42 -0.85 -1.00
N TYR A 72 9.50 -1.77 -1.28
CA TYR A 72 8.78 -2.47 -0.23
C TYR A 72 9.72 -3.02 0.84
N ASN A 73 9.74 -2.36 1.99
CA ASN A 73 10.60 -2.79 3.10
C ASN A 73 9.85 -3.71 4.05
N GLN A 74 9.91 -5.01 3.77
CA GLN A 74 9.23 -5.99 4.60
C GLN A 74 9.74 -5.94 6.04
N ALA A 75 9.08 -5.12 6.85
CA ALA A 75 9.46 -4.97 8.26
C ALA A 75 9.39 -6.30 8.99
N THR A 76 8.32 -7.05 8.74
CA THR A 76 8.12 -8.35 9.37
C THR A 76 7.47 -9.33 8.40
N PRO A 77 7.36 -10.62 8.79
CA PRO A 77 6.75 -11.64 7.94
C PRO A 77 5.38 -11.21 7.40
N ASN A 78 4.72 -10.31 8.12
CA ASN A 78 3.42 -9.81 7.73
C ASN A 78 3.34 -8.29 7.89
N PHE A 79 4.24 -7.57 7.22
CA PHE A 79 4.26 -6.12 7.31
C PHE A 79 5.01 -5.50 6.13
N HIS A 80 4.28 -4.79 5.29
CA HIS A 80 4.88 -4.13 4.12
C HIS A 80 4.93 -2.62 4.34
N GLN A 81 6.11 -2.11 4.63
CA GLN A 81 6.30 -0.69 4.88
C GLN A 81 7.21 -0.04 3.84
N TRP A 82 6.73 1.04 3.22
CA TRP A 82 7.52 1.75 2.21
C TRP A 82 7.49 3.25 2.44
N ARG A 83 8.61 3.90 2.16
CA ARG A 83 8.74 5.35 2.30
C ARG A 83 8.87 5.97 0.91
N ASP A 84 7.85 6.73 0.51
CA ASP A 84 7.86 7.34 -0.81
C ASP A 84 8.42 8.77 -0.76
N ALA A 85 7.54 9.78 -0.82
CA ALA A 85 7.98 11.16 -0.79
C ALA A 85 8.76 11.48 0.47
N ARG A 86 8.06 11.54 1.60
CA ARG A 86 8.67 11.83 2.88
C ARG A 86 8.06 11.00 4.00
N GLN A 87 6.90 10.39 3.73
CA GLN A 87 6.23 9.58 4.73
C GLN A 87 6.43 8.09 4.41
N VAL A 88 5.82 7.25 5.23
CA VAL A 88 5.93 5.81 5.04
C VAL A 88 4.57 5.14 5.20
N TRP A 89 4.20 4.32 4.23
CA TRP A 89 2.92 3.64 4.26
C TRP A 89 3.08 2.18 4.70
N GLY A 90 2.82 1.93 5.98
CA GLY A 90 2.92 0.58 6.51
C GLY A 90 1.70 -0.25 6.16
N LEU A 91 1.85 -1.56 6.22
CA LEU A 91 0.74 -2.46 5.90
C LEU A 91 0.83 -3.75 6.71
N ASN A 92 -0.04 -3.89 7.70
CA ASN A 92 -0.05 -5.09 8.52
C ASN A 92 -1.05 -6.09 7.95
N PHE A 93 -0.52 -7.13 7.31
CA PHE A 93 -1.34 -8.15 6.68
C PHE A 93 -1.96 -9.08 7.72
N GLY A 94 -3.00 -9.80 7.30
CA GLY A 94 -3.67 -10.73 8.18
C GLY A 94 -3.14 -12.14 8.08
N SER A 95 -2.70 -12.50 6.88
CA SER A 95 -2.16 -13.83 6.63
C SER A 95 -0.91 -13.77 5.75
N LYS A 96 -0.09 -14.80 5.82
CA LYS A 96 1.13 -14.86 5.03
C LYS A 96 0.82 -14.76 3.54
N GLU A 97 -0.36 -15.22 3.15
CA GLU A 97 -0.78 -15.18 1.75
C GLU A 97 -1.01 -13.75 1.29
N ASP A 98 -1.75 -12.99 2.08
CA ASP A 98 -2.04 -11.59 1.75
C ASP A 98 -0.75 -10.83 1.47
N ALA A 99 0.12 -10.77 2.47
CA ALA A 99 1.40 -10.08 2.34
C ALA A 99 2.14 -10.54 1.08
N ALA A 100 1.94 -11.78 0.70
CA ALA A 100 2.59 -12.33 -0.48
C ALA A 100 1.96 -11.80 -1.76
N GLN A 101 0.65 -11.61 -1.72
CA GLN A 101 -0.08 -11.10 -2.88
C GLN A 101 0.16 -9.61 -3.07
N PHE A 102 0.12 -8.86 -1.97
CA PHE A 102 0.34 -7.42 -2.02
C PHE A 102 1.64 -7.09 -2.73
N ALA A 103 2.73 -7.75 -2.32
CA ALA A 103 4.03 -7.51 -2.95
C ALA A 103 4.01 -7.93 -4.40
N ALA A 104 3.22 -8.95 -4.71
CA ALA A 104 3.09 -9.46 -6.07
C ALA A 104 2.92 -8.32 -7.06
N GLY A 105 1.80 -7.63 -6.96
CA GLY A 105 1.53 -6.51 -7.86
C GLY A 105 2.48 -5.37 -7.62
N MET A 106 2.69 -5.03 -6.35
CA MET A 106 3.58 -3.94 -5.98
C MET A 106 4.91 -4.09 -6.69
N ALA A 107 5.58 -5.21 -6.43
CA ALA A 107 6.87 -5.50 -7.05
C ALA A 107 6.80 -5.19 -8.54
N SER A 108 5.66 -5.52 -9.15
CA SER A 108 5.46 -5.26 -10.56
C SER A 108 5.48 -3.76 -10.82
N ALA A 109 4.94 -2.99 -9.87
CA ALA A 109 4.92 -1.54 -9.99
C ALA A 109 6.33 -0.98 -9.93
N LEU A 110 7.14 -1.55 -9.05
CA LEU A 110 8.52 -1.14 -8.87
C LEU A 110 9.40 -1.66 -10.00
N GLU A 111 8.99 -2.78 -10.60
CA GLU A 111 9.75 -3.39 -11.69
C GLU A 111 9.48 -2.70 -13.01
N ALA A 112 8.35 -2.02 -13.09
CA ALA A 112 7.96 -1.29 -14.29
C ALA A 112 8.20 0.19 -14.06
N LEU A 113 8.59 0.51 -12.83
CA LEU A 113 8.86 1.87 -12.44
C LEU A 113 10.31 2.24 -12.74
N GLU A 114 11.20 1.26 -12.55
CA GLU A 114 12.62 1.47 -12.81
C GLU A 114 13.04 0.79 -14.11
N GLY A 115 12.39 -0.32 -14.44
CA GLY A 115 12.69 -1.04 -15.66
C GLY A 115 12.36 -0.25 -16.91
N MET A 1 -11.33 7.34 -18.22
CA MET A 1 -11.22 7.16 -16.74
C MET A 1 -11.01 5.68 -16.39
N SER A 2 -10.98 5.39 -15.09
CA SER A 2 -10.81 4.03 -14.62
C SER A 2 -9.46 3.48 -15.08
N GLU A 3 -8.59 3.19 -14.10
CA GLU A 3 -7.26 2.66 -14.41
C GLU A 3 -7.28 1.13 -14.42
N THR A 4 -6.10 0.54 -14.44
CA THR A 4 -5.99 -0.92 -14.45
C THR A 4 -5.34 -1.43 -13.16
N VAL A 5 -6.17 -1.94 -12.26
CA VAL A 5 -5.67 -2.46 -10.99
C VAL A 5 -4.70 -3.61 -11.23
N ILE A 6 -3.81 -3.83 -10.27
CA ILE A 6 -2.81 -4.89 -10.40
C ILE A 6 -3.14 -6.10 -9.51
N CYS A 7 -3.02 -5.93 -8.20
CA CYS A 7 -3.28 -7.01 -7.27
C CYS A 7 -4.16 -6.54 -6.11
N SER A 8 -4.34 -7.41 -5.11
CA SER A 8 -5.16 -7.09 -3.95
C SER A 8 -4.77 -7.95 -2.74
N SER A 9 -4.51 -7.30 -1.62
CA SER A 9 -4.14 -8.02 -0.40
C SER A 9 -4.86 -7.48 0.83
N ARG A 10 -5.05 -8.33 1.82
CA ARG A 10 -5.73 -7.95 3.06
C ARG A 10 -4.71 -7.54 4.11
N ALA A 11 -4.89 -6.36 4.68
CA ALA A 11 -3.97 -5.86 5.69
C ALA A 11 -4.54 -4.62 6.37
N THR A 12 -3.75 -4.03 7.27
CA THR A 12 -4.17 -2.83 7.99
C THR A 12 -3.21 -1.69 7.69
N VAL A 13 -3.57 -0.85 6.73
CA VAL A 13 -2.74 0.29 6.34
C VAL A 13 -2.22 1.03 7.57
N MET A 14 -1.09 1.69 7.40
CA MET A 14 -0.47 2.44 8.48
C MET A 14 0.39 3.57 7.93
N LEU A 15 0.53 4.64 8.69
CA LEU A 15 1.33 5.79 8.26
C LEU A 15 2.35 6.15 9.33
N TYR A 16 3.63 5.92 9.03
CA TYR A 16 4.70 6.21 9.97
C TYR A 16 4.91 7.71 10.14
N ASP A 17 5.37 8.10 11.33
CA ASP A 17 5.63 9.50 11.63
C ASP A 17 7.09 9.67 12.05
N ASP A 18 7.97 9.89 11.06
CA ASP A 18 9.39 10.06 11.32
C ASP A 18 9.63 11.16 12.36
N GLY A 19 8.67 12.05 12.53
CA GLY A 19 8.80 13.13 13.49
C GLY A 19 9.12 12.62 14.88
N ASN A 20 8.43 11.58 15.30
CA ASN A 20 8.64 10.99 16.62
C ASN A 20 8.86 9.48 16.52
N LYS A 21 9.14 9.01 15.31
CA LYS A 21 9.37 7.58 15.08
C LYS A 21 8.24 6.74 15.66
N ARG A 22 7.20 6.53 14.86
CA ARG A 22 6.05 5.75 15.30
C ARG A 22 5.00 5.65 14.19
N TRP A 23 4.29 4.53 14.14
CA TRP A 23 3.27 4.32 13.13
C TRP A 23 2.07 5.25 13.40
N LEU A 24 1.17 5.31 12.43
CA LEU A 24 -0.02 6.15 12.55
C LEU A 24 -1.06 5.76 11.50
N PRO A 25 -2.21 5.19 11.92
CA PRO A 25 -3.27 4.77 11.00
C PRO A 25 -3.50 5.76 9.87
N ALA A 26 -2.89 5.48 8.71
CA ALA A 26 -3.02 6.35 7.55
C ALA A 26 -4.50 6.63 7.23
N GLY A 27 -5.34 5.63 7.46
CA GLY A 27 -6.76 5.77 7.20
C GLY A 27 -7.34 7.05 7.79
N THR A 28 -7.90 6.95 8.99
CA THR A 28 -8.49 8.10 9.65
C THR A 28 -8.95 7.77 11.06
N GLY A 29 -9.53 6.58 11.24
CA GLY A 29 -9.99 6.17 12.54
C GLY A 29 -9.94 4.66 12.74
N PRO A 30 -11.05 3.96 12.49
CA PRO A 30 -11.12 2.50 12.65
C PRO A 30 -9.93 1.79 12.02
N GLN A 31 -9.71 0.53 12.43
CA GLN A 31 -8.59 -0.24 11.90
C GLN A 31 -8.99 -1.71 11.73
N ALA A 32 -10.05 -1.94 10.97
CA ALA A 32 -10.53 -3.30 10.72
C ALA A 32 -9.98 -3.82 9.41
N PHE A 33 -8.68 -3.64 9.22
CA PHE A 33 -8.01 -4.07 7.99
C PHE A 33 -8.61 -3.37 6.78
N SER A 34 -8.03 -3.63 5.62
CA SER A 34 -8.50 -3.01 4.39
C SER A 34 -7.92 -3.74 3.17
N ARG A 35 -8.67 -3.74 2.08
CA ARG A 35 -8.23 -4.38 0.85
C ARG A 35 -7.54 -3.36 -0.04
N VAL A 36 -6.21 -3.40 -0.07
CA VAL A 36 -5.44 -2.47 -0.88
C VAL A 36 -5.02 -3.07 -2.22
N GLN A 37 -5.51 -2.45 -3.29
CA GLN A 37 -5.19 -2.88 -4.64
C GLN A 37 -4.25 -1.88 -5.28
N ILE A 38 -3.42 -2.33 -6.22
CA ILE A 38 -2.48 -1.43 -6.87
C ILE A 38 -3.02 -0.96 -8.20
N TYR A 39 -2.56 0.20 -8.65
CA TYR A 39 -3.01 0.77 -9.91
C TYR A 39 -1.86 0.88 -10.90
N HIS A 40 -2.01 0.25 -12.06
CA HIS A 40 -0.98 0.29 -13.09
C HIS A 40 -1.33 1.30 -14.18
N ASN A 41 -0.90 2.54 -13.98
CA ASN A 41 -1.15 3.61 -14.94
C ASN A 41 0.04 3.79 -15.88
N PRO A 42 -0.03 3.25 -17.10
CA PRO A 42 1.07 3.36 -18.06
C PRO A 42 1.07 4.69 -18.80
N THR A 43 -0.08 5.35 -18.85
CA THR A 43 -0.20 6.64 -19.52
C THR A 43 0.90 7.60 -19.06
N ALA A 44 1.37 7.39 -17.83
CA ALA A 44 2.43 8.22 -17.27
C ALA A 44 3.59 7.38 -16.74
N ASN A 45 3.50 6.06 -16.94
CA ASN A 45 4.54 5.15 -16.48
C ASN A 45 4.70 5.26 -14.97
N SER A 46 3.57 5.20 -14.27
CA SER A 46 3.56 5.30 -12.82
C SER A 46 2.64 4.26 -12.18
N PHE A 47 2.47 4.36 -10.87
CA PHE A 47 1.61 3.44 -10.13
C PHE A 47 1.01 4.10 -8.90
N ARG A 48 -0.02 3.48 -8.32
CA ARG A 48 -0.67 4.04 -7.13
C ARG A 48 -1.19 2.92 -6.22
N VAL A 49 -1.37 3.27 -4.95
CA VAL A 49 -1.88 2.34 -3.97
C VAL A 49 -3.26 2.77 -3.50
N VAL A 50 -4.24 1.89 -3.65
CA VAL A 50 -5.61 2.19 -3.25
C VAL A 50 -6.20 1.08 -2.39
N GLY A 51 -6.60 1.42 -1.18
CA GLY A 51 -7.18 0.44 -0.28
C GLY A 51 -8.34 0.97 0.52
N ARG A 52 -9.36 0.15 0.70
CA ARG A 52 -10.54 0.56 1.46
C ARG A 52 -10.79 -0.42 2.61
N LYS A 53 -11.32 0.11 3.71
CA LYS A 53 -11.61 -0.72 4.88
C LYS A 53 -12.55 -1.86 4.54
N MET A 54 -12.69 -2.80 5.46
CA MET A 54 -13.58 -3.95 5.25
C MET A 54 -14.77 -3.88 6.19
N GLN A 55 -15.39 -2.71 6.27
CA GLN A 55 -16.55 -2.50 7.13
C GLN A 55 -17.76 -2.07 6.31
N PRO A 56 -18.96 -2.17 6.89
CA PRO A 56 -20.21 -1.80 6.21
C PRO A 56 -20.14 -0.41 5.59
N ASP A 57 -19.28 0.44 6.14
CA ASP A 57 -19.13 1.81 5.65
C ASP A 57 -18.25 1.83 4.41
N GLN A 58 -17.14 1.08 4.44
CA GLN A 58 -16.22 1.02 3.31
C GLN A 58 -15.64 2.40 3.00
N GLN A 59 -14.37 2.60 3.36
CA GLN A 59 -13.70 3.86 3.12
C GLN A 59 -12.25 3.63 2.71
N VAL A 60 -11.72 4.52 1.89
CA VAL A 60 -10.34 4.39 1.41
C VAL A 60 -9.34 4.79 2.49
N VAL A 61 -8.48 3.87 2.86
CA VAL A 61 -7.47 4.11 3.88
C VAL A 61 -6.15 4.56 3.26
N ILE A 62 -5.94 4.19 1.99
CA ILE A 62 -4.74 4.56 1.28
C ILE A 62 -5.06 4.98 -0.14
N ASN A 63 -4.47 6.09 -0.58
CA ASN A 63 -4.73 6.59 -1.93
C ASN A 63 -3.60 7.52 -2.39
N CYS A 64 -2.41 6.94 -2.56
CA CYS A 64 -1.25 7.72 -2.99
C CYS A 64 -0.71 7.17 -4.31
N ALA A 65 0.47 7.67 -4.72
CA ALA A 65 1.09 7.22 -5.95
C ALA A 65 2.56 6.87 -5.74
N ILE A 66 3.05 5.94 -6.55
CA ILE A 66 4.44 5.51 -6.46
C ILE A 66 5.14 5.60 -7.81
N VAL A 67 6.35 6.18 -7.80
CA VAL A 67 7.11 6.32 -9.03
C VAL A 67 8.59 6.06 -8.79
N ARG A 68 9.07 4.94 -9.33
CA ARG A 68 10.48 4.53 -9.22
C ARG A 68 11.18 5.15 -8.01
N GLY A 69 10.54 5.07 -6.85
CA GLY A 69 11.14 5.65 -5.66
C GLY A 69 10.82 4.90 -4.39
N VAL A 70 9.72 4.14 -4.37
CA VAL A 70 9.34 3.39 -3.20
C VAL A 70 9.83 1.95 -3.27
N LYS A 71 10.48 1.50 -2.20
CA LYS A 71 11.00 0.14 -2.13
C LYS A 71 10.36 -0.61 -0.97
N TYR A 72 9.44 -1.52 -1.30
CA TYR A 72 8.74 -2.31 -0.28
C TYR A 72 9.72 -2.90 0.73
N ASN A 73 9.73 -2.33 1.93
CA ASN A 73 10.60 -2.79 2.99
C ASN A 73 9.85 -3.68 3.98
N GLN A 74 9.95 -4.99 3.76
CA GLN A 74 9.27 -5.95 4.62
C GLN A 74 9.74 -5.81 6.07
N ALA A 75 8.97 -5.10 6.87
CA ALA A 75 9.31 -4.89 8.27
C ALA A 75 9.27 -6.19 9.05
N THR A 76 8.30 -7.04 8.74
CA THR A 76 8.16 -8.33 9.42
C THR A 76 7.60 -9.37 8.46
N PRO A 77 7.49 -10.63 8.92
CA PRO A 77 6.97 -11.73 8.09
C PRO A 77 5.62 -11.38 7.45
N ASN A 78 4.89 -10.46 8.07
CA ASN A 78 3.59 -10.04 7.57
C ASN A 78 3.39 -8.54 7.72
N PHE A 79 4.24 -7.77 7.04
CA PHE A 79 4.16 -6.32 7.10
C PHE A 79 4.92 -5.67 5.94
N HIS A 80 4.26 -4.74 5.25
CA HIS A 80 4.88 -4.05 4.12
C HIS A 80 4.96 -2.55 4.38
N GLN A 81 6.17 -2.08 4.67
CA GLN A 81 6.40 -0.67 4.96
C GLN A 81 7.30 -0.03 3.90
N TRP A 82 6.85 1.08 3.33
CA TRP A 82 7.62 1.78 2.32
C TRP A 82 7.66 3.28 2.56
N ARG A 83 8.78 3.90 2.22
CA ARG A 83 8.96 5.34 2.36
C ARG A 83 8.94 5.99 0.99
N ASP A 84 7.88 6.75 0.71
CA ASP A 84 7.74 7.40 -0.58
C ASP A 84 8.29 8.83 -0.57
N ALA A 85 7.42 9.82 -0.39
CA ALA A 85 7.84 11.21 -0.38
C ALA A 85 8.62 11.53 0.88
N ARG A 86 7.91 11.58 2.01
CA ARG A 86 8.54 11.90 3.29
C ARG A 86 7.95 11.05 4.42
N GLN A 87 6.86 10.34 4.13
CA GLN A 87 6.21 9.50 5.12
C GLN A 87 6.44 8.03 4.81
N VAL A 88 5.74 7.18 5.53
CA VAL A 88 5.86 5.73 5.33
C VAL A 88 4.49 5.07 5.47
N TRP A 89 4.08 4.36 4.43
CA TRP A 89 2.79 3.68 4.43
C TRP A 89 2.93 2.21 4.81
N GLY A 90 2.81 1.93 6.10
CA GLY A 90 2.92 0.56 6.57
C GLY A 90 1.68 -0.25 6.26
N LEU A 91 1.84 -1.56 6.14
CA LEU A 91 0.72 -2.44 5.84
C LEU A 91 0.81 -3.73 6.63
N ASN A 92 -0.04 -3.87 7.63
CA ASN A 92 -0.04 -5.09 8.45
C ASN A 92 -1.04 -6.09 7.88
N PHE A 93 -0.51 -7.15 7.29
CA PHE A 93 -1.34 -8.19 6.69
C PHE A 93 -1.88 -9.16 7.73
N GLY A 94 -2.94 -9.85 7.37
CA GLY A 94 -3.55 -10.82 8.28
C GLY A 94 -2.94 -12.20 8.16
N SER A 95 -2.46 -12.52 6.97
CA SER A 95 -1.84 -13.83 6.73
C SER A 95 -0.62 -13.69 5.82
N LYS A 96 0.09 -14.79 5.62
CA LYS A 96 1.27 -14.80 4.78
C LYS A 96 0.90 -14.65 3.30
N GLU A 97 -0.27 -15.18 2.94
CA GLU A 97 -0.74 -15.09 1.57
C GLU A 97 -0.99 -13.64 1.16
N ASP A 98 -1.75 -12.92 1.99
CA ASP A 98 -2.05 -11.52 1.71
C ASP A 98 -0.78 -10.74 1.45
N ALA A 99 0.10 -10.69 2.45
CA ALA A 99 1.36 -9.98 2.33
C ALA A 99 2.13 -10.41 1.09
N ALA A 100 1.99 -11.67 0.71
CA ALA A 100 2.66 -12.19 -0.47
C ALA A 100 2.03 -11.67 -1.75
N GLN A 101 0.72 -11.44 -1.68
CA GLN A 101 -0.02 -10.94 -2.83
C GLN A 101 0.22 -9.45 -3.05
N PHE A 102 0.16 -8.69 -1.95
CA PHE A 102 0.37 -7.24 -2.02
C PHE A 102 1.68 -6.90 -2.72
N ALA A 103 2.76 -7.58 -2.33
CA ALA A 103 4.07 -7.34 -2.94
C ALA A 103 4.09 -7.83 -4.38
N ALA A 104 3.31 -8.88 -4.65
CA ALA A 104 3.23 -9.44 -5.99
C ALA A 104 3.06 -8.36 -7.04
N GLY A 105 1.93 -7.68 -7.00
CA GLY A 105 1.67 -6.62 -7.94
C GLY A 105 2.60 -5.44 -7.75
N MET A 106 2.78 -5.06 -6.49
CA MET A 106 3.66 -3.96 -6.16
C MET A 106 5.01 -4.12 -6.82
N ALA A 107 5.68 -5.22 -6.50
CA ALA A 107 6.98 -5.52 -7.07
C ALA A 107 6.97 -5.24 -8.57
N SER A 108 5.88 -5.62 -9.23
CA SER A 108 5.73 -5.38 -10.66
C SER A 108 5.75 -3.89 -10.96
N ALA A 109 5.10 -3.11 -10.10
CA ALA A 109 5.05 -1.66 -10.26
C ALA A 109 6.44 -1.06 -10.18
N LEU A 110 7.15 -1.40 -9.11
CA LEU A 110 8.50 -0.90 -8.89
C LEU A 110 9.47 -1.41 -9.96
N GLU A 111 9.12 -2.53 -10.59
CA GLU A 111 9.97 -3.13 -11.63
C GLU A 111 9.71 -2.48 -12.98
N ALA A 112 8.52 -1.92 -13.14
CA ALA A 112 8.14 -1.26 -14.39
C ALA A 112 8.20 0.24 -14.18
N LEU A 113 8.64 0.61 -12.97
CA LEU A 113 8.76 1.99 -12.59
C LEU A 113 10.20 2.47 -12.81
N GLU A 114 11.15 1.61 -12.48
CA GLU A 114 12.56 1.92 -12.65
C GLU A 114 13.12 1.26 -13.90
N GLY A 115 12.58 0.10 -14.24
CA GLY A 115 13.03 -0.62 -15.42
C GLY A 115 12.38 -0.12 -16.70
N MET A 1 -12.64 3.02 -16.79
CA MET A 1 -13.38 3.57 -15.61
C MET A 1 -12.41 4.24 -14.63
N SER A 2 -11.53 3.44 -14.05
CA SER A 2 -10.55 3.95 -13.09
C SER A 2 -9.25 3.16 -13.16
N GLU A 3 -8.52 3.34 -14.27
CA GLU A 3 -7.25 2.65 -14.47
C GLU A 3 -7.42 1.14 -14.33
N THR A 4 -6.30 0.42 -14.29
CA THR A 4 -6.32 -1.03 -14.17
C THR A 4 -5.60 -1.49 -12.91
N VAL A 5 -6.35 -2.07 -11.98
CA VAL A 5 -5.77 -2.55 -10.73
C VAL A 5 -4.82 -3.71 -10.99
N ILE A 6 -3.79 -3.83 -10.15
CA ILE A 6 -2.81 -4.91 -10.32
C ILE A 6 -3.06 -6.07 -9.37
N CYS A 7 -2.80 -5.87 -8.08
CA CYS A 7 -2.98 -6.92 -7.09
C CYS A 7 -3.95 -6.48 -6.00
N SER A 8 -4.19 -7.37 -5.04
CA SER A 8 -5.10 -7.08 -3.93
C SER A 8 -4.75 -7.93 -2.71
N SER A 9 -4.48 -7.25 -1.59
CA SER A 9 -4.14 -7.97 -0.36
C SER A 9 -4.91 -7.44 0.84
N ARG A 10 -5.10 -8.30 1.85
CA ARG A 10 -5.81 -7.92 3.06
C ARG A 10 -4.81 -7.50 4.14
N ALA A 11 -5.03 -6.32 4.73
CA ALA A 11 -4.13 -5.82 5.77
C ALA A 11 -4.62 -4.49 6.33
N THR A 12 -4.16 -4.19 7.55
CA THR A 12 -4.53 -2.95 8.20
C THR A 12 -3.47 -1.89 7.94
N VAL A 13 -3.67 -1.12 6.87
CA VAL A 13 -2.73 -0.07 6.49
C VAL A 13 -2.26 0.72 7.71
N MET A 14 -1.11 1.37 7.58
CA MET A 14 -0.53 2.15 8.65
C MET A 14 0.43 3.21 8.13
N LEU A 15 0.42 4.37 8.78
CA LEU A 15 1.30 5.48 8.39
C LEU A 15 2.23 5.84 9.55
N TYR A 16 3.53 5.81 9.29
CA TYR A 16 4.52 6.12 10.31
C TYR A 16 4.68 7.62 10.49
N ASP A 17 4.87 8.03 11.74
CA ASP A 17 5.07 9.43 12.08
C ASP A 17 6.48 9.63 12.63
N ASP A 18 7.46 9.65 11.73
CA ASP A 18 8.86 9.82 12.12
C ASP A 18 9.03 10.95 13.14
N GLY A 19 8.14 11.93 13.07
CA GLY A 19 8.21 13.05 14.00
C GLY A 19 8.20 12.58 15.45
N ASN A 20 7.57 11.43 15.68
CA ASN A 20 7.48 10.87 17.02
C ASN A 20 7.94 9.40 17.04
N LYS A 21 8.34 8.89 15.87
CA LYS A 21 8.79 7.50 15.77
C LYS A 21 7.70 6.54 16.21
N ARG A 22 6.76 6.25 15.31
CA ARG A 22 5.65 5.34 15.61
C ARG A 22 4.69 5.26 14.44
N TRP A 23 3.87 4.20 14.42
CA TRP A 23 2.89 4.02 13.36
C TRP A 23 1.64 4.86 13.62
N LEU A 24 0.75 4.89 12.64
CA LEU A 24 -0.48 5.65 12.76
C LEU A 24 -1.41 5.36 11.57
N PRO A 25 -2.59 4.78 11.83
CA PRO A 25 -3.57 4.45 10.77
C PRO A 25 -3.67 5.54 9.71
N ALA A 26 -3.33 5.19 8.48
CA ALA A 26 -3.38 6.13 7.37
C ALA A 26 -4.74 6.77 7.23
N GLY A 27 -5.77 5.94 7.15
CA GLY A 27 -7.13 6.43 7.00
C GLY A 27 -7.51 7.48 8.04
N THR A 28 -8.35 7.10 8.99
CA THR A 28 -8.79 8.01 10.03
C THR A 28 -8.60 7.41 11.42
N GLY A 29 -9.53 6.57 11.84
CA GLY A 29 -9.45 5.95 13.14
C GLY A 29 -9.85 4.48 13.12
N PRO A 30 -11.15 4.18 12.94
CA PRO A 30 -11.65 2.81 12.90
C PRO A 30 -10.80 1.91 12.01
N GLN A 31 -10.82 0.61 12.30
CA GLN A 31 -10.05 -0.36 11.54
C GLN A 31 -10.75 -1.71 11.47
N ALA A 32 -10.30 -2.54 10.53
CA ALA A 32 -10.87 -3.87 10.34
C ALA A 32 -10.31 -4.48 9.05
N PHE A 33 -8.99 -4.34 8.88
CA PHE A 33 -8.32 -4.85 7.69
C PHE A 33 -8.84 -4.16 6.44
N SER A 34 -7.92 -3.70 5.61
CA SER A 34 -8.28 -3.01 4.38
C SER A 34 -7.75 -3.76 3.16
N ARG A 35 -8.51 -3.69 2.07
CA ARG A 35 -8.12 -4.36 0.84
C ARG A 35 -7.38 -3.37 -0.06
N VAL A 36 -6.05 -3.37 0.05
CA VAL A 36 -5.23 -2.46 -0.73
C VAL A 36 -4.77 -3.08 -2.03
N GLN A 37 -5.15 -2.45 -3.14
CA GLN A 37 -4.76 -2.90 -4.46
C GLN A 37 -3.84 -1.87 -5.10
N ILE A 38 -3.22 -2.25 -6.23
CA ILE A 38 -2.33 -1.33 -6.91
C ILE A 38 -2.93 -0.89 -8.24
N TYR A 39 -2.49 0.26 -8.72
CA TYR A 39 -2.99 0.80 -9.98
C TYR A 39 -1.90 0.85 -11.04
N HIS A 40 -2.11 0.09 -12.10
CA HIS A 40 -1.15 0.04 -13.20
C HIS A 40 -1.53 1.03 -14.29
N ASN A 41 -1.04 2.26 -14.16
CA ASN A 41 -1.31 3.32 -15.13
C ASN A 41 -0.13 3.53 -16.06
N PRO A 42 -0.11 2.84 -17.22
CA PRO A 42 0.98 2.97 -18.19
C PRO A 42 0.84 4.22 -19.06
N THR A 43 -0.37 4.77 -19.12
CA THR A 43 -0.62 5.96 -19.92
C THR A 43 0.42 7.03 -19.61
N ALA A 44 0.87 7.06 -18.36
CA ALA A 44 1.87 8.03 -17.93
C ALA A 44 3.08 7.32 -17.32
N ASN A 45 3.07 5.99 -17.32
CA ASN A 45 4.16 5.20 -16.76
C ASN A 45 4.27 5.48 -15.26
N SER A 46 3.14 5.41 -14.58
CA SER A 46 3.10 5.66 -13.15
C SER A 46 2.19 4.66 -12.45
N PHE A 47 2.48 4.37 -11.18
CA PHE A 47 1.67 3.43 -10.41
C PHE A 47 1.06 4.12 -9.20
N ARG A 48 0.21 3.40 -8.48
CA ARG A 48 -0.44 3.95 -7.31
C ARG A 48 -1.06 2.85 -6.44
N VAL A 49 -1.12 3.13 -5.13
CA VAL A 49 -1.69 2.19 -4.18
C VAL A 49 -3.05 2.69 -3.69
N VAL A 50 -4.02 1.80 -3.65
CA VAL A 50 -5.37 2.17 -3.21
C VAL A 50 -6.00 1.06 -2.38
N GLY A 51 -6.40 1.40 -1.17
CA GLY A 51 -7.01 0.42 -0.29
C GLY A 51 -8.16 0.98 0.51
N ARG A 52 -9.19 0.16 0.74
CA ARG A 52 -10.35 0.58 1.50
C ARG A 52 -10.66 -0.42 2.61
N LYS A 53 -11.09 0.09 3.75
CA LYS A 53 -11.42 -0.77 4.89
C LYS A 53 -12.63 -1.65 4.59
N MET A 54 -12.85 -2.65 5.42
CA MET A 54 -13.98 -3.57 5.25
C MET A 54 -15.04 -3.32 6.31
N GLN A 55 -15.38 -2.06 6.51
CA GLN A 55 -16.39 -1.68 7.49
C GLN A 55 -17.68 -1.26 6.81
N PRO A 56 -18.80 -1.23 7.54
CA PRO A 56 -20.10 -0.83 6.98
C PRO A 56 -20.16 0.66 6.65
N ASP A 57 -19.18 1.13 5.88
CA ASP A 57 -19.11 2.52 5.47
C ASP A 57 -18.20 2.69 4.26
N GLN A 58 -17.15 1.89 4.20
CA GLN A 58 -16.20 1.96 3.09
C GLN A 58 -15.44 3.28 3.08
N GLN A 59 -14.13 3.19 3.32
CA GLN A 59 -13.29 4.38 3.35
C GLN A 59 -11.85 4.02 2.94
N VAL A 60 -11.34 4.70 1.92
CA VAL A 60 -9.99 4.45 1.44
C VAL A 60 -8.96 4.81 2.50
N VAL A 61 -8.10 3.86 2.84
CA VAL A 61 -7.08 4.07 3.85
C VAL A 61 -5.75 4.51 3.21
N ILE A 62 -5.59 4.21 1.93
CA ILE A 62 -4.38 4.57 1.20
C ILE A 62 -4.71 5.00 -0.22
N ASN A 63 -4.04 6.03 -0.70
CA ASN A 63 -4.27 6.54 -2.04
C ASN A 63 -3.14 7.44 -2.49
N CYS A 64 -1.95 6.86 -2.67
CA CYS A 64 -0.78 7.61 -3.11
C CYS A 64 -0.12 6.94 -4.31
N ALA A 65 0.18 7.75 -5.33
CA ALA A 65 0.81 7.24 -6.54
C ALA A 65 2.29 6.96 -6.32
N ILE A 66 2.77 5.82 -6.82
CA ILE A 66 4.17 5.45 -6.69
C ILE A 66 4.89 5.52 -8.02
N VAL A 67 6.21 5.49 -7.97
CA VAL A 67 7.03 5.55 -9.17
C VAL A 67 8.42 4.98 -8.90
N ARG A 68 9.29 5.05 -9.89
CA ARG A 68 10.66 4.54 -9.75
C ARG A 68 11.36 5.25 -8.60
N GLY A 69 11.23 4.71 -7.39
CA GLY A 69 11.87 5.33 -6.25
C GLY A 69 11.51 4.68 -4.92
N VAL A 70 10.29 4.14 -4.84
CA VAL A 70 9.85 3.50 -3.61
C VAL A 70 10.29 2.04 -3.57
N LYS A 71 10.87 1.63 -2.44
CA LYS A 71 11.34 0.26 -2.28
C LYS A 71 10.63 -0.41 -1.11
N TYR A 72 9.84 -1.44 -1.43
CA TYR A 72 9.10 -2.18 -0.41
C TYR A 72 10.05 -2.82 0.60
N ASN A 73 10.08 -2.24 1.80
CA ASN A 73 10.95 -2.75 2.87
C ASN A 73 10.18 -3.70 3.78
N GLN A 74 10.13 -4.97 3.39
CA GLN A 74 9.43 -5.98 4.17
C GLN A 74 9.94 -6.04 5.61
N ALA A 75 9.31 -5.26 6.48
CA ALA A 75 9.69 -5.22 7.88
C ALA A 75 9.57 -6.60 8.53
N THR A 76 8.37 -7.16 8.47
CA THR A 76 8.10 -8.48 9.04
C THR A 76 7.42 -9.38 8.00
N PRO A 77 7.47 -10.71 8.20
CA PRO A 77 6.85 -11.67 7.28
C PRO A 77 5.41 -11.29 6.94
N ASN A 78 4.76 -10.55 7.82
CA ASN A 78 3.38 -10.12 7.60
C ASN A 78 3.25 -8.60 7.79
N PHE A 79 3.99 -7.84 7.00
CA PHE A 79 3.95 -6.38 7.08
C PHE A 79 4.82 -5.76 5.99
N HIS A 80 4.25 -4.80 5.26
CA HIS A 80 4.99 -4.12 4.20
C HIS A 80 5.09 -2.63 4.49
N GLN A 81 6.16 -2.01 4.01
CA GLN A 81 6.38 -0.58 4.23
C GLN A 81 7.32 0.01 3.19
N TRP A 82 7.15 1.29 2.89
CA TRP A 82 7.99 1.99 1.93
C TRP A 82 8.10 3.47 2.25
N ARG A 83 9.06 4.12 1.61
CA ARG A 83 9.28 5.55 1.79
C ARG A 83 9.18 6.24 0.43
N ASP A 84 8.17 7.08 0.28
CA ASP A 84 7.97 7.81 -0.97
C ASP A 84 8.63 9.18 -0.91
N ALA A 85 8.60 9.79 0.27
CA ALA A 85 9.21 11.10 0.47
C ALA A 85 9.31 11.40 1.97
N ARG A 86 8.15 11.57 2.59
CA ARG A 86 8.09 11.85 4.03
C ARG A 86 6.90 11.12 4.64
N GLN A 87 6.38 10.13 3.93
CA GLN A 87 5.25 9.34 4.39
C GLN A 87 5.56 7.86 4.30
N VAL A 88 5.63 7.21 5.46
CA VAL A 88 5.90 5.78 5.51
C VAL A 88 4.61 5.01 5.55
N TRP A 89 4.29 4.34 4.45
CA TRP A 89 3.05 3.58 4.34
C TRP A 89 3.25 2.12 4.72
N GLY A 90 3.16 1.85 6.03
CA GLY A 90 3.31 0.48 6.52
C GLY A 90 1.97 -0.18 6.72
N LEU A 91 1.83 -1.40 6.22
CA LEU A 91 0.57 -2.12 6.36
C LEU A 91 0.76 -3.47 7.04
N ASN A 92 -0.05 -3.73 8.05
CA ASN A 92 0.02 -5.00 8.76
C ASN A 92 -0.96 -5.99 8.15
N PHE A 93 -0.42 -7.01 7.49
CA PHE A 93 -1.24 -8.02 6.83
C PHE A 93 -1.85 -8.99 7.84
N GLY A 94 -2.87 -9.71 7.39
CA GLY A 94 -3.54 -10.67 8.25
C GLY A 94 -2.86 -12.03 8.22
N SER A 95 -2.21 -12.34 7.11
CA SER A 95 -1.52 -13.62 6.95
C SER A 95 -0.29 -13.48 6.06
N LYS A 96 0.42 -14.58 5.86
CA LYS A 96 1.61 -14.57 5.03
C LYS A 96 1.25 -14.44 3.55
N GLU A 97 0.13 -15.03 3.18
CA GLU A 97 -0.33 -14.99 1.79
C GLU A 97 -0.63 -13.56 1.35
N ASP A 98 -1.42 -12.86 2.16
CA ASP A 98 -1.78 -11.47 1.85
C ASP A 98 -0.52 -10.64 1.61
N ALA A 99 0.35 -10.59 2.60
CA ALA A 99 1.60 -9.83 2.51
C ALA A 99 2.38 -10.22 1.25
N ALA A 100 2.30 -11.49 0.86
CA ALA A 100 3.00 -11.97 -0.31
C ALA A 100 2.33 -11.50 -1.60
N GLN A 101 1.01 -11.36 -1.56
CA GLN A 101 0.25 -10.93 -2.72
C GLN A 101 0.43 -9.42 -2.94
N PHE A 102 0.31 -8.66 -1.88
CA PHE A 102 0.45 -7.21 -1.95
C PHE A 102 1.75 -6.82 -2.66
N ALA A 103 2.87 -7.35 -2.17
CA ALA A 103 4.16 -7.06 -2.76
C ALA A 103 4.22 -7.57 -4.20
N ALA A 104 3.46 -8.63 -4.46
CA ALA A 104 3.42 -9.23 -5.79
C ALA A 104 3.25 -8.16 -6.87
N GLY A 105 2.10 -7.50 -6.85
CA GLY A 105 1.83 -6.46 -7.82
C GLY A 105 2.79 -5.31 -7.67
N MET A 106 3.01 -4.89 -6.43
CA MET A 106 3.92 -3.79 -6.15
C MET A 106 5.24 -4.00 -6.86
N ALA A 107 5.90 -5.10 -6.53
CA ALA A 107 7.18 -5.45 -7.14
C ALA A 107 7.13 -5.20 -8.65
N SER A 108 5.97 -5.50 -9.23
CA SER A 108 5.77 -5.27 -10.66
C SER A 108 5.80 -3.78 -10.98
N ALA A 109 5.23 -2.98 -10.07
CA ALA A 109 5.21 -1.53 -10.25
C ALA A 109 6.62 -0.97 -10.25
N LEU A 110 7.36 -1.25 -9.18
CA LEU A 110 8.73 -0.78 -9.04
C LEU A 110 9.61 -1.30 -10.17
N GLU A 111 9.17 -2.37 -10.81
CA GLU A 111 9.93 -2.97 -11.90
C GLU A 111 9.47 -2.46 -13.26
N ALA A 112 8.26 -1.96 -13.31
CA ALA A 112 7.71 -1.41 -14.54
C ALA A 112 7.86 0.09 -14.56
N LEU A 113 8.41 0.63 -13.48
CA LEU A 113 8.62 2.05 -13.36
C LEU A 113 10.11 2.37 -13.36
N GLU A 114 10.91 1.41 -12.88
CA GLU A 114 12.36 1.59 -12.85
C GLU A 114 12.99 1.05 -14.14
N GLY A 115 12.40 -0.01 -14.68
CA GLY A 115 12.91 -0.59 -15.91
C GLY A 115 14.16 -1.43 -15.67
N MET A 1 -12.69 8.28 -17.16
CA MET A 1 -11.37 7.60 -17.24
C MET A 1 -11.24 6.50 -16.19
N SER A 2 -10.57 5.42 -16.56
CA SER A 2 -10.37 4.30 -15.64
C SER A 2 -8.96 3.72 -15.78
N GLU A 3 -8.44 3.16 -14.70
CA GLU A 3 -7.11 2.57 -14.71
C GLU A 3 -7.20 1.05 -14.71
N THR A 4 -6.05 0.40 -14.47
CA THR A 4 -6.00 -1.05 -14.44
C THR A 4 -5.37 -1.55 -13.15
N VAL A 5 -6.21 -2.08 -12.25
CA VAL A 5 -5.73 -2.58 -10.98
C VAL A 5 -4.75 -3.74 -11.19
N ILE A 6 -3.75 -3.83 -10.31
CA ILE A 6 -2.74 -4.88 -10.41
C ILE A 6 -3.05 -6.06 -9.49
N CYS A 7 -2.91 -5.85 -8.19
CA CYS A 7 -3.15 -6.91 -7.21
C CYS A 7 -4.09 -6.45 -6.11
N SER A 8 -4.32 -7.33 -5.13
CA SER A 8 -5.19 -7.04 -4.01
C SER A 8 -4.85 -7.90 -2.79
N SER A 9 -4.63 -7.26 -1.65
CA SER A 9 -4.29 -7.98 -0.43
C SER A 9 -5.07 -7.44 0.77
N ARG A 10 -5.20 -8.26 1.81
CA ARG A 10 -5.91 -7.88 3.03
C ARG A 10 -4.90 -7.51 4.13
N ALA A 11 -5.04 -6.31 4.68
CA ALA A 11 -4.14 -5.85 5.73
C ALA A 11 -4.67 -4.61 6.41
N THR A 12 -3.85 -4.02 7.27
CA THR A 12 -4.22 -2.81 8.00
C THR A 12 -3.19 -1.72 7.76
N VAL A 13 -3.42 -0.91 6.73
CA VAL A 13 -2.50 0.18 6.40
C VAL A 13 -2.01 0.92 7.64
N MET A 14 -0.86 1.55 7.51
CA MET A 14 -0.26 2.28 8.62
C MET A 14 0.65 3.40 8.11
N LEU A 15 0.52 4.57 8.70
CA LEU A 15 1.34 5.72 8.31
C LEU A 15 2.30 6.09 9.43
N TYR A 16 3.59 5.86 9.20
CA TYR A 16 4.61 6.16 10.20
C TYR A 16 4.82 7.65 10.36
N ASP A 17 5.00 8.09 11.61
CA ASP A 17 5.24 9.49 11.90
C ASP A 17 6.64 9.68 12.45
N ASP A 18 7.62 9.72 11.55
CA ASP A 18 9.02 9.89 11.94
C ASP A 18 9.20 11.06 12.90
N GLY A 19 8.29 12.04 12.81
CA GLY A 19 8.36 13.20 13.68
C GLY A 19 8.52 12.80 15.14
N ASN A 20 7.92 11.68 15.49
CA ASN A 20 7.98 11.16 16.86
C ASN A 20 8.18 9.64 16.85
N LYS A 21 8.56 9.10 15.69
CA LYS A 21 8.78 7.67 15.54
C LYS A 21 7.65 6.86 16.15
N ARG A 22 6.63 6.56 15.34
CA ARG A 22 5.48 5.80 15.80
C ARG A 22 4.45 5.64 14.69
N TRP A 23 3.96 4.42 14.50
CA TRP A 23 2.97 4.15 13.46
C TRP A 23 1.72 4.98 13.68
N LEU A 24 1.08 5.38 12.59
CA LEU A 24 -0.13 6.19 12.65
C LEU A 24 -1.11 5.75 11.57
N PRO A 25 -2.26 5.15 11.98
CA PRO A 25 -3.27 4.67 11.03
C PRO A 25 -3.51 5.64 9.87
N ALA A 26 -2.90 5.34 8.73
CA ALA A 26 -3.03 6.17 7.54
C ALA A 26 -4.49 6.53 7.28
N GLY A 27 -5.39 5.60 7.60
CA GLY A 27 -6.80 5.85 7.40
C GLY A 27 -7.30 7.06 8.15
N THR A 28 -8.08 6.85 9.19
CA THR A 28 -8.63 7.94 9.98
C THR A 28 -8.74 7.56 11.45
N GLY A 29 -9.31 6.39 11.71
CA GLY A 29 -9.48 5.93 13.08
C GLY A 29 -9.48 4.42 13.19
N PRO A 30 -10.66 3.78 13.05
CA PRO A 30 -10.78 2.32 13.14
C PRO A 30 -9.71 1.59 12.35
N GLN A 31 -9.58 0.29 12.59
CA GLN A 31 -8.58 -0.52 11.90
C GLN A 31 -9.13 -1.90 11.56
N ALA A 32 -10.22 -1.93 10.80
CA ALA A 32 -10.84 -3.19 10.40
C ALA A 32 -10.26 -3.68 9.08
N PHE A 33 -8.93 -3.74 9.02
CA PHE A 33 -8.25 -4.18 7.80
C PHE A 33 -8.67 -3.32 6.62
N SER A 34 -8.08 -3.61 5.46
CA SER A 34 -8.39 -2.88 4.25
C SER A 34 -7.85 -3.61 3.03
N ARG A 35 -8.61 -3.54 1.93
CA ARG A 35 -8.21 -4.20 0.69
C ARG A 35 -7.46 -3.21 -0.19
N VAL A 36 -6.14 -3.24 -0.13
CA VAL A 36 -5.32 -2.33 -0.92
C VAL A 36 -4.89 -2.93 -2.24
N GLN A 37 -5.38 -2.34 -3.31
CA GLN A 37 -5.05 -2.78 -4.67
C GLN A 37 -4.12 -1.77 -5.32
N ILE A 38 -3.36 -2.20 -6.31
CA ILE A 38 -2.45 -1.29 -6.99
C ILE A 38 -3.01 -0.87 -8.34
N TYR A 39 -2.69 0.35 -8.75
CA TYR A 39 -3.17 0.87 -10.02
C TYR A 39 -2.05 0.98 -11.04
N HIS A 40 -2.17 0.24 -12.13
CA HIS A 40 -1.18 0.24 -13.19
C HIS A 40 -1.56 1.22 -14.30
N ASN A 41 -1.14 2.48 -14.15
CA ASN A 41 -1.43 3.51 -15.13
C ASN A 41 -0.27 3.67 -16.09
N PRO A 42 -0.36 3.11 -17.32
CA PRO A 42 0.71 3.21 -18.30
C PRO A 42 0.66 4.52 -19.09
N THR A 43 -0.51 5.17 -19.10
CA THR A 43 -0.67 6.44 -19.81
C THR A 43 0.46 7.39 -19.46
N ALA A 44 0.99 7.25 -18.25
CA ALA A 44 2.08 8.09 -17.78
C ALA A 44 3.20 7.26 -17.16
N ASN A 45 3.09 5.93 -17.28
CA ASN A 45 4.10 5.03 -16.73
C ASN A 45 4.22 5.24 -15.22
N SER A 46 3.07 5.25 -14.56
CA SER A 46 3.04 5.45 -13.11
C SER A 46 2.18 4.40 -12.42
N PHE A 47 2.31 4.32 -11.09
CA PHE A 47 1.55 3.37 -10.31
C PHE A 47 0.89 4.05 -9.11
N ARG A 48 -0.02 3.34 -8.45
CA ARG A 48 -0.73 3.90 -7.31
C ARG A 48 -1.25 2.80 -6.38
N VAL A 49 -1.30 3.12 -5.08
CA VAL A 49 -1.80 2.20 -4.07
C VAL A 49 -3.15 2.68 -3.55
N VAL A 50 -4.17 1.84 -3.66
CA VAL A 50 -5.50 2.21 -3.20
C VAL A 50 -6.12 1.12 -2.33
N GLY A 51 -6.43 1.47 -1.09
CA GLY A 51 -7.01 0.51 -0.19
C GLY A 51 -8.16 1.08 0.62
N ARG A 52 -9.16 0.25 0.87
CA ARG A 52 -10.32 0.68 1.64
C ARG A 52 -10.64 -0.32 2.74
N LYS A 53 -11.20 0.17 3.84
CA LYS A 53 -11.55 -0.69 4.96
C LYS A 53 -12.59 -1.73 4.56
N MET A 54 -12.64 -2.83 5.31
CA MET A 54 -13.58 -3.90 5.02
C MET A 54 -14.80 -3.80 5.93
N GLN A 55 -15.33 -2.59 6.06
CA GLN A 55 -16.50 -2.34 6.89
C GLN A 55 -17.64 -1.74 6.07
N PRO A 56 -18.88 -1.83 6.57
CA PRO A 56 -20.06 -1.29 5.88
C PRO A 56 -19.86 0.16 5.42
N ASP A 57 -19.02 0.89 6.14
CA ASP A 57 -18.74 2.28 5.81
C ASP A 57 -18.02 2.38 4.47
N GLN A 58 -17.03 1.52 4.27
CA GLN A 58 -16.25 1.52 3.03
C GLN A 58 -15.53 2.84 2.82
N GLN A 59 -14.30 2.91 3.35
CA GLN A 59 -13.50 4.12 3.23
C GLN A 59 -12.08 3.78 2.76
N VAL A 60 -11.45 4.70 2.04
CA VAL A 60 -10.11 4.48 1.54
C VAL A 60 -9.06 4.87 2.59
N VAL A 61 -8.19 3.92 2.92
CA VAL A 61 -7.15 4.17 3.91
C VAL A 61 -5.85 4.61 3.25
N ILE A 62 -5.68 4.24 1.98
CA ILE A 62 -4.48 4.60 1.23
C ILE A 62 -4.85 5.02 -0.19
N ASN A 63 -4.14 6.02 -0.70
CA ASN A 63 -4.40 6.51 -2.04
C ASN A 63 -3.26 7.41 -2.52
N CYS A 64 -2.06 6.84 -2.57
CA CYS A 64 -0.88 7.58 -3.02
C CYS A 64 -0.26 6.93 -4.25
N ALA A 65 0.18 7.75 -5.20
CA ALA A 65 0.78 7.25 -6.42
C ALA A 65 2.27 6.92 -6.23
N ILE A 66 2.67 5.75 -6.73
CA ILE A 66 4.05 5.32 -6.62
C ILE A 66 4.72 5.28 -8.00
N VAL A 67 5.86 5.94 -8.11
CA VAL A 67 6.59 5.97 -9.37
C VAL A 67 8.10 5.88 -9.15
N ARG A 68 8.68 4.76 -9.55
CA ARG A 68 10.12 4.51 -9.44
C ARG A 68 10.74 5.29 -8.28
N GLY A 69 10.10 5.23 -7.11
CA GLY A 69 10.60 5.95 -5.96
C GLY A 69 10.47 5.15 -4.68
N VAL A 70 9.38 4.42 -4.54
CA VAL A 70 9.14 3.63 -3.36
C VAL A 70 9.71 2.22 -3.52
N LYS A 71 10.27 1.69 -2.44
CA LYS A 71 10.85 0.35 -2.45
C LYS A 71 10.37 -0.44 -1.24
N TYR A 72 9.50 -1.41 -1.48
CA TYR A 72 8.98 -2.26 -0.42
C TYR A 72 10.11 -2.89 0.39
N ASN A 73 10.16 -2.57 1.67
CA ASN A 73 11.21 -3.10 2.54
C ASN A 73 10.75 -4.37 3.26
N GLN A 74 9.46 -4.43 3.58
CA GLN A 74 8.90 -5.58 4.28
C GLN A 74 9.49 -5.70 5.68
N ALA A 75 8.96 -4.90 6.60
CA ALA A 75 9.43 -4.91 7.98
C ALA A 75 9.38 -6.31 8.58
N THR A 76 8.37 -7.08 8.18
CA THR A 76 8.21 -8.44 8.67
C THR A 76 7.44 -9.29 7.67
N PRO A 77 7.53 -10.63 7.79
CA PRO A 77 6.83 -11.56 6.89
C PRO A 77 5.37 -11.16 6.67
N ASN A 78 4.79 -10.45 7.65
CA ASN A 78 3.40 -10.02 7.55
C ASN A 78 3.29 -8.51 7.65
N PHE A 79 4.26 -7.80 7.10
CA PHE A 79 4.26 -6.34 7.14
C PHE A 79 5.06 -5.75 5.99
N HIS A 80 4.39 -4.99 5.12
CA HIS A 80 5.06 -4.35 3.98
C HIS A 80 5.11 -2.84 4.16
N GLN A 81 6.29 -2.35 4.51
CA GLN A 81 6.48 -0.92 4.75
C GLN A 81 7.40 -0.32 3.69
N TRP A 82 7.11 0.93 3.32
CA TRP A 82 7.92 1.64 2.34
C TRP A 82 8.02 3.13 2.65
N ARG A 83 9.02 3.76 2.06
CA ARG A 83 9.24 5.20 2.24
C ARG A 83 9.12 5.90 0.89
N ASP A 84 8.11 6.75 0.74
CA ASP A 84 7.89 7.46 -0.50
C ASP A 84 8.56 8.83 -0.50
N ALA A 85 7.90 9.81 0.10
CA ALA A 85 8.45 11.16 0.16
C ALA A 85 9.01 11.47 1.54
N ARG A 86 8.13 11.55 2.53
CA ARG A 86 8.55 11.84 3.90
C ARG A 86 7.77 11.01 4.93
N GLN A 87 6.85 10.17 4.44
CA GLN A 87 6.07 9.32 5.32
C GLN A 87 6.27 7.86 4.96
N VAL A 88 5.89 6.98 5.87
CA VAL A 88 6.03 5.55 5.66
C VAL A 88 4.67 4.85 5.73
N TRP A 89 4.35 4.07 4.70
CA TRP A 89 3.08 3.36 4.65
C TRP A 89 3.26 1.88 5.02
N GLY A 90 3.11 1.59 6.30
CA GLY A 90 3.25 0.22 6.77
C GLY A 90 1.96 -0.56 6.66
N LEU A 91 2.00 -1.67 5.94
CA LEU A 91 0.82 -2.51 5.76
C LEU A 91 0.88 -3.76 6.63
N ASN A 92 0.02 -3.83 7.64
CA ASN A 92 -0.03 -4.99 8.51
C ASN A 92 -1.04 -5.98 7.98
N PHE A 93 -0.55 -7.04 7.37
CA PHE A 93 -1.39 -8.07 6.80
C PHE A 93 -1.97 -9.01 7.85
N GLY A 94 -3.00 -9.75 7.46
CA GLY A 94 -3.63 -10.69 8.37
C GLY A 94 -2.94 -12.04 8.37
N SER A 95 -2.30 -12.37 7.25
CA SER A 95 -1.60 -13.64 7.13
C SER A 95 -0.41 -13.51 6.16
N LYS A 96 0.52 -14.44 6.24
CA LYS A 96 1.69 -14.42 5.38
C LYS A 96 1.29 -14.46 3.90
N GLU A 97 0.11 -15.00 3.62
CA GLU A 97 -0.38 -15.09 2.24
C GLU A 97 -0.68 -13.71 1.68
N ASP A 98 -1.57 -12.99 2.34
CA ASP A 98 -1.94 -11.65 1.90
C ASP A 98 -0.70 -10.81 1.61
N ALA A 99 0.16 -10.69 2.62
CA ALA A 99 1.40 -9.93 2.50
C ALA A 99 2.17 -10.32 1.23
N ALA A 100 2.08 -11.59 0.85
CA ALA A 100 2.78 -12.08 -0.34
C ALA A 100 2.12 -11.57 -1.61
N GLN A 101 0.80 -11.36 -1.55
CA GLN A 101 0.05 -10.89 -2.71
C GLN A 101 0.27 -9.39 -2.94
N PHE A 102 0.10 -8.61 -1.87
CA PHE A 102 0.27 -7.16 -1.95
C PHE A 102 1.59 -6.80 -2.64
N ALA A 103 2.68 -7.38 -2.14
CA ALA A 103 3.99 -7.12 -2.72
C ALA A 103 4.07 -7.63 -4.16
N ALA A 104 3.32 -8.71 -4.43
CA ALA A 104 3.29 -9.31 -5.75
C ALA A 104 3.15 -8.24 -6.84
N GLY A 105 2.01 -7.57 -6.84
CA GLY A 105 1.77 -6.53 -7.82
C GLY A 105 2.72 -5.37 -7.66
N MET A 106 2.86 -4.90 -6.43
CA MET A 106 3.75 -3.79 -6.14
C MET A 106 5.11 -4.02 -6.77
N ALA A 107 5.77 -5.09 -6.36
CA ALA A 107 7.08 -5.44 -6.88
C ALA A 107 7.11 -5.28 -8.39
N SER A 108 6.00 -5.64 -9.04
CA SER A 108 5.89 -5.51 -10.48
C SER A 108 5.90 -4.04 -10.88
N ALA A 109 5.26 -3.21 -10.05
CA ALA A 109 5.21 -1.77 -10.31
C ALA A 109 6.60 -1.15 -10.21
N LEU A 110 7.26 -1.39 -9.09
CA LEU A 110 8.60 -0.86 -8.86
C LEU A 110 9.60 -1.44 -9.86
N GLU A 111 9.21 -2.51 -10.53
CA GLU A 111 10.07 -3.17 -11.51
C GLU A 111 9.83 -2.63 -12.92
N ALA A 112 8.62 -2.14 -13.14
CA ALA A 112 8.26 -1.59 -14.45
C ALA A 112 8.35 -0.07 -14.42
N LEU A 113 8.75 0.45 -13.27
CA LEU A 113 8.89 1.88 -13.07
C LEU A 113 10.35 2.26 -12.89
N GLU A 114 11.09 1.40 -12.21
CA GLU A 114 12.51 1.63 -11.96
C GLU A 114 13.36 0.93 -13.00
N GLY A 115 12.85 -0.18 -13.54
CA GLY A 115 13.58 -0.93 -14.55
C GLY A 115 13.61 -0.21 -15.89
N MET A 1 -11.47 8.41 -16.84
CA MET A 1 -10.80 8.49 -15.51
C MET A 1 -10.45 7.10 -14.98
N SER A 2 -10.03 7.05 -13.72
CA SER A 2 -9.66 5.78 -13.09
C SER A 2 -8.46 5.15 -13.80
N GLU A 3 -8.16 3.91 -13.43
CA GLU A 3 -7.04 3.20 -14.02
C GLU A 3 -7.19 1.69 -13.86
N THR A 4 -6.16 0.95 -14.24
CA THR A 4 -6.19 -0.51 -14.15
C THR A 4 -5.56 -0.98 -12.84
N VAL A 5 -6.18 -1.98 -12.22
CA VAL A 5 -5.68 -2.53 -10.96
C VAL A 5 -4.69 -3.67 -11.22
N ILE A 6 -3.75 -3.86 -10.30
CA ILE A 6 -2.74 -4.90 -10.44
C ILE A 6 -3.05 -6.10 -9.55
N CYS A 7 -2.91 -5.92 -8.23
CA CYS A 7 -3.14 -7.00 -7.28
C CYS A 7 -4.07 -6.57 -6.16
N SER A 8 -4.33 -7.48 -5.22
CA SER A 8 -5.19 -7.21 -4.09
C SER A 8 -4.82 -8.07 -2.88
N SER A 9 -4.59 -7.41 -1.74
CA SER A 9 -4.21 -8.12 -0.52
C SER A 9 -4.99 -7.62 0.69
N ARG A 10 -4.95 -8.38 1.78
CA ARG A 10 -5.63 -8.02 3.01
C ARG A 10 -4.62 -7.57 4.06
N ALA A 11 -4.77 -6.33 4.54
CA ALA A 11 -3.86 -5.78 5.53
C ALA A 11 -4.42 -4.52 6.15
N THR A 12 -3.71 -3.98 7.13
CA THR A 12 -4.14 -2.76 7.81
C THR A 12 -3.15 -1.64 7.54
N VAL A 13 -3.45 -0.82 6.54
CA VAL A 13 -2.58 0.30 6.17
C VAL A 13 -2.14 1.07 7.41
N MET A 14 -0.96 1.68 7.31
CA MET A 14 -0.40 2.45 8.42
C MET A 14 0.48 3.58 7.90
N LEU A 15 0.49 4.69 8.62
CA LEU A 15 1.30 5.85 8.23
C LEU A 15 2.25 6.24 9.36
N TYR A 16 3.53 5.98 9.15
CA TYR A 16 4.54 6.30 10.16
C TYR A 16 4.77 7.79 10.29
N ASP A 17 5.20 8.21 11.47
CA ASP A 17 5.48 9.60 11.75
C ASP A 17 6.90 9.77 12.27
N ASP A 18 7.85 9.93 11.35
CA ASP A 18 9.25 10.09 11.71
C ASP A 18 9.45 11.21 12.73
N GLY A 19 8.48 12.13 12.78
CA GLY A 19 8.57 13.23 13.72
C GLY A 19 8.68 12.78 15.16
N ASN A 20 8.03 11.67 15.48
CA ASN A 20 8.08 11.13 16.84
C ASN A 20 8.36 9.63 16.82
N LYS A 21 8.79 9.11 15.68
CA LYS A 21 9.08 7.68 15.54
C LYS A 21 7.93 6.83 16.03
N ARG A 22 6.94 6.62 15.16
CA ARG A 22 5.77 5.82 15.51
C ARG A 22 4.79 5.74 14.35
N TRP A 23 3.98 4.69 14.32
CA TRP A 23 2.98 4.51 13.27
C TRP A 23 1.83 5.49 13.45
N LEU A 24 0.94 5.53 12.46
CA LEU A 24 -0.21 6.41 12.51
C LEU A 24 -1.24 5.99 11.46
N PRO A 25 -2.45 5.56 11.90
CA PRO A 25 -3.51 5.12 10.99
C PRO A 25 -3.64 6.00 9.75
N ALA A 26 -2.99 5.60 8.66
CA ALA A 26 -3.03 6.34 7.41
C ALA A 26 -4.44 6.80 7.08
N GLY A 27 -5.40 5.90 7.25
CA GLY A 27 -6.79 6.23 6.95
C GLY A 27 -7.28 7.43 7.75
N THR A 28 -8.11 7.16 8.76
CA THR A 28 -8.65 8.22 9.59
C THR A 28 -8.32 8.00 11.05
N GLY A 29 -9.08 7.11 11.70
CA GLY A 29 -8.85 6.82 13.11
C GLY A 29 -8.95 5.33 13.41
N PRO A 30 -10.18 4.78 13.48
CA PRO A 30 -10.39 3.36 13.77
C PRO A 30 -9.57 2.46 12.86
N GLN A 31 -9.72 1.15 13.03
CA GLN A 31 -8.98 0.18 12.22
C GLN A 31 -9.82 -1.07 11.99
N ALA A 32 -9.56 -1.74 10.88
CA ALA A 32 -10.27 -2.96 10.51
C ALA A 32 -9.74 -3.51 9.20
N PHE A 33 -8.41 -3.52 9.08
CA PHE A 33 -7.76 -4.00 7.86
C PHE A 33 -8.34 -3.29 6.63
N SER A 34 -7.90 -3.71 5.46
CA SER A 34 -8.37 -3.12 4.22
C SER A 34 -7.82 -3.86 3.01
N ARG A 35 -8.58 -3.85 1.93
CA ARG A 35 -8.17 -4.49 0.69
C ARG A 35 -7.48 -3.48 -0.21
N VAL A 36 -6.16 -3.45 -0.13
CA VAL A 36 -5.38 -2.50 -0.92
C VAL A 36 -4.92 -3.10 -2.24
N GLN A 37 -5.38 -2.50 -3.33
CA GLN A 37 -5.01 -2.94 -4.66
C GLN A 37 -4.11 -1.89 -5.30
N ILE A 38 -3.30 -2.30 -6.26
CA ILE A 38 -2.40 -1.37 -6.93
C ILE A 38 -2.98 -0.94 -8.28
N TYR A 39 -2.68 0.28 -8.69
CA TYR A 39 -3.16 0.78 -9.95
C TYR A 39 -2.03 0.98 -10.94
N HIS A 40 -2.10 0.28 -12.07
CA HIS A 40 -1.08 0.37 -13.09
C HIS A 40 -1.47 1.42 -14.14
N ASN A 41 -0.82 2.58 -14.05
CA ASN A 41 -1.08 3.68 -14.97
C ASN A 41 0.05 3.82 -15.98
N PRO A 42 0.02 3.03 -17.07
CA PRO A 42 1.05 3.07 -18.10
C PRO A 42 0.95 4.30 -18.99
N THR A 43 -0.24 4.89 -19.04
CA THR A 43 -0.47 6.09 -19.85
C THR A 43 0.57 7.16 -19.52
N ALA A 44 1.03 7.14 -18.28
CA ALA A 44 2.04 8.11 -17.82
C ALA A 44 3.20 7.39 -17.13
N ASN A 45 3.20 6.07 -17.18
CA ASN A 45 4.25 5.28 -16.55
C ASN A 45 4.27 5.52 -15.05
N SER A 46 3.10 5.45 -14.44
CA SER A 46 2.97 5.67 -13.00
C SER A 46 2.11 4.60 -12.34
N PHE A 47 2.32 4.40 -11.04
CA PHE A 47 1.56 3.40 -10.29
C PHE A 47 0.88 4.04 -9.09
N ARG A 48 0.12 3.24 -8.34
CA ARG A 48 -0.59 3.76 -7.17
C ARG A 48 -1.13 2.63 -6.30
N VAL A 49 -1.36 2.95 -5.03
CA VAL A 49 -1.89 1.97 -4.08
C VAL A 49 -3.22 2.48 -3.51
N VAL A 50 -4.25 1.67 -3.62
CA VAL A 50 -5.57 2.05 -3.13
C VAL A 50 -6.21 0.92 -2.31
N GLY A 51 -6.61 1.24 -1.09
CA GLY A 51 -7.22 0.24 -0.24
C GLY A 51 -8.38 0.79 0.56
N ARG A 52 -9.38 -0.06 0.79
CA ARG A 52 -10.56 0.34 1.55
C ARG A 52 -10.83 -0.63 2.70
N LYS A 53 -11.46 -0.11 3.75
CA LYS A 53 -11.79 -0.92 4.92
C LYS A 53 -12.61 -2.14 4.53
N MET A 54 -12.59 -3.16 5.39
CA MET A 54 -13.35 -4.38 5.14
C MET A 54 -14.66 -4.36 5.89
N GLN A 55 -15.36 -3.24 5.82
CA GLN A 55 -16.65 -3.08 6.49
C GLN A 55 -17.70 -2.52 5.53
N PRO A 56 -18.98 -2.64 5.90
CA PRO A 56 -20.08 -2.14 5.06
C PRO A 56 -19.93 -0.66 4.72
N ASP A 57 -19.16 0.06 5.53
CA ASP A 57 -18.94 1.48 5.30
C ASP A 57 -18.11 1.71 4.05
N GLN A 58 -17.06 0.90 3.88
CA GLN A 58 -16.18 1.02 2.73
C GLN A 58 -15.46 2.37 2.71
N GLN A 59 -14.36 2.46 3.44
CA GLN A 59 -13.58 3.69 3.50
C GLN A 59 -12.15 3.46 3.02
N VAL A 60 -11.70 4.29 2.08
CA VAL A 60 -10.35 4.15 1.55
C VAL A 60 -9.32 4.57 2.59
N VAL A 61 -8.44 3.63 2.95
CA VAL A 61 -7.41 3.90 3.95
C VAL A 61 -6.11 4.35 3.28
N ILE A 62 -5.95 4.00 2.01
CA ILE A 62 -4.75 4.39 1.26
C ILE A 62 -5.13 4.83 -0.15
N ASN A 63 -4.47 5.87 -0.64
CA ASN A 63 -4.75 6.39 -1.97
C ASN A 63 -3.65 7.34 -2.42
N CYS A 64 -2.47 6.77 -2.68
CA CYS A 64 -1.33 7.57 -3.12
C CYS A 64 -0.60 6.89 -4.28
N ALA A 65 -0.23 7.67 -5.28
CA ALA A 65 0.47 7.14 -6.45
C ALA A 65 1.94 6.94 -6.19
N ILE A 66 2.49 5.83 -6.66
CA ILE A 66 3.90 5.53 -6.48
C ILE A 66 4.63 5.56 -7.81
N VAL A 67 5.96 5.55 -7.73
CA VAL A 67 6.78 5.58 -8.93
C VAL A 67 8.16 4.99 -8.63
N ARG A 68 9.08 5.11 -9.58
CA ARG A 68 10.43 4.59 -9.42
C ARG A 68 11.11 5.27 -8.23
N GLY A 69 10.86 4.75 -7.03
CA GLY A 69 11.47 5.34 -5.85
C GLY A 69 11.13 4.62 -4.57
N VAL A 70 9.92 4.05 -4.48
CA VAL A 70 9.52 3.33 -3.28
C VAL A 70 10.06 1.91 -3.27
N LYS A 71 10.63 1.52 -2.13
CA LYS A 71 11.19 0.18 -1.97
C LYS A 71 10.50 -0.55 -0.82
N TYR A 72 9.64 -1.51 -1.16
CA TYR A 72 8.92 -2.29 -0.16
C TYR A 72 9.87 -2.91 0.85
N ASN A 73 9.93 -2.33 2.05
CA ASN A 73 10.79 -2.85 3.11
C ASN A 73 10.03 -3.81 4.00
N GLN A 74 10.15 -5.10 3.72
CA GLN A 74 9.46 -6.13 4.50
C GLN A 74 9.86 -6.05 5.97
N ALA A 75 9.14 -5.23 6.73
CA ALA A 75 9.41 -5.06 8.15
C ALA A 75 9.28 -6.39 8.89
N THR A 76 8.28 -7.17 8.49
CA THR A 76 8.04 -8.48 9.10
C THR A 76 7.35 -9.40 8.11
N PRO A 77 7.40 -10.73 8.34
CA PRO A 77 6.77 -11.70 7.45
C PRO A 77 5.38 -11.27 7.00
N ASN A 78 4.71 -10.49 7.83
CA ASN A 78 3.37 -10.00 7.51
C ASN A 78 3.29 -8.48 7.66
N PHE A 79 4.15 -7.76 6.94
CA PHE A 79 4.17 -6.31 7.01
C PHE A 79 4.99 -5.72 5.86
N HIS A 80 4.31 -5.02 4.96
CA HIS A 80 4.97 -4.40 3.82
C HIS A 80 4.96 -2.88 3.95
N GLN A 81 6.09 -2.32 4.36
CA GLN A 81 6.21 -0.88 4.55
C GLN A 81 7.09 -0.26 3.47
N TRP A 82 6.90 1.03 3.23
CA TRP A 82 7.68 1.75 2.24
C TRP A 82 7.73 3.25 2.52
N ARG A 83 8.82 3.87 2.08
CA ARG A 83 9.01 5.30 2.24
C ARG A 83 9.04 5.96 0.86
N ASP A 84 8.01 6.74 0.56
CA ASP A 84 7.92 7.40 -0.74
C ASP A 84 8.51 8.81 -0.69
N ALA A 85 7.67 9.80 -0.39
CA ALA A 85 8.13 11.18 -0.33
C ALA A 85 8.85 11.46 0.99
N ARG A 86 8.09 11.45 2.07
CA ARG A 86 8.65 11.70 3.41
C ARG A 86 7.91 10.90 4.49
N GLN A 87 6.86 10.19 4.09
CA GLN A 87 6.09 9.39 5.04
C GLN A 87 6.41 7.92 4.85
N VAL A 88 5.77 7.08 5.66
CA VAL A 88 5.98 5.65 5.59
C VAL A 88 4.66 4.91 5.68
N TRP A 89 4.30 4.21 4.61
CA TRP A 89 3.05 3.47 4.56
C TRP A 89 3.26 2.02 4.99
N GLY A 90 2.93 1.72 6.24
CA GLY A 90 3.10 0.37 6.75
C GLY A 90 1.83 -0.46 6.62
N LEU A 91 1.92 -1.55 5.88
CA LEU A 91 0.77 -2.42 5.66
C LEU A 91 0.88 -3.69 6.50
N ASN A 92 0.04 -3.80 7.53
CA ASN A 92 0.05 -4.98 8.38
C ASN A 92 -0.98 -5.99 7.87
N PHE A 93 -0.47 -7.07 7.28
CA PHE A 93 -1.31 -8.11 6.73
C PHE A 93 -1.86 -9.04 7.81
N GLY A 94 -2.91 -9.76 7.46
CA GLY A 94 -3.52 -10.68 8.39
C GLY A 94 -3.02 -12.10 8.23
N SER A 95 -2.60 -12.45 7.01
CA SER A 95 -2.08 -13.78 6.73
C SER A 95 -0.81 -13.69 5.89
N LYS A 96 -0.05 -14.78 5.84
CA LYS A 96 1.17 -14.83 5.06
C LYS A 96 0.89 -14.66 3.57
N GLU A 97 -0.27 -15.17 3.14
CA GLU A 97 -0.66 -15.09 1.74
C GLU A 97 -0.87 -13.64 1.32
N ASP A 98 -1.70 -12.92 2.07
CA ASP A 98 -1.98 -11.52 1.78
C ASP A 98 -0.68 -10.75 1.55
N ALA A 99 0.15 -10.71 2.58
CA ALA A 99 1.43 -10.02 2.51
C ALA A 99 2.19 -10.37 1.24
N ALA A 100 2.11 -11.64 0.84
CA ALA A 100 2.80 -12.11 -0.37
C ALA A 100 2.10 -11.60 -1.63
N GLN A 101 0.80 -11.39 -1.54
CA GLN A 101 0.02 -10.92 -2.68
C GLN A 101 0.24 -9.43 -2.92
N PHE A 102 0.11 -8.64 -1.86
CA PHE A 102 0.29 -7.19 -1.95
C PHE A 102 1.61 -6.85 -2.63
N ALA A 103 2.70 -7.40 -2.13
CA ALA A 103 4.02 -7.15 -2.69
C ALA A 103 4.09 -7.65 -4.13
N ALA A 104 3.34 -8.72 -4.41
CA ALA A 104 3.31 -9.30 -5.75
C ALA A 104 3.15 -8.23 -6.82
N GLY A 105 1.99 -7.58 -6.81
CA GLY A 105 1.75 -6.53 -7.78
C GLY A 105 2.68 -5.37 -7.59
N MET A 106 2.92 -5.03 -6.33
CA MET A 106 3.81 -3.93 -5.99
C MET A 106 5.14 -4.09 -6.71
N ALA A 107 5.81 -5.21 -6.45
CA ALA A 107 7.09 -5.50 -7.07
C ALA A 107 7.02 -5.20 -8.56
N SER A 108 5.87 -5.50 -9.16
CA SER A 108 5.66 -5.24 -10.57
C SER A 108 5.68 -3.73 -10.83
N ALA A 109 5.11 -2.97 -9.90
CA ALA A 109 5.07 -1.52 -10.02
C ALA A 109 6.48 -0.94 -9.97
N LEU A 110 7.21 -1.29 -8.93
CA LEU A 110 8.58 -0.81 -8.76
C LEU A 110 9.49 -1.34 -9.86
N GLU A 111 9.05 -2.39 -10.54
CA GLU A 111 9.82 -3.00 -11.61
C GLU A 111 9.39 -2.47 -12.98
N ALA A 112 8.19 -1.95 -13.05
CA ALA A 112 7.66 -1.40 -14.29
C ALA A 112 7.88 0.10 -14.33
N LEU A 113 8.41 0.61 -13.23
CA LEU A 113 8.67 2.02 -13.10
C LEU A 113 10.18 2.28 -13.04
N GLU A 114 10.92 1.29 -12.56
CA GLU A 114 12.38 1.40 -12.48
C GLU A 114 13.02 0.93 -13.77
N GLY A 115 12.41 -0.08 -14.40
CA GLY A 115 12.94 -0.60 -15.65
C GLY A 115 14.36 -1.11 -15.51
N MET A 1 -8.71 8.49 -17.91
CA MET A 1 -9.73 7.41 -17.91
C MET A 1 -9.50 6.43 -16.75
N SER A 2 -10.40 5.47 -16.62
CA SER A 2 -10.31 4.48 -15.55
C SER A 2 -9.08 3.59 -15.75
N GLU A 3 -8.12 3.70 -14.83
CA GLU A 3 -6.90 2.90 -14.92
C GLU A 3 -7.18 1.44 -14.57
N THR A 4 -6.12 0.63 -14.50
CA THR A 4 -6.27 -0.78 -14.18
C THR A 4 -5.57 -1.13 -12.85
N VAL A 5 -6.13 -2.10 -12.14
CA VAL A 5 -5.57 -2.54 -10.87
C VAL A 5 -4.57 -3.66 -11.10
N ILE A 6 -3.69 -3.89 -10.12
CA ILE A 6 -2.66 -4.93 -10.25
C ILE A 6 -2.88 -6.07 -9.27
N CYS A 7 -2.72 -5.78 -7.98
CA CYS A 7 -2.86 -6.80 -6.96
C CYS A 7 -3.97 -6.46 -5.96
N SER A 8 -4.18 -7.35 -5.00
CA SER A 8 -5.21 -7.16 -3.98
C SER A 8 -4.90 -7.99 -2.74
N SER A 9 -4.57 -7.33 -1.64
CA SER A 9 -4.23 -8.03 -0.40
C SER A 9 -5.04 -7.50 0.79
N ARG A 10 -5.14 -8.32 1.83
CA ARG A 10 -5.86 -7.95 3.05
C ARG A 10 -4.87 -7.58 4.15
N ALA A 11 -5.02 -6.38 4.69
CA ALA A 11 -4.12 -5.90 5.74
C ALA A 11 -4.66 -4.64 6.39
N THR A 12 -3.85 -4.03 7.26
CA THR A 12 -4.24 -2.81 7.94
C THR A 12 -3.24 -1.70 7.63
N VAL A 13 -3.57 -0.90 6.60
CA VAL A 13 -2.69 0.19 6.19
C VAL A 13 -2.17 0.96 7.40
N MET A 14 -1.03 1.61 7.22
CA MET A 14 -0.41 2.37 8.28
C MET A 14 0.43 3.51 7.71
N LEU A 15 0.69 4.53 8.53
CA LEU A 15 1.49 5.68 8.10
C LEU A 15 2.48 6.07 9.19
N TYR A 16 3.75 5.81 8.96
CA TYR A 16 4.78 6.13 9.92
C TYR A 16 4.97 7.64 10.07
N ASP A 17 5.45 8.05 11.25
CA ASP A 17 5.70 9.44 11.54
C ASP A 17 7.12 9.62 12.06
N ASP A 18 8.08 9.68 11.14
CA ASP A 18 9.49 9.84 11.51
C ASP A 18 9.69 10.97 12.52
N GLY A 19 8.77 11.93 12.51
CA GLY A 19 8.85 13.05 13.44
C GLY A 19 8.90 12.60 14.89
N ASN A 20 8.30 11.45 15.17
CA ASN A 20 8.29 10.91 16.53
C ASN A 20 8.62 9.43 16.54
N LYS A 21 9.07 8.91 15.40
CA LYS A 21 9.42 7.49 15.28
C LYS A 21 8.27 6.61 15.78
N ARG A 22 7.29 6.38 14.91
CA ARG A 22 6.14 5.55 15.25
C ARG A 22 5.14 5.50 14.10
N TRP A 23 4.28 4.49 14.10
CA TRP A 23 3.27 4.33 13.06
C TRP A 23 2.12 5.32 13.28
N LEU A 24 1.24 5.40 12.30
CA LEU A 24 0.10 6.30 12.38
C LEU A 24 -0.98 5.91 11.36
N PRO A 25 -2.19 5.56 11.82
CA PRO A 25 -3.29 5.16 10.93
C PRO A 25 -3.42 6.05 9.70
N ALA A 26 -2.77 5.65 8.61
CA ALA A 26 -2.81 6.39 7.36
C ALA A 26 -4.22 6.86 7.02
N GLY A 27 -5.16 5.93 7.04
CA GLY A 27 -6.55 6.23 6.74
C GLY A 27 -7.05 7.47 7.46
N THR A 28 -7.72 7.27 8.59
CA THR A 28 -8.25 8.39 9.37
C THR A 28 -8.20 8.09 10.86
N GLY A 29 -9.18 7.36 11.37
CA GLY A 29 -9.22 7.02 12.78
C GLY A 29 -9.38 5.53 13.02
N PRO A 30 -10.62 5.04 13.20
CA PRO A 30 -10.88 3.62 13.44
C PRO A 30 -10.15 2.72 12.44
N GLN A 31 -10.09 1.43 12.75
CA GLN A 31 -9.43 0.49 11.86
C GLN A 31 -10.13 -0.87 11.85
N ALA A 32 -9.78 -1.69 10.87
CA ALA A 32 -10.35 -3.02 10.72
C ALA A 32 -9.86 -3.63 9.41
N PHE A 33 -8.57 -3.47 9.15
CA PHE A 33 -7.96 -3.97 7.93
C PHE A 33 -8.58 -3.29 6.72
N SER A 34 -8.16 -3.72 5.53
CA SER A 34 -8.67 -3.15 4.31
C SER A 34 -8.13 -3.89 3.09
N ARG A 35 -8.87 -3.85 2.00
CA ARG A 35 -8.45 -4.50 0.77
C ARG A 35 -7.72 -3.50 -0.11
N VAL A 36 -6.39 -3.53 -0.03
CA VAL A 36 -5.57 -2.60 -0.79
C VAL A 36 -5.06 -3.22 -2.08
N GLN A 37 -5.38 -2.57 -3.18
CA GLN A 37 -4.95 -3.02 -4.49
C GLN A 37 -3.99 -2.00 -5.09
N ILE A 38 -3.39 -2.32 -6.22
CA ILE A 38 -2.46 -1.41 -6.86
C ILE A 38 -2.98 -0.99 -8.23
N TYR A 39 -2.54 0.15 -8.71
CA TYR A 39 -2.99 0.65 -10.00
C TYR A 39 -1.85 0.70 -11.00
N HIS A 40 -1.99 -0.03 -12.10
CA HIS A 40 -0.99 -0.08 -13.15
C HIS A 40 -1.29 0.95 -14.24
N ASN A 41 -0.81 2.17 -14.03
CA ASN A 41 -1.03 3.25 -14.98
C ASN A 41 0.23 3.49 -15.83
N PRO A 42 0.29 2.91 -17.04
CA PRO A 42 1.44 3.07 -17.93
C PRO A 42 1.36 4.33 -18.76
N THR A 43 0.15 4.85 -18.95
CA THR A 43 -0.06 6.07 -19.73
C THR A 43 0.92 7.15 -19.30
N ALA A 44 1.30 7.14 -18.03
CA ALA A 44 2.23 8.13 -17.49
C ALA A 44 3.48 7.45 -16.92
N ASN A 45 3.48 6.12 -16.90
CA ASN A 45 4.61 5.37 -16.37
C ASN A 45 4.68 5.51 -14.86
N SER A 46 3.52 5.44 -14.21
CA SER A 46 3.44 5.56 -12.77
C SER A 46 2.48 4.52 -12.19
N PHE A 47 2.45 4.43 -10.86
CA PHE A 47 1.58 3.47 -10.19
C PHE A 47 0.85 4.13 -9.03
N ARG A 48 0.00 3.37 -8.35
CA ARG A 48 -0.77 3.90 -7.22
C ARG A 48 -1.35 2.79 -6.37
N VAL A 49 -1.49 3.07 -5.07
CA VAL A 49 -2.05 2.12 -4.13
C VAL A 49 -3.43 2.57 -3.67
N VAL A 50 -4.38 1.65 -3.65
CA VAL A 50 -5.74 1.98 -3.24
C VAL A 50 -6.35 0.88 -2.38
N GLY A 51 -6.76 1.24 -1.17
CA GLY A 51 -7.35 0.26 -0.27
C GLY A 51 -8.47 0.84 0.57
N ARG A 52 -9.46 0.00 0.88
CA ARG A 52 -10.59 0.43 1.69
C ARG A 52 -10.88 -0.57 2.81
N LYS A 53 -11.42 -0.08 3.91
CA LYS A 53 -11.74 -0.93 5.05
C LYS A 53 -12.71 -2.05 4.65
N MET A 54 -12.80 -3.07 5.49
CA MET A 54 -13.70 -4.20 5.23
C MET A 54 -14.91 -4.15 6.14
N GLN A 55 -15.52 -2.98 6.26
CA GLN A 55 -16.70 -2.80 7.09
C GLN A 55 -17.84 -2.18 6.30
N PRO A 56 -19.09 -2.31 6.81
CA PRO A 56 -20.27 -1.76 6.14
C PRO A 56 -20.07 -0.30 5.70
N ASP A 57 -19.21 0.41 6.39
CA ASP A 57 -18.93 1.80 6.06
C ASP A 57 -18.18 1.92 4.74
N GLN A 58 -17.17 1.08 4.57
CA GLN A 58 -16.36 1.09 3.35
C GLN A 58 -15.69 2.44 3.14
N GLN A 59 -14.46 2.56 3.62
CA GLN A 59 -13.72 3.81 3.48
C GLN A 59 -12.29 3.53 3.01
N VAL A 60 -11.81 4.34 2.07
CA VAL A 60 -10.46 4.19 1.54
C VAL A 60 -9.42 4.59 2.59
N VAL A 61 -8.54 3.65 2.93
CA VAL A 61 -7.50 3.91 3.92
C VAL A 61 -6.21 4.36 3.26
N ILE A 62 -6.04 3.99 1.99
CA ILE A 62 -4.85 4.37 1.23
C ILE A 62 -5.22 4.77 -0.19
N ASN A 63 -4.64 5.87 -0.66
CA ASN A 63 -4.94 6.36 -2.00
C ASN A 63 -3.85 7.33 -2.46
N CYS A 64 -2.68 6.80 -2.77
CA CYS A 64 -1.56 7.62 -3.22
C CYS A 64 -0.85 6.95 -4.39
N ALA A 65 -0.36 7.77 -5.32
CA ALA A 65 0.35 7.26 -6.49
C ALA A 65 1.82 7.01 -6.18
N ILE A 66 2.31 5.82 -6.54
CA ILE A 66 3.71 5.48 -6.30
C ILE A 66 4.53 5.59 -7.57
N VAL A 67 5.51 6.49 -7.55
CA VAL A 67 6.38 6.69 -8.71
C VAL A 67 7.76 6.11 -8.43
N ARG A 68 8.55 5.97 -9.49
CA ARG A 68 9.90 5.42 -9.37
C ARG A 68 10.64 6.01 -8.17
N GLY A 69 10.69 5.26 -7.07
CA GLY A 69 11.38 5.75 -5.89
C GLY A 69 11.01 5.01 -4.62
N VAL A 70 9.82 4.38 -4.59
CA VAL A 70 9.40 3.65 -3.39
C VAL A 70 9.64 2.15 -3.55
N LYS A 71 10.39 1.59 -2.60
CA LYS A 71 10.70 0.17 -2.62
C LYS A 71 10.21 -0.51 -1.35
N TYR A 72 9.58 -1.67 -1.51
CA TYR A 72 9.06 -2.42 -0.37
C TYR A 72 10.19 -2.96 0.50
N ASN A 73 10.14 -2.67 1.79
CA ASN A 73 11.15 -3.11 2.72
C ASN A 73 10.73 -4.41 3.41
N GLN A 74 9.43 -4.56 3.63
CA GLN A 74 8.89 -5.74 4.28
C GLN A 74 9.50 -5.93 5.67
N ALA A 75 9.00 -5.17 6.64
CA ALA A 75 9.49 -5.24 8.00
C ALA A 75 9.43 -6.67 8.54
N THR A 76 8.29 -7.32 8.33
CA THR A 76 8.09 -8.69 8.80
C THR A 76 7.35 -9.51 7.76
N PRO A 77 7.33 -10.85 7.91
CA PRO A 77 6.65 -11.74 6.97
C PRO A 77 5.20 -11.32 6.72
N ASN A 78 4.63 -10.59 7.67
CA ASN A 78 3.25 -10.13 7.54
C ASN A 78 3.18 -8.61 7.60
N PHE A 79 4.21 -7.95 7.09
CA PHE A 79 4.26 -6.48 7.09
C PHE A 79 5.03 -5.98 5.88
N HIS A 80 4.39 -5.10 5.11
CA HIS A 80 5.00 -4.53 3.91
C HIS A 80 4.96 -3.00 3.97
N GLN A 81 6.08 -2.41 4.38
CA GLN A 81 6.18 -0.96 4.52
C GLN A 81 7.14 -0.36 3.49
N TRP A 82 6.82 0.85 3.05
CA TRP A 82 7.65 1.57 2.09
C TRP A 82 7.65 3.06 2.38
N ARG A 83 8.79 3.70 2.15
CA ARG A 83 8.93 5.13 2.39
C ARG A 83 8.49 5.92 1.16
N ASP A 84 7.29 6.49 1.23
CA ASP A 84 6.76 7.27 0.12
C ASP A 84 6.82 8.76 0.44
N ALA A 85 7.34 9.52 -0.50
CA ALA A 85 7.47 10.96 -0.34
C ALA A 85 8.34 11.33 0.86
N ARG A 86 7.75 11.33 2.04
CA ARG A 86 8.48 11.66 3.27
C ARG A 86 8.10 10.73 4.42
N GLN A 87 6.86 10.24 4.39
CA GLN A 87 6.38 9.35 5.41
C GLN A 87 6.57 7.91 4.97
N VAL A 88 5.97 6.99 5.70
CA VAL A 88 6.09 5.58 5.38
C VAL A 88 4.75 4.87 5.51
N TRP A 89 4.39 4.12 4.47
CA TRP A 89 3.13 3.41 4.45
C TRP A 89 3.32 1.94 4.86
N GLY A 90 3.00 1.64 6.10
CA GLY A 90 3.14 0.27 6.59
C GLY A 90 1.86 -0.52 6.47
N LEU A 91 1.94 -1.72 5.92
CA LEU A 91 0.77 -2.57 5.74
C LEU A 91 0.86 -3.84 6.57
N ASN A 92 0.01 -3.94 7.58
CA ASN A 92 -0.01 -5.13 8.42
C ASN A 92 -1.04 -6.11 7.88
N PHE A 93 -0.55 -7.23 7.34
CA PHE A 93 -1.42 -8.24 6.77
C PHE A 93 -1.91 -9.24 7.80
N GLY A 94 -2.99 -9.93 7.47
CA GLY A 94 -3.56 -10.91 8.36
C GLY A 94 -2.83 -12.24 8.31
N SER A 95 -2.23 -12.52 7.15
CA SER A 95 -1.50 -13.77 6.97
C SER A 95 -0.35 -13.57 5.99
N LYS A 96 0.42 -14.64 5.75
CA LYS A 96 1.54 -14.59 4.84
C LYS A 96 1.07 -14.50 3.39
N GLU A 97 -0.11 -15.06 3.12
CA GLU A 97 -0.68 -15.05 1.78
C GLU A 97 -0.96 -13.62 1.32
N ASP A 98 -1.75 -12.90 2.09
CA ASP A 98 -2.11 -11.52 1.77
C ASP A 98 -0.84 -10.69 1.51
N ALA A 99 0.05 -10.68 2.49
CA ALA A 99 1.30 -9.93 2.38
C ALA A 99 2.10 -10.37 1.16
N ALA A 100 1.92 -11.63 0.76
CA ALA A 100 2.63 -12.17 -0.40
C ALA A 100 2.05 -11.62 -1.71
N GLN A 101 0.74 -11.42 -1.72
CA GLN A 101 0.05 -10.91 -2.90
C GLN A 101 0.29 -9.40 -3.05
N PHE A 102 0.21 -8.68 -1.95
CA PHE A 102 0.41 -7.23 -1.96
C PHE A 102 1.74 -6.87 -2.61
N ALA A 103 2.81 -7.54 -2.19
CA ALA A 103 4.14 -7.29 -2.75
C ALA A 103 4.19 -7.68 -4.21
N ALA A 104 3.46 -8.74 -4.57
CA ALA A 104 3.43 -9.24 -5.94
C ALA A 104 3.24 -8.08 -6.93
N GLY A 105 2.09 -7.44 -6.87
CA GLY A 105 1.81 -6.33 -7.75
C GLY A 105 2.76 -5.18 -7.52
N MET A 106 2.89 -4.78 -6.27
CA MET A 106 3.78 -3.68 -5.90
C MET A 106 5.14 -3.86 -6.54
N ALA A 107 5.80 -4.95 -6.20
CA ALA A 107 7.12 -5.26 -6.76
C ALA A 107 7.13 -5.02 -8.27
N SER A 108 5.99 -5.29 -8.90
CA SER A 108 5.85 -5.09 -10.33
C SER A 108 5.81 -3.60 -10.66
N ALA A 109 5.22 -2.83 -9.75
CA ALA A 109 5.12 -1.38 -9.92
C ALA A 109 6.51 -0.74 -9.81
N LEU A 110 7.27 -1.21 -8.84
CA LEU A 110 8.63 -0.70 -8.61
C LEU A 110 9.61 -1.23 -9.65
N GLU A 111 9.32 -2.42 -10.17
CA GLU A 111 10.18 -3.04 -11.18
C GLU A 111 9.98 -2.38 -12.53
N ALA A 112 8.82 -1.80 -12.74
CA ALA A 112 8.50 -1.12 -13.99
C ALA A 112 8.62 0.37 -13.79
N LEU A 113 8.91 0.76 -12.56
CA LEU A 113 9.06 2.14 -12.19
C LEU A 113 10.52 2.56 -12.36
N GLU A 114 11.43 1.69 -11.92
CA GLU A 114 12.85 1.96 -12.01
C GLU A 114 13.45 1.29 -13.24
N GLY A 115 12.91 0.11 -13.58
CA GLY A 115 13.40 -0.62 -14.74
C GLY A 115 12.31 -0.88 -15.76
N MET A 1 -13.69 7.98 -15.30
CA MET A 1 -12.29 7.56 -15.58
C MET A 1 -11.72 6.71 -14.45
N SER A 2 -11.45 5.45 -14.76
CA SER A 2 -10.91 4.52 -13.77
C SER A 2 -9.73 3.73 -14.34
N GLU A 3 -8.60 3.79 -13.63
CA GLU A 3 -7.40 3.09 -14.06
C GLU A 3 -7.56 1.57 -13.92
N THR A 4 -6.46 0.85 -14.07
CA THR A 4 -6.49 -0.61 -13.95
C THR A 4 -5.75 -1.07 -12.70
N VAL A 5 -6.42 -1.87 -11.89
CA VAL A 5 -5.84 -2.39 -10.65
C VAL A 5 -4.86 -3.53 -10.96
N ILE A 6 -3.86 -3.69 -10.11
CA ILE A 6 -2.85 -4.74 -10.30
C ILE A 6 -3.01 -5.89 -9.31
N CYS A 7 -2.73 -5.61 -8.03
CA CYS A 7 -2.81 -6.62 -7.00
C CYS A 7 -3.91 -6.30 -5.98
N SER A 8 -4.10 -7.21 -5.03
CA SER A 8 -5.10 -7.03 -3.99
C SER A 8 -4.79 -7.88 -2.77
N SER A 9 -4.46 -7.23 -1.65
CA SER A 9 -4.14 -7.95 -0.42
C SER A 9 -4.92 -7.43 0.78
N ARG A 10 -5.15 -8.30 1.76
CA ARG A 10 -5.87 -7.94 2.97
C ARG A 10 -4.89 -7.55 4.07
N ALA A 11 -5.13 -6.40 4.70
CA ALA A 11 -4.24 -5.93 5.75
C ALA A 11 -4.75 -4.65 6.40
N THR A 12 -4.24 -4.35 7.59
CA THR A 12 -4.63 -3.15 8.31
C THR A 12 -3.65 -2.03 8.01
N VAL A 13 -3.88 -1.34 6.89
CA VAL A 13 -3.02 -0.25 6.45
C VAL A 13 -2.55 0.63 7.61
N MET A 14 -1.29 1.04 7.54
CA MET A 14 -0.67 1.88 8.56
C MET A 14 0.00 3.09 7.91
N LEU A 15 0.59 3.94 8.74
CA LEU A 15 1.29 5.13 8.25
C LEU A 15 2.25 5.66 9.31
N TYR A 16 3.54 5.59 9.01
CA TYR A 16 4.56 6.02 9.94
C TYR A 16 4.64 7.54 10.07
N ASP A 17 5.03 7.99 11.26
CA ASP A 17 5.18 9.41 11.53
C ASP A 17 6.60 9.70 12.00
N ASP A 18 7.49 9.94 11.04
CA ASP A 18 8.90 10.22 11.36
C ASP A 18 9.03 11.29 12.44
N GLY A 19 8.00 12.12 12.57
CA GLY A 19 8.02 13.18 13.57
C GLY A 19 8.40 12.67 14.96
N ASN A 20 7.75 11.60 15.38
CA ASN A 20 8.02 11.01 16.69
C ASN A 20 8.41 9.54 16.57
N LYS A 21 8.77 9.12 15.36
CA LYS A 21 9.16 7.73 15.12
C LYS A 21 8.11 6.75 15.65
N ARG A 22 7.13 6.44 14.80
CA ARG A 22 6.07 5.53 15.19
C ARG A 22 5.04 5.38 14.08
N TRP A 23 4.24 4.31 14.15
CA TRP A 23 3.21 4.07 13.14
C TRP A 23 1.98 4.91 13.42
N LEU A 24 1.04 4.91 12.48
CA LEU A 24 -0.20 5.65 12.63
C LEU A 24 -1.21 5.24 11.56
N PRO A 25 -2.43 4.84 11.98
CA PRO A 25 -3.48 4.41 11.05
C PRO A 25 -3.60 5.33 9.84
N ALA A 26 -3.06 4.87 8.71
CA ALA A 26 -3.10 5.64 7.47
C ALA A 26 -4.52 6.14 7.16
N GLY A 27 -5.49 5.29 7.45
CA GLY A 27 -6.88 5.65 7.20
C GLY A 27 -7.33 6.85 8.01
N THR A 28 -8.34 6.66 8.85
CA THR A 28 -8.86 7.73 9.68
C THR A 28 -8.74 7.40 11.15
N GLY A 29 -9.51 6.41 11.60
CA GLY A 29 -9.47 6.01 12.99
C GLY A 29 -9.51 4.50 13.17
N PRO A 30 -10.67 3.86 12.93
CA PRO A 30 -10.81 2.40 13.07
C PRO A 30 -9.69 1.65 12.38
N GLN A 31 -9.59 0.35 12.67
CA GLN A 31 -8.56 -0.48 12.07
C GLN A 31 -9.06 -1.90 11.82
N ALA A 32 -10.15 -2.01 11.07
CA ALA A 32 -10.73 -3.30 10.74
C ALA A 32 -10.17 -3.81 9.42
N PHE A 33 -8.84 -3.81 9.31
CA PHE A 33 -8.18 -4.25 8.09
C PHE A 33 -8.61 -3.41 6.91
N SER A 34 -8.11 -3.76 5.73
CA SER A 34 -8.46 -3.03 4.51
C SER A 34 -7.99 -3.78 3.28
N ARG A 35 -8.79 -3.73 2.22
CA ARG A 35 -8.46 -4.40 0.98
C ARG A 35 -7.74 -3.43 0.05
N VAL A 36 -6.41 -3.46 0.08
CA VAL A 36 -5.62 -2.56 -0.76
C VAL A 36 -5.22 -3.22 -2.07
N GLN A 37 -5.15 -2.41 -3.11
CA GLN A 37 -4.78 -2.86 -4.43
C GLN A 37 -3.83 -1.85 -5.08
N ILE A 38 -3.24 -2.20 -6.21
CA ILE A 38 -2.33 -1.28 -6.88
C ILE A 38 -2.93 -0.82 -8.20
N TYR A 39 -2.53 0.35 -8.66
CA TYR A 39 -3.04 0.92 -9.89
C TYR A 39 -1.97 0.97 -10.98
N HIS A 40 -2.24 0.26 -12.08
CA HIS A 40 -1.31 0.23 -13.20
C HIS A 40 -1.67 1.29 -14.23
N ASN A 41 -1.08 2.47 -14.09
CA ASN A 41 -1.34 3.57 -15.02
C ASN A 41 -0.21 3.71 -16.03
N PRO A 42 -0.27 2.97 -17.15
CA PRO A 42 0.75 3.03 -18.19
C PRO A 42 0.69 4.30 -19.01
N THR A 43 -0.48 4.95 -19.02
CA THR A 43 -0.66 6.18 -19.77
C THR A 43 0.48 7.16 -19.47
N ALA A 44 1.04 7.06 -18.27
CA ALA A 44 2.13 7.91 -17.85
C ALA A 44 3.25 7.11 -17.21
N ASN A 45 3.15 5.77 -17.28
CA ASN A 45 4.15 4.89 -16.70
C ASN A 45 4.25 5.15 -15.19
N SER A 46 3.10 5.17 -14.54
CA SER A 46 3.05 5.41 -13.10
C SER A 46 2.21 4.35 -12.38
N PHE A 47 2.38 4.28 -11.07
CA PHE A 47 1.64 3.32 -10.26
C PHE A 47 1.05 3.98 -9.03
N ARG A 48 0.18 3.28 -8.32
CA ARG A 48 -0.46 3.84 -7.13
C ARG A 48 -1.12 2.75 -6.28
N VAL A 49 -1.16 2.97 -4.96
CA VAL A 49 -1.77 2.01 -4.05
C VAL A 49 -3.13 2.55 -3.56
N VAL A 50 -4.15 1.71 -3.67
CA VAL A 50 -5.49 2.11 -3.25
C VAL A 50 -6.17 1.01 -2.44
N GLY A 51 -6.59 1.35 -1.23
CA GLY A 51 -7.25 0.38 -0.37
C GLY A 51 -8.31 1.00 0.50
N ARG A 52 -9.37 0.23 0.76
CA ARG A 52 -10.47 0.70 1.60
C ARG A 52 -10.75 -0.29 2.73
N LYS A 53 -11.38 0.19 3.78
CA LYS A 53 -11.70 -0.66 4.93
C LYS A 53 -12.70 -1.74 4.53
N MET A 54 -12.95 -2.67 5.46
CA MET A 54 -13.89 -3.76 5.20
C MET A 54 -15.16 -3.58 6.00
N GLN A 55 -15.72 -2.38 5.95
CA GLN A 55 -16.96 -2.07 6.66
C GLN A 55 -17.99 -1.44 5.72
N PRO A 56 -19.28 -1.51 6.08
CA PRO A 56 -20.36 -0.96 5.26
C PRO A 56 -20.09 0.48 4.84
N ASP A 57 -19.33 1.20 5.67
CA ASP A 57 -19.00 2.59 5.39
C ASP A 57 -18.10 2.70 4.16
N GLN A 58 -17.13 1.81 4.05
CA GLN A 58 -16.21 1.80 2.93
C GLN A 58 -15.44 3.11 2.85
N GLN A 59 -14.22 3.11 3.34
CA GLN A 59 -13.36 4.29 3.32
C GLN A 59 -11.95 3.94 2.89
N VAL A 60 -11.40 4.73 1.96
CA VAL A 60 -10.05 4.49 1.47
C VAL A 60 -9.01 4.82 2.54
N VAL A 61 -8.21 3.82 2.91
CA VAL A 61 -7.18 3.99 3.91
C VAL A 61 -5.83 4.35 3.27
N ILE A 62 -5.68 4.00 2.00
CA ILE A 62 -4.45 4.29 1.27
C ILE A 62 -4.76 4.78 -0.13
N ASN A 63 -4.09 5.85 -0.54
CA ASN A 63 -4.31 6.41 -1.87
C ASN A 63 -3.13 7.28 -2.29
N CYS A 64 -1.97 6.66 -2.44
CA CYS A 64 -0.76 7.37 -2.84
C CYS A 64 -0.14 6.73 -4.08
N ALA A 65 0.35 7.58 -4.99
CA ALA A 65 0.96 7.11 -6.22
C ALA A 65 2.45 6.82 -6.03
N ILE A 66 2.96 5.86 -6.80
CA ILE A 66 4.37 5.49 -6.72
C ILE A 66 5.00 5.46 -8.11
N VAL A 67 6.25 5.91 -8.20
CA VAL A 67 6.96 5.92 -9.47
C VAL A 67 8.47 5.81 -9.27
N ARG A 68 9.01 4.67 -9.68
CA ARG A 68 10.45 4.40 -9.58
C ARG A 68 11.12 5.18 -8.45
N GLY A 69 10.51 5.16 -7.27
CA GLY A 69 11.07 5.89 -6.15
C GLY A 69 10.85 5.18 -4.82
N VAL A 70 9.79 4.39 -4.72
CA VAL A 70 9.49 3.69 -3.49
C VAL A 70 9.94 2.23 -3.57
N LYS A 71 10.51 1.74 -2.46
CA LYS A 71 10.99 0.38 -2.38
C LYS A 71 10.38 -0.32 -1.16
N TYR A 72 9.50 -1.28 -1.41
CA TYR A 72 8.84 -2.03 -0.34
C TYR A 72 9.86 -2.58 0.66
N ASN A 73 9.58 -2.38 1.94
CA ASN A 73 10.47 -2.86 3.00
C ASN A 73 9.72 -3.78 3.95
N GLN A 74 9.85 -5.09 3.74
CA GLN A 74 9.18 -6.07 4.58
C GLN A 74 9.74 -6.04 6.01
N ALA A 75 8.97 -5.45 6.92
CA ALA A 75 9.39 -5.35 8.32
C ALA A 75 9.28 -6.71 9.02
N THR A 76 8.26 -7.48 8.63
CA THR A 76 8.05 -8.80 9.21
C THR A 76 7.39 -9.74 8.20
N PRO A 77 7.23 -11.02 8.55
CA PRO A 77 6.61 -12.01 7.66
C PRO A 77 5.26 -11.55 7.11
N ASN A 78 4.61 -10.64 7.85
CA ASN A 78 3.32 -10.11 7.45
C ASN A 78 3.22 -8.62 7.74
N PHE A 79 3.98 -7.82 7.00
CA PHE A 79 3.98 -6.37 7.18
C PHE A 79 4.81 -5.69 6.09
N HIS A 80 4.21 -4.70 5.44
CA HIS A 80 4.90 -3.96 4.37
C HIS A 80 5.05 -2.49 4.75
N GLN A 81 6.14 -1.88 4.31
CA GLN A 81 6.41 -0.48 4.62
C GLN A 81 7.31 0.15 3.56
N TRP A 82 6.99 1.38 3.15
CA TRP A 82 7.79 2.08 2.16
C TRP A 82 7.83 3.58 2.42
N ARG A 83 9.00 4.18 2.17
CA ARG A 83 9.19 5.60 2.35
C ARG A 83 9.19 6.28 0.97
N ASP A 84 8.17 7.06 0.69
CA ASP A 84 8.07 7.73 -0.61
C ASP A 84 8.65 9.14 -0.55
N ALA A 85 7.80 10.14 -0.29
CA ALA A 85 8.25 11.52 -0.23
C ALA A 85 8.96 11.82 1.08
N ARG A 86 8.19 11.86 2.17
CA ARG A 86 8.76 12.14 3.49
C ARG A 86 8.11 11.27 4.57
N GLN A 87 7.06 10.52 4.20
CA GLN A 87 6.38 9.67 5.15
C GLN A 87 6.69 8.21 4.87
N VAL A 88 5.95 7.34 5.52
CA VAL A 88 6.13 5.90 5.34
C VAL A 88 4.79 5.20 5.38
N TRP A 89 4.45 4.52 4.30
CA TRP A 89 3.18 3.81 4.20
C TRP A 89 3.32 2.38 4.66
N GLY A 90 2.82 2.10 5.85
CA GLY A 90 2.89 0.76 6.40
C GLY A 90 1.57 0.04 6.38
N LEU A 91 1.58 -1.23 6.76
CA LEU A 91 0.36 -2.03 6.79
C LEU A 91 0.62 -3.43 7.31
N ASN A 92 -0.29 -3.92 8.15
CA ASN A 92 -0.18 -5.26 8.71
C ASN A 92 -1.13 -6.22 8.00
N PHE A 93 -0.57 -7.28 7.42
CA PHE A 93 -1.37 -8.26 6.71
C PHE A 93 -1.94 -9.31 7.65
N GLY A 94 -2.98 -9.99 7.19
CA GLY A 94 -3.60 -11.03 7.98
C GLY A 94 -2.78 -12.30 8.01
N SER A 95 -2.01 -12.53 6.95
CA SER A 95 -1.17 -13.71 6.87
C SER A 95 -0.07 -13.52 5.82
N LYS A 96 0.88 -14.45 5.79
CA LYS A 96 1.98 -14.38 4.84
C LYS A 96 1.47 -14.39 3.40
N GLU A 97 0.30 -14.97 3.19
CA GLU A 97 -0.30 -15.04 1.87
C GLU A 97 -0.71 -13.65 1.38
N ASP A 98 -1.43 -12.92 2.22
CA ASP A 98 -1.86 -11.57 1.87
C ASP A 98 -0.67 -10.69 1.57
N ALA A 99 0.24 -10.61 2.53
CA ALA A 99 1.45 -9.82 2.38
C ALA A 99 2.25 -10.23 1.15
N ALA A 100 2.14 -11.50 0.78
CA ALA A 100 2.85 -12.01 -0.39
C ALA A 100 2.23 -11.50 -1.69
N GLN A 101 0.92 -11.27 -1.66
CA GLN A 101 0.20 -10.78 -2.83
C GLN A 101 0.41 -9.29 -3.02
N PHE A 102 0.34 -8.54 -1.92
CA PHE A 102 0.51 -7.10 -1.96
C PHE A 102 1.83 -6.72 -2.64
N ALA A 103 2.90 -7.39 -2.25
CA ALA A 103 4.22 -7.13 -2.82
C ALA A 103 4.29 -7.65 -4.25
N ALA A 104 3.54 -8.70 -4.53
CA ALA A 104 3.51 -9.29 -5.86
C ALA A 104 3.35 -8.23 -6.94
N GLY A 105 2.22 -7.55 -6.92
CA GLY A 105 1.98 -6.50 -7.90
C GLY A 105 2.91 -5.33 -7.73
N MET A 106 3.02 -4.85 -6.49
CA MET A 106 3.89 -3.73 -6.17
C MET A 106 5.28 -3.96 -6.76
N ALA A 107 5.92 -5.03 -6.32
CA ALA A 107 7.26 -5.37 -6.81
C ALA A 107 7.33 -5.23 -8.32
N SER A 108 6.24 -5.60 -8.99
CA SER A 108 6.16 -5.49 -10.43
C SER A 108 6.14 -4.02 -10.85
N ALA A 109 5.46 -3.20 -10.04
CA ALA A 109 5.37 -1.77 -10.32
C ALA A 109 6.74 -1.11 -10.21
N LEU A 110 7.41 -1.36 -9.09
CA LEU A 110 8.74 -0.79 -8.86
C LEU A 110 9.74 -1.33 -9.89
N GLU A 111 9.39 -2.43 -10.53
CA GLU A 111 10.25 -3.05 -11.52
C GLU A 111 9.90 -2.58 -12.94
N ALA A 112 8.66 -2.18 -13.13
CA ALA A 112 8.21 -1.70 -14.43
C ALA A 112 8.27 -0.19 -14.47
N LEU A 113 8.73 0.40 -13.38
CA LEU A 113 8.86 1.83 -13.26
C LEU A 113 10.33 2.24 -13.20
N GLU A 114 11.14 1.38 -12.60
CA GLU A 114 12.57 1.63 -12.48
C GLU A 114 13.31 1.11 -13.71
N GLY A 115 12.80 0.03 -14.29
CA GLY A 115 13.42 -0.55 -15.46
C GLY A 115 14.09 -1.87 -15.17
N MET A 1 -10.47 5.57 -20.63
CA MET A 1 -11.08 4.65 -19.63
C MET A 1 -10.34 4.70 -18.31
N SER A 2 -10.91 4.06 -17.29
CA SER A 2 -10.31 4.03 -15.96
C SER A 2 -8.91 3.42 -16.01
N GLU A 3 -8.35 3.14 -14.85
CA GLU A 3 -7.02 2.55 -14.75
C GLU A 3 -7.10 1.03 -14.74
N THR A 4 -5.97 0.40 -14.44
CA THR A 4 -5.92 -1.07 -14.40
C THR A 4 -5.30 -1.55 -13.09
N VAL A 5 -6.14 -2.09 -12.21
CA VAL A 5 -5.67 -2.59 -10.93
C VAL A 5 -4.66 -3.72 -11.13
N ILE A 6 -3.69 -3.81 -10.22
CA ILE A 6 -2.65 -4.84 -10.32
C ILE A 6 -2.96 -6.03 -9.41
N CYS A 7 -2.88 -5.82 -8.10
CA CYS A 7 -3.15 -6.89 -7.14
C CYS A 7 -4.08 -6.44 -6.03
N SER A 8 -4.30 -7.32 -5.05
CA SER A 8 -5.17 -7.02 -3.93
C SER A 8 -4.78 -7.82 -2.69
N SER A 9 -4.40 -7.13 -1.62
CA SER A 9 -4.00 -7.79 -0.38
C SER A 9 -4.88 -7.38 0.79
N ARG A 10 -4.88 -8.20 1.84
CA ARG A 10 -5.66 -7.94 3.05
C ARG A 10 -4.71 -7.53 4.18
N ALA A 11 -4.89 -6.32 4.68
CA ALA A 11 -4.03 -5.81 5.74
C ALA A 11 -4.61 -4.55 6.36
N THR A 12 -3.84 -3.90 7.22
CA THR A 12 -4.28 -2.67 7.87
C THR A 12 -3.28 -1.55 7.60
N VAL A 13 -3.51 -0.81 6.52
CA VAL A 13 -2.62 0.28 6.14
C VAL A 13 -2.21 1.10 7.36
N MET A 14 -1.01 1.64 7.30
CA MET A 14 -0.47 2.42 8.41
C MET A 14 0.37 3.60 7.90
N LEU A 15 0.63 4.56 8.77
CA LEU A 15 1.42 5.74 8.42
C LEU A 15 2.42 6.06 9.53
N TYR A 16 3.71 5.89 9.23
CA TYR A 16 4.75 6.15 10.22
C TYR A 16 4.99 7.64 10.39
N ASP A 17 5.35 8.02 11.62
CA ASP A 17 5.64 9.41 11.95
C ASP A 17 7.08 9.55 12.39
N ASP A 18 7.97 9.80 11.44
CA ASP A 18 9.40 9.95 11.72
C ASP A 18 9.64 10.99 12.82
N GLY A 19 8.68 11.87 13.02
CA GLY A 19 8.81 12.90 14.03
C GLY A 19 9.15 12.34 15.41
N ASN A 20 8.39 11.34 15.84
CA ASN A 20 8.62 10.70 17.13
C ASN A 20 8.78 9.19 16.98
N LYS A 21 9.06 8.74 15.76
CA LYS A 21 9.25 7.32 15.48
C LYS A 21 8.07 6.50 16.01
N ARG A 22 7.08 6.29 15.15
CA ARG A 22 5.89 5.53 15.54
C ARG A 22 4.88 5.47 14.39
N TRP A 23 4.09 4.40 14.36
CA TRP A 23 3.08 4.24 13.32
C TRP A 23 1.87 5.14 13.60
N LEU A 24 1.00 5.26 12.61
CA LEU A 24 -0.19 6.08 12.75
C LEU A 24 -1.24 5.69 11.70
N PRO A 25 -2.50 5.45 12.13
CA PRO A 25 -3.59 5.05 11.22
C PRO A 25 -3.66 5.93 9.98
N ALA A 26 -3.02 5.48 8.89
CA ALA A 26 -3.03 6.21 7.63
C ALA A 26 -4.43 6.69 7.27
N GLY A 27 -5.42 5.82 7.46
CA GLY A 27 -6.79 6.17 7.15
C GLY A 27 -7.27 7.39 7.90
N THR A 28 -8.18 7.19 8.85
CA THR A 28 -8.72 8.31 9.62
C THR A 28 -8.59 8.04 11.12
N GLY A 29 -9.08 6.89 11.56
CA GLY A 29 -9.00 6.54 12.97
C GLY A 29 -9.20 5.06 13.22
N PRO A 30 -10.46 4.59 13.27
CA PRO A 30 -10.77 3.17 13.50
C PRO A 30 -9.95 2.24 12.62
N GLN A 31 -9.98 0.96 12.93
CA GLN A 31 -9.24 -0.03 12.16
C GLN A 31 -10.01 -1.33 12.01
N ALA A 32 -9.72 -2.06 10.94
CA ALA A 32 -10.38 -3.33 10.66
C ALA A 32 -9.90 -3.87 9.32
N PHE A 33 -8.59 -3.79 9.10
CA PHE A 33 -7.98 -4.26 7.86
C PHE A 33 -8.60 -3.55 6.68
N SER A 34 -8.06 -3.81 5.50
CA SER A 34 -8.55 -3.20 4.27
C SER A 34 -8.00 -3.92 3.06
N ARG A 35 -8.74 -3.87 1.96
CA ARG A 35 -8.32 -4.49 0.72
C ARG A 35 -7.60 -3.47 -0.15
N VAL A 36 -6.27 -3.48 -0.10
CA VAL A 36 -5.47 -2.55 -0.85
C VAL A 36 -5.05 -3.11 -2.20
N GLN A 37 -5.43 -2.41 -3.26
CA GLN A 37 -5.09 -2.80 -4.62
C GLN A 37 -4.19 -1.74 -5.25
N ILE A 38 -3.39 -2.15 -6.23
CA ILE A 38 -2.50 -1.22 -6.89
C ILE A 38 -3.05 -0.83 -8.26
N TYR A 39 -2.71 0.38 -8.71
CA TYR A 39 -3.20 0.86 -9.99
C TYR A 39 -2.06 0.96 -11.01
N HIS A 40 -2.24 0.27 -12.12
CA HIS A 40 -1.24 0.26 -13.18
C HIS A 40 -1.64 1.20 -14.33
N ASN A 41 -1.20 2.44 -14.24
CA ASN A 41 -1.51 3.44 -15.26
C ASN A 41 -0.31 3.63 -16.18
N PRO A 42 -0.21 2.83 -17.26
CA PRO A 42 0.90 2.93 -18.21
C PRO A 42 0.81 4.18 -19.09
N THR A 43 -0.39 4.75 -19.18
CA THR A 43 -0.59 5.96 -19.98
C THR A 43 0.42 7.03 -19.62
N ALA A 44 0.90 6.98 -18.38
CA ALA A 44 1.88 7.95 -17.89
C ALA A 44 3.07 7.25 -17.22
N ASN A 45 3.12 5.92 -17.34
CA ASN A 45 4.21 5.15 -16.73
C ASN A 45 4.27 5.41 -15.23
N SER A 46 3.12 5.32 -14.58
CA SER A 46 3.04 5.56 -13.14
C SER A 46 2.18 4.51 -12.46
N PHE A 47 2.28 4.45 -11.13
CA PHE A 47 1.50 3.49 -10.34
C PHE A 47 0.88 4.16 -9.13
N ARG A 48 0.03 3.44 -8.40
CA ARG A 48 -0.63 4.00 -7.23
C ARG A 48 -1.26 2.90 -6.38
N VAL A 49 -1.33 3.16 -5.07
CA VAL A 49 -1.93 2.21 -4.14
C VAL A 49 -3.29 2.71 -3.67
N VAL A 50 -4.27 1.81 -3.64
CA VAL A 50 -5.62 2.17 -3.23
C VAL A 50 -6.27 1.05 -2.43
N GLY A 51 -6.61 1.34 -1.17
CA GLY A 51 -7.23 0.33 -0.32
C GLY A 51 -8.37 0.88 0.50
N ARG A 52 -9.40 0.06 0.69
CA ARG A 52 -10.57 0.45 1.46
C ARG A 52 -10.85 -0.57 2.56
N LYS A 53 -11.40 -0.08 3.68
CA LYS A 53 -11.72 -0.94 4.81
C LYS A 53 -12.66 -2.07 4.39
N MET A 54 -12.84 -3.04 5.28
CA MET A 54 -13.72 -4.17 5.01
C MET A 54 -14.99 -4.09 5.85
N GLN A 55 -15.57 -2.90 5.89
CA GLN A 55 -16.80 -2.68 6.65
C GLN A 55 -17.87 -2.02 5.78
N PRO A 56 -19.14 -2.10 6.20
CA PRO A 56 -20.26 -1.51 5.46
C PRO A 56 -20.00 -0.06 5.06
N ASP A 57 -19.24 0.64 5.88
CA ASP A 57 -18.92 2.05 5.61
C ASP A 57 -18.12 2.18 4.32
N GLN A 58 -17.12 1.34 4.16
CA GLN A 58 -16.27 1.36 2.97
C GLN A 58 -15.53 2.70 2.86
N GLN A 59 -14.33 2.75 3.41
CA GLN A 59 -13.52 3.96 3.38
C GLN A 59 -12.10 3.66 2.92
N VAL A 60 -11.57 4.48 2.03
CA VAL A 60 -10.22 4.30 1.53
C VAL A 60 -9.19 4.64 2.60
N VAL A 61 -8.34 3.68 2.94
CA VAL A 61 -7.32 3.89 3.95
C VAL A 61 -5.99 4.32 3.32
N ILE A 62 -5.83 4.03 2.03
CA ILE A 62 -4.62 4.41 1.30
C ILE A 62 -4.96 4.89 -0.10
N ASN A 63 -4.27 5.94 -0.53
CA ASN A 63 -4.51 6.50 -1.86
C ASN A 63 -3.37 7.41 -2.27
N CYS A 64 -2.21 6.80 -2.53
CA CYS A 64 -1.02 7.56 -2.93
C CYS A 64 -0.37 6.92 -4.16
N ALA A 65 0.00 7.76 -5.12
CA ALA A 65 0.63 7.28 -6.35
C ALA A 65 2.11 6.96 -6.12
N ILE A 66 2.56 5.88 -6.77
CA ILE A 66 3.95 5.45 -6.66
C ILE A 66 4.61 5.43 -8.02
N VAL A 67 5.73 6.14 -8.15
CA VAL A 67 6.45 6.18 -9.42
C VAL A 67 7.95 6.10 -9.21
N ARG A 68 8.52 4.95 -9.59
CA ARG A 68 9.97 4.72 -9.48
C ARG A 68 10.58 5.48 -8.30
N GLY A 69 10.32 5.02 -7.07
CA GLY A 69 10.87 5.70 -5.92
C GLY A 69 10.70 4.94 -4.63
N VAL A 70 9.57 4.25 -4.47
CA VAL A 70 9.31 3.50 -3.26
C VAL A 70 9.86 2.08 -3.35
N LYS A 71 10.45 1.61 -2.25
CA LYS A 71 11.02 0.28 -2.18
C LYS A 71 10.40 -0.49 -1.02
N TYR A 72 9.41 -1.32 -1.32
CA TYR A 72 8.71 -2.11 -0.32
C TYR A 72 9.69 -2.76 0.66
N ASN A 73 9.60 -2.35 1.93
CA ASN A 73 10.47 -2.88 2.97
C ASN A 73 9.69 -3.74 3.96
N GLN A 74 9.65 -5.04 3.70
CA GLN A 74 8.93 -5.97 4.57
C GLN A 74 9.57 -6.04 5.95
N ALA A 75 9.07 -5.21 6.87
CA ALA A 75 9.59 -5.18 8.23
C ALA A 75 9.45 -6.54 8.90
N THR A 76 8.27 -7.15 8.74
CA THR A 76 8.00 -8.45 9.33
C THR A 76 7.31 -9.36 8.31
N PRO A 77 7.37 -10.69 8.51
CA PRO A 77 6.75 -11.65 7.60
C PRO A 77 5.35 -11.24 7.18
N ASN A 78 4.67 -10.48 8.03
CA ASN A 78 3.31 -10.02 7.74
C ASN A 78 3.22 -8.49 7.81
N PHE A 79 4.18 -7.82 7.16
CA PHE A 79 4.21 -6.36 7.13
C PHE A 79 4.95 -5.84 5.92
N HIS A 80 4.44 -4.76 5.33
CA HIS A 80 5.05 -4.16 4.16
C HIS A 80 5.11 -2.65 4.29
N GLN A 81 6.23 -2.15 4.79
CA GLN A 81 6.43 -0.72 4.99
C GLN A 81 7.34 -0.13 3.92
N TRP A 82 7.01 1.08 3.46
CA TRP A 82 7.80 1.76 2.45
C TRP A 82 7.87 3.26 2.69
N ARG A 83 9.00 3.86 2.33
CA ARG A 83 9.20 5.29 2.48
C ARG A 83 9.14 5.95 1.10
N ASP A 84 8.11 6.77 0.88
CA ASP A 84 7.94 7.42 -0.41
C ASP A 84 8.57 8.82 -0.42
N ALA A 85 7.78 9.84 -0.07
CA ALA A 85 8.27 11.21 -0.06
C ALA A 85 8.99 11.53 1.24
N ARG A 86 8.22 11.57 2.33
CA ARG A 86 8.79 11.87 3.65
C ARG A 86 8.13 11.02 4.74
N GLN A 87 7.08 10.30 4.39
CA GLN A 87 6.38 9.46 5.34
C GLN A 87 6.60 7.99 5.03
N VAL A 88 5.94 7.13 5.79
CA VAL A 88 6.06 5.70 5.60
C VAL A 88 4.70 5.02 5.70
N TRP A 89 4.38 4.19 4.73
CA TRP A 89 3.11 3.49 4.71
C TRP A 89 3.29 2.02 5.08
N GLY A 90 3.00 1.69 6.34
CA GLY A 90 3.13 0.32 6.80
C GLY A 90 1.85 -0.47 6.64
N LEU A 91 1.95 -1.61 5.97
CA LEU A 91 0.80 -2.47 5.75
C LEU A 91 0.86 -3.73 6.61
N ASN A 92 -0.02 -3.80 7.60
CA ASN A 92 -0.07 -4.99 8.46
C ASN A 92 -1.08 -5.97 7.91
N PHE A 93 -0.56 -7.08 7.39
CA PHE A 93 -1.39 -8.12 6.80
C PHE A 93 -1.82 -9.15 7.83
N GLY A 94 -2.83 -9.94 7.45
CA GLY A 94 -3.33 -10.97 8.34
C GLY A 94 -2.64 -12.31 8.14
N SER A 95 -2.39 -12.65 6.88
CA SER A 95 -1.74 -13.92 6.55
C SER A 95 -0.51 -13.67 5.67
N LYS A 96 0.38 -14.68 5.61
CA LYS A 96 1.59 -14.57 4.81
C LYS A 96 1.25 -14.38 3.34
N GLU A 97 0.12 -14.94 2.91
CA GLU A 97 -0.32 -14.83 1.52
C GLU A 97 -0.64 -13.39 1.17
N ASP A 98 -1.40 -12.72 2.05
CA ASP A 98 -1.77 -11.33 1.82
C ASP A 98 -0.54 -10.47 1.61
N ALA A 99 0.35 -10.46 2.61
CA ALA A 99 1.57 -9.69 2.54
C ALA A 99 2.39 -10.04 1.30
N ALA A 100 2.33 -11.32 0.92
CA ALA A 100 3.06 -11.79 -0.25
C ALA A 100 2.38 -11.33 -1.54
N GLN A 101 1.05 -11.37 -1.54
CA GLN A 101 0.28 -10.95 -2.70
C GLN A 101 0.42 -9.45 -2.95
N PHE A 102 0.36 -8.69 -1.86
CA PHE A 102 0.49 -7.23 -1.93
C PHE A 102 1.76 -6.83 -2.66
N ALA A 103 2.89 -7.39 -2.24
CA ALA A 103 4.16 -7.09 -2.88
C ALA A 103 4.19 -7.60 -4.32
N ALA A 104 3.37 -8.63 -4.59
CA ALA A 104 3.29 -9.21 -5.91
C ALA A 104 3.07 -8.14 -6.97
N GLY A 105 1.95 -7.45 -6.87
CA GLY A 105 1.64 -6.38 -7.81
C GLY A 105 2.60 -5.23 -7.68
N MET A 106 2.76 -4.75 -6.45
CA MET A 106 3.65 -3.64 -6.17
C MET A 106 5.01 -3.87 -6.82
N ALA A 107 5.67 -4.95 -6.39
CA ALA A 107 6.98 -5.30 -6.93
C ALA A 107 6.99 -5.14 -8.44
N SER A 108 5.86 -5.48 -9.07
CA SER A 108 5.72 -5.34 -10.51
C SER A 108 5.76 -3.87 -10.90
N ALA A 109 5.10 -3.04 -10.10
CA ALA A 109 5.09 -1.59 -10.34
C ALA A 109 6.50 -1.04 -10.27
N LEU A 110 7.16 -1.27 -9.14
CA LEU A 110 8.53 -0.79 -8.94
C LEU A 110 9.47 -1.38 -9.99
N GLU A 111 9.06 -2.48 -10.61
CA GLU A 111 9.86 -3.13 -11.62
C GLU A 111 9.57 -2.59 -13.01
N ALA A 112 8.39 -2.01 -13.16
CA ALA A 112 7.99 -1.44 -14.44
C ALA A 112 8.15 0.08 -14.40
N LEU A 113 8.64 0.57 -13.27
CA LEU A 113 8.84 1.99 -13.08
C LEU A 113 10.33 2.27 -12.89
N GLU A 114 11.04 1.33 -12.28
CA GLU A 114 12.47 1.47 -12.04
C GLU A 114 13.26 0.58 -13.00
N GLY A 115 12.65 -0.53 -13.41
CA GLY A 115 13.32 -1.43 -14.33
C GLY A 115 13.04 -1.10 -15.78
N MET A 1 -8.45 4.40 -19.90
CA MET A 1 -9.81 4.76 -19.43
C MET A 1 -9.81 5.03 -17.93
N SER A 2 -9.70 3.96 -17.14
CA SER A 2 -9.70 4.09 -15.68
C SER A 2 -8.55 3.26 -15.08
N GLU A 3 -7.37 3.39 -15.67
CA GLU A 3 -6.20 2.66 -15.20
C GLU A 3 -6.45 1.16 -15.19
N THR A 4 -5.51 0.40 -14.62
CA THR A 4 -5.64 -1.05 -14.56
C THR A 4 -5.08 -1.58 -13.24
N VAL A 5 -5.96 -2.10 -12.39
CA VAL A 5 -5.55 -2.64 -11.10
C VAL A 5 -4.52 -3.76 -11.29
N ILE A 6 -3.61 -3.88 -10.32
CA ILE A 6 -2.56 -4.90 -10.39
C ILE A 6 -2.90 -6.10 -9.51
N CYS A 7 -2.88 -5.89 -8.20
CA CYS A 7 -3.17 -6.97 -7.25
C CYS A 7 -4.07 -6.51 -6.11
N SER A 8 -4.33 -7.40 -5.17
CA SER A 8 -5.20 -7.09 -4.02
C SER A 8 -4.81 -7.94 -2.81
N SER A 9 -4.52 -7.28 -1.69
CA SER A 9 -4.16 -7.99 -0.47
C SER A 9 -4.90 -7.43 0.74
N ARG A 10 -5.17 -8.31 1.72
CA ARG A 10 -5.87 -7.90 2.94
C ARG A 10 -4.84 -7.54 4.02
N ALA A 11 -4.99 -6.37 4.60
CA ALA A 11 -4.06 -5.91 5.63
C ALA A 11 -4.58 -4.65 6.33
N THR A 12 -3.77 -4.12 7.23
CA THR A 12 -4.13 -2.92 7.96
C THR A 12 -3.13 -1.79 7.66
N VAL A 13 -3.45 -0.98 6.66
CA VAL A 13 -2.59 0.12 6.27
C VAL A 13 -2.08 0.89 7.50
N MET A 14 -0.93 1.53 7.34
CA MET A 14 -0.33 2.29 8.44
C MET A 14 0.53 3.42 7.91
N LEU A 15 0.52 4.55 8.61
CA LEU A 15 1.31 5.72 8.22
C LEU A 15 2.28 6.10 9.33
N TYR A 16 3.58 5.97 9.05
CA TYR A 16 4.61 6.28 10.04
C TYR A 16 4.74 7.78 10.25
N ASP A 17 5.16 8.15 11.46
CA ASP A 17 5.35 9.55 11.81
C ASP A 17 6.79 9.80 12.27
N ASP A 18 7.67 10.06 11.30
CA ASP A 18 9.08 10.30 11.60
C ASP A 18 9.24 11.38 12.67
N GLY A 19 8.24 12.24 12.82
CA GLY A 19 8.30 13.30 13.81
C GLY A 19 8.54 12.76 15.20
N ASN A 20 7.87 11.66 15.54
CA ASN A 20 8.02 11.04 16.85
C ASN A 20 8.36 9.55 16.71
N LYS A 21 8.78 9.16 15.51
CA LYS A 21 9.13 7.77 15.24
C LYS A 21 8.07 6.81 15.77
N ARG A 22 7.02 6.61 14.98
CA ARG A 22 5.92 5.73 15.38
C ARG A 22 4.88 5.62 14.26
N TRP A 23 4.22 4.47 14.20
CA TRP A 23 3.20 4.25 13.18
C TRP A 23 1.97 5.11 13.44
N LEU A 24 1.07 5.17 12.47
CA LEU A 24 -0.15 5.95 12.59
C LEU A 24 -1.15 5.56 11.51
N PRO A 25 -2.30 4.98 11.89
CA PRO A 25 -3.34 4.55 10.95
C PRO A 25 -3.56 5.57 9.82
N ALA A 26 -2.98 5.28 8.66
CA ALA A 26 -3.12 6.16 7.49
C ALA A 26 -4.56 6.62 7.31
N GLY A 27 -5.49 5.68 7.44
CA GLY A 27 -6.90 6.00 7.29
C GLY A 27 -7.36 7.11 8.21
N THR A 28 -7.72 6.74 9.44
CA THR A 28 -8.18 7.72 10.42
C THR A 28 -7.89 7.23 11.84
N GLY A 29 -8.76 6.37 12.35
CA GLY A 29 -8.59 5.84 13.70
C GLY A 29 -8.68 4.33 13.75
N PRO A 30 -9.88 3.76 13.53
CA PRO A 30 -10.08 2.31 13.56
C PRO A 30 -9.06 1.57 12.71
N GLN A 31 -9.05 0.24 12.83
CA GLN A 31 -8.12 -0.58 12.07
C GLN A 31 -8.72 -1.95 11.76
N ALA A 32 -9.81 -1.95 11.00
CA ALA A 32 -10.48 -3.18 10.63
C ALA A 32 -9.97 -3.69 9.28
N PHE A 33 -8.65 -3.73 9.13
CA PHE A 33 -8.02 -4.17 7.90
C PHE A 33 -8.52 -3.36 6.72
N SER A 34 -8.05 -3.70 5.53
CA SER A 34 -8.44 -3.00 4.32
C SER A 34 -7.95 -3.74 3.08
N ARG A 35 -8.73 -3.66 2.01
CA ARG A 35 -8.37 -4.30 0.76
C ARG A 35 -7.65 -3.30 -0.13
N VAL A 36 -6.33 -3.36 -0.12
CA VAL A 36 -5.53 -2.43 -0.91
C VAL A 36 -5.08 -3.05 -2.23
N GLN A 37 -5.42 -2.38 -3.32
CA GLN A 37 -5.05 -2.80 -4.65
C GLN A 37 -4.10 -1.80 -5.27
N ILE A 38 -3.38 -2.21 -6.30
CA ILE A 38 -2.44 -1.31 -6.95
C ILE A 38 -2.96 -0.92 -8.33
N TYR A 39 -2.65 0.29 -8.75
CA TYR A 39 -3.10 0.78 -10.04
C TYR A 39 -1.93 0.86 -11.03
N HIS A 40 -2.02 0.09 -12.11
CA HIS A 40 -0.99 0.07 -13.13
C HIS A 40 -1.31 1.05 -14.25
N ASN A 41 -0.88 2.29 -14.07
CA ASN A 41 -1.11 3.34 -15.06
C ASN A 41 0.13 3.52 -15.95
N PRO A 42 0.14 2.92 -17.15
CA PRO A 42 1.28 3.03 -18.06
C PRO A 42 1.21 4.28 -18.93
N THR A 43 0.00 4.82 -19.10
CA THR A 43 -0.20 6.02 -19.90
C THR A 43 0.82 7.10 -19.52
N ALA A 44 1.21 7.09 -18.25
CA ALA A 44 2.18 8.05 -17.74
C ALA A 44 3.32 7.35 -17.01
N ASN A 45 3.31 6.02 -17.02
CA ASN A 45 4.34 5.24 -16.34
C ASN A 45 4.32 5.53 -14.85
N SER A 46 3.13 5.47 -14.27
CA SER A 46 2.96 5.73 -12.85
C SER A 46 2.09 4.66 -12.19
N PHE A 47 2.30 4.44 -10.90
CA PHE A 47 1.54 3.45 -10.15
C PHE A 47 0.81 4.10 -8.99
N ARG A 48 -0.17 3.40 -8.43
CA ARG A 48 -0.94 3.92 -7.31
C ARG A 48 -1.41 2.82 -6.37
N VAL A 49 -1.54 3.18 -5.09
CA VAL A 49 -2.00 2.25 -4.07
C VAL A 49 -3.36 2.68 -3.56
N VAL A 50 -4.35 1.81 -3.71
CA VAL A 50 -5.71 2.14 -3.28
C VAL A 50 -6.29 1.05 -2.39
N GLY A 51 -6.67 1.43 -1.17
CA GLY A 51 -7.23 0.47 -0.24
C GLY A 51 -8.35 1.07 0.59
N ARG A 52 -9.31 0.23 0.97
CA ARG A 52 -10.44 0.67 1.78
C ARG A 52 -10.72 -0.31 2.92
N LYS A 53 -11.38 0.18 3.95
CA LYS A 53 -11.71 -0.66 5.10
C LYS A 53 -12.75 -1.71 4.74
N MET A 54 -12.82 -2.78 5.53
CA MET A 54 -13.77 -3.86 5.28
C MET A 54 -14.97 -3.75 6.22
N GLN A 55 -15.51 -2.54 6.33
CA GLN A 55 -16.67 -2.30 7.19
C GLN A 55 -17.86 -1.80 6.38
N PRO A 56 -19.08 -1.87 6.94
CA PRO A 56 -20.29 -1.43 6.26
C PRO A 56 -20.16 -0.01 5.72
N ASP A 57 -19.29 0.79 6.34
CA ASP A 57 -19.07 2.16 5.91
C ASP A 57 -18.26 2.21 4.62
N GLN A 58 -17.23 1.38 4.54
CA GLN A 58 -16.37 1.33 3.36
C GLN A 58 -15.71 2.69 3.12
N GLN A 59 -14.45 2.79 3.53
CA GLN A 59 -13.70 4.03 3.37
C GLN A 59 -12.27 3.75 2.92
N VAL A 60 -11.78 4.54 1.97
CA VAL A 60 -10.43 4.36 1.46
C VAL A 60 -9.40 4.81 2.50
N VAL A 61 -8.52 3.88 2.87
CA VAL A 61 -7.48 4.17 3.85
C VAL A 61 -6.18 4.60 3.17
N ILE A 62 -6.03 4.25 1.90
CA ILE A 62 -4.86 4.61 1.13
C ILE A 62 -5.24 5.00 -0.30
N ASN A 63 -4.66 6.09 -0.79
CA ASN A 63 -4.96 6.55 -2.14
C ASN A 63 -3.85 7.47 -2.65
N CYS A 64 -2.64 6.92 -2.74
CA CYS A 64 -1.49 7.69 -3.21
C CYS A 64 -0.91 7.06 -4.48
N ALA A 65 -0.03 7.80 -5.14
CA ALA A 65 0.61 7.32 -6.36
C ALA A 65 2.10 7.06 -6.15
N ILE A 66 2.55 5.87 -6.54
CA ILE A 66 3.95 5.53 -6.39
C ILE A 66 4.66 5.50 -7.74
N VAL A 67 5.91 5.94 -7.74
CA VAL A 67 6.71 5.96 -8.95
C VAL A 67 8.10 5.41 -8.68
N ARG A 68 9.00 5.57 -9.64
CA ARG A 68 10.37 5.08 -9.49
C ARG A 68 11.02 5.69 -8.23
N GLY A 69 10.91 4.98 -7.11
CA GLY A 69 11.49 5.49 -5.89
C GLY A 69 11.07 4.73 -4.64
N VAL A 70 9.89 4.12 -4.68
CA VAL A 70 9.40 3.38 -3.52
C VAL A 70 9.74 1.90 -3.63
N LYS A 71 10.47 1.39 -2.63
CA LYS A 71 10.85 -0.01 -2.60
C LYS A 71 10.42 -0.66 -1.29
N TYR A 72 9.55 -1.66 -1.40
CA TYR A 72 9.06 -2.37 -0.22
C TYR A 72 10.21 -2.83 0.66
N ASN A 73 10.13 -2.48 1.95
CA ASN A 73 11.18 -2.84 2.91
C ASN A 73 10.82 -4.14 3.62
N GLN A 74 9.52 -4.39 3.77
CA GLN A 74 9.06 -5.60 4.45
C GLN A 74 9.53 -5.63 5.90
N ALA A 75 8.86 -4.86 6.74
CA ALA A 75 9.22 -4.78 8.17
C ALA A 75 9.25 -6.18 8.80
N THR A 76 8.30 -7.01 8.42
CA THR A 76 8.21 -8.37 8.95
C THR A 76 7.58 -9.31 7.92
N PRO A 77 7.54 -10.62 8.20
CA PRO A 77 6.95 -11.60 7.29
C PRO A 77 5.55 -11.22 6.85
N ASN A 78 4.88 -10.41 7.67
CA ASN A 78 3.52 -9.96 7.36
C ASN A 78 3.40 -8.46 7.56
N PHE A 79 4.31 -7.70 6.95
CA PHE A 79 4.29 -6.24 7.06
C PHE A 79 5.07 -5.60 5.93
N HIS A 80 4.36 -5.04 4.95
CA HIS A 80 5.00 -4.38 3.82
C HIS A 80 4.94 -2.86 3.98
N GLN A 81 6.08 -2.27 4.32
CA GLN A 81 6.18 -0.83 4.54
C GLN A 81 7.12 -0.19 3.51
N TRP A 82 6.78 1.02 3.09
CA TRP A 82 7.60 1.75 2.12
C TRP A 82 7.62 3.25 2.41
N ARG A 83 8.75 3.88 2.11
CA ARG A 83 8.91 5.31 2.29
C ARG A 83 8.95 5.99 0.93
N ASP A 84 7.93 6.77 0.62
CA ASP A 84 7.85 7.43 -0.67
C ASP A 84 8.45 8.84 -0.63
N ALA A 85 7.60 9.85 -0.45
CA ALA A 85 8.06 11.24 -0.42
C ALA A 85 8.70 11.57 0.93
N ARG A 86 7.88 11.64 1.97
CA ARG A 86 8.36 11.96 3.31
C ARG A 86 7.69 11.09 4.37
N GLN A 87 6.66 10.33 3.97
CA GLN A 87 5.96 9.47 4.90
C GLN A 87 6.24 8.00 4.60
N VAL A 88 5.75 7.13 5.47
CA VAL A 88 5.93 5.70 5.30
C VAL A 88 4.59 4.98 5.43
N TRP A 89 4.30 4.12 4.47
CA TRP A 89 3.04 3.37 4.47
C TRP A 89 3.25 1.92 4.88
N GLY A 90 3.02 1.63 6.15
CA GLY A 90 3.19 0.27 6.64
C GLY A 90 1.90 -0.53 6.55
N LEU A 91 1.97 -1.65 5.85
CA LEU A 91 0.80 -2.51 5.69
C LEU A 91 0.91 -3.77 6.53
N ASN A 92 0.06 -3.87 7.55
CA ASN A 92 0.07 -5.05 8.41
C ASN A 92 -0.94 -6.07 7.89
N PHE A 93 -0.42 -7.09 7.24
CA PHE A 93 -1.25 -8.14 6.66
C PHE A 93 -1.84 -9.06 7.73
N GLY A 94 -2.97 -9.66 7.40
CA GLY A 94 -3.63 -10.56 8.33
C GLY A 94 -3.21 -12.01 8.13
N SER A 95 -2.84 -12.34 6.90
CA SER A 95 -2.41 -13.70 6.58
C SER A 95 -1.12 -13.68 5.76
N LYS A 96 -0.46 -14.83 5.67
CA LYS A 96 0.79 -14.94 4.91
C LYS A 96 0.54 -14.73 3.42
N GLU A 97 -0.66 -15.09 2.97
CA GLU A 97 -1.01 -14.95 1.56
C GLU A 97 -1.14 -13.48 1.18
N ASP A 98 -1.95 -12.74 1.94
CA ASP A 98 -2.15 -11.32 1.68
C ASP A 98 -0.82 -10.61 1.50
N ALA A 99 0.03 -10.71 2.52
CA ALA A 99 1.35 -10.08 2.50
C ALA A 99 2.12 -10.46 1.23
N ALA A 100 2.05 -11.72 0.85
CA ALA A 100 2.74 -12.20 -0.35
C ALA A 100 2.10 -11.67 -1.62
N GLN A 101 0.79 -11.47 -1.58
CA GLN A 101 0.05 -10.98 -2.74
C GLN A 101 0.30 -9.48 -2.95
N PHE A 102 0.19 -8.71 -1.86
CA PHE A 102 0.39 -7.26 -1.93
C PHE A 102 1.71 -6.94 -2.62
N ALA A 103 2.79 -7.55 -2.13
CA ALA A 103 4.12 -7.32 -2.71
C ALA A 103 4.13 -7.77 -4.17
N ALA A 104 3.36 -8.81 -4.47
CA ALA A 104 3.28 -9.35 -5.82
C ALA A 104 3.15 -8.24 -6.86
N GLY A 105 2.02 -7.54 -6.81
CA GLY A 105 1.80 -6.45 -7.74
C GLY A 105 2.72 -5.28 -7.48
N MET A 106 2.84 -4.93 -6.20
CA MET A 106 3.71 -3.83 -5.80
C MET A 106 5.08 -3.96 -6.45
N ALA A 107 5.76 -5.06 -6.16
CA ALA A 107 7.07 -5.34 -6.72
C ALA A 107 7.04 -5.10 -8.22
N SER A 108 5.92 -5.44 -8.85
CA SER A 108 5.75 -5.26 -10.28
C SER A 108 5.76 -3.77 -10.61
N ALA A 109 5.22 -2.95 -9.70
CA ALA A 109 5.19 -1.51 -9.90
C ALA A 109 6.59 -0.91 -9.78
N LEU A 110 7.27 -1.26 -8.70
CA LEU A 110 8.62 -0.78 -8.45
C LEU A 110 9.60 -1.28 -9.52
N GLU A 111 9.19 -2.32 -10.24
CA GLU A 111 10.04 -2.91 -11.28
C GLU A 111 9.64 -2.41 -12.67
N ALA A 112 8.42 -1.91 -12.78
CA ALA A 112 7.93 -1.40 -14.05
C ALA A 112 8.07 0.11 -14.08
N LEU A 113 8.58 0.66 -12.98
CA LEU A 113 8.76 2.09 -12.86
C LEU A 113 10.25 2.42 -12.72
N GLU A 114 11.00 1.52 -12.09
CA GLU A 114 12.42 1.71 -11.90
C GLU A 114 13.21 1.02 -13.01
N GLY A 115 12.63 -0.04 -13.56
CA GLY A 115 13.29 -0.78 -14.63
C GLY A 115 12.36 -1.10 -15.78
N MET A 1 -9.91 7.94 -17.70
CA MET A 1 -10.99 7.57 -16.74
C MET A 1 -10.85 6.13 -16.26
N SER A 2 -10.60 5.97 -14.97
CA SER A 2 -10.43 4.65 -14.38
C SER A 2 -9.22 3.94 -14.97
N GLU A 3 -8.40 3.34 -14.10
CA GLU A 3 -7.21 2.62 -14.54
C GLU A 3 -7.33 1.13 -14.23
N THR A 4 -6.26 0.39 -14.53
CA THR A 4 -6.25 -1.05 -14.29
C THR A 4 -5.58 -1.39 -12.97
N VAL A 5 -6.12 -2.39 -12.27
CA VAL A 5 -5.56 -2.81 -10.99
C VAL A 5 -4.49 -3.87 -11.20
N ILE A 6 -3.61 -4.04 -10.21
CA ILE A 6 -2.52 -5.01 -10.31
C ILE A 6 -2.69 -6.14 -9.32
N CYS A 7 -2.72 -5.80 -8.03
CA CYS A 7 -2.84 -6.81 -6.98
C CYS A 7 -3.96 -6.46 -6.00
N SER A 8 -4.17 -7.35 -5.04
CA SER A 8 -5.20 -7.16 -4.02
C SER A 8 -4.90 -7.99 -2.77
N SER A 9 -4.54 -7.33 -1.68
CA SER A 9 -4.22 -8.04 -0.44
C SER A 9 -4.99 -7.49 0.75
N ARG A 10 -5.02 -8.28 1.82
CA ARG A 10 -5.71 -7.89 3.06
C ARG A 10 -4.68 -7.50 4.12
N ALA A 11 -4.84 -6.31 4.70
CA ALA A 11 -3.91 -5.84 5.71
C ALA A 11 -4.45 -4.58 6.39
N THR A 12 -3.66 -4.04 7.31
CA THR A 12 -4.05 -2.83 8.03
C THR A 12 -3.13 -1.68 7.68
N VAL A 13 -3.49 -0.94 6.63
CA VAL A 13 -2.68 0.20 6.19
C VAL A 13 -2.26 1.06 7.37
N MET A 14 -1.01 1.47 7.35
CA MET A 14 -0.45 2.29 8.41
C MET A 14 0.39 3.43 7.85
N LEU A 15 0.63 4.45 8.66
CA LEU A 15 1.42 5.60 8.24
C LEU A 15 2.44 5.97 9.31
N TYR A 16 3.71 5.76 9.02
CA TYR A 16 4.78 6.06 9.97
C TYR A 16 5.00 7.57 10.08
N ASP A 17 5.38 8.00 11.28
CA ASP A 17 5.65 9.41 11.54
C ASP A 17 7.08 9.60 12.00
N ASP A 18 7.99 9.78 11.03
CA ASP A 18 9.41 9.97 11.33
C ASP A 18 9.61 11.10 12.33
N GLY A 19 8.64 12.02 12.40
CA GLY A 19 8.74 13.14 13.31
C GLY A 19 8.91 12.70 14.76
N ASN A 20 8.27 11.61 15.12
CA ASN A 20 8.36 11.08 16.48
C ASN A 20 8.60 9.57 16.47
N LYS A 21 8.96 9.03 15.31
CA LYS A 21 9.23 7.59 15.18
C LYS A 21 8.07 6.78 15.75
N ARG A 22 7.07 6.51 14.91
CA ARG A 22 5.90 5.75 15.35
C ARG A 22 4.87 5.64 14.23
N TRP A 23 4.19 4.51 14.17
CA TRP A 23 3.16 4.29 13.15
C TRP A 23 1.96 5.19 13.41
N LEU A 24 1.07 5.29 12.43
CA LEU A 24 -0.12 6.13 12.56
C LEU A 24 -1.18 5.73 11.54
N PRO A 25 -2.44 5.54 11.99
CA PRO A 25 -3.54 5.15 11.09
C PRO A 25 -3.57 5.96 9.81
N ALA A 26 -2.93 5.44 8.76
CA ALA A 26 -2.88 6.09 7.46
C ALA A 26 -4.24 6.67 7.07
N GLY A 27 -5.21 5.78 6.83
CA GLY A 27 -6.55 6.20 6.46
C GLY A 27 -7.06 7.37 7.26
N THR A 28 -7.83 7.09 8.31
CA THR A 28 -8.39 8.14 9.15
C THR A 28 -8.13 7.86 10.64
N GLY A 29 -9.01 7.07 11.25
CA GLY A 29 -8.85 6.75 12.66
C GLY A 29 -9.02 5.27 12.94
N PRO A 30 -10.26 4.81 13.19
CA PRO A 30 -10.54 3.40 13.47
C PRO A 30 -9.84 2.47 12.50
N GLN A 31 -9.71 1.19 12.87
CA GLN A 31 -9.06 0.21 12.02
C GLN A 31 -9.83 -1.11 11.98
N ALA A 32 -9.44 -1.96 11.04
CA ALA A 32 -10.06 -3.27 10.86
C ALA A 32 -9.63 -3.86 9.52
N PHE A 33 -8.33 -3.77 9.25
CA PHE A 33 -7.77 -4.27 8.01
C PHE A 33 -8.37 -3.52 6.82
N SER A 34 -7.98 -3.94 5.62
CA SER A 34 -8.49 -3.31 4.41
C SER A 34 -8.02 -4.06 3.17
N ARG A 35 -8.65 -3.78 2.05
CA ARG A 35 -8.31 -4.42 0.79
C ARG A 35 -7.59 -3.42 -0.12
N VAL A 36 -6.26 -3.44 -0.08
CA VAL A 36 -5.47 -2.51 -0.88
C VAL A 36 -5.05 -3.13 -2.20
N GLN A 37 -5.38 -2.43 -3.28
CA GLN A 37 -5.05 -2.87 -4.63
C GLN A 37 -4.15 -1.85 -5.30
N ILE A 38 -3.36 -2.29 -6.27
CA ILE A 38 -2.46 -1.39 -6.98
C ILE A 38 -3.01 -1.06 -8.35
N TYR A 39 -2.72 0.13 -8.85
CA TYR A 39 -3.20 0.54 -10.17
C TYR A 39 -2.06 0.74 -11.15
N HIS A 40 -2.14 0.07 -12.28
CA HIS A 40 -1.12 0.16 -13.32
C HIS A 40 -1.51 1.24 -14.34
N ASN A 41 -0.95 2.42 -14.18
CA ASN A 41 -1.24 3.54 -15.08
C ASN A 41 -0.10 3.74 -16.07
N PRO A 42 -0.16 3.06 -17.23
CA PRO A 42 0.87 3.19 -18.26
C PRO A 42 0.78 4.51 -19.03
N THR A 43 -0.39 5.14 -18.99
CA THR A 43 -0.59 6.42 -19.67
C THR A 43 0.54 7.39 -19.35
N ALA A 44 1.09 7.26 -18.14
CA ALA A 44 2.19 8.10 -17.70
C ALA A 44 3.32 7.28 -17.11
N ASN A 45 3.22 5.95 -17.22
CA ASN A 45 4.23 5.06 -16.70
C ASN A 45 4.35 5.22 -15.18
N SER A 46 3.20 5.21 -14.51
CA SER A 46 3.16 5.37 -13.07
C SER A 46 2.33 4.28 -12.40
N PHE A 47 2.25 4.36 -11.07
CA PHE A 47 1.49 3.38 -10.28
C PHE A 47 0.93 4.03 -9.02
N ARG A 48 0.00 3.35 -8.36
CA ARG A 48 -0.59 3.88 -7.15
C ARG A 48 -1.25 2.78 -6.31
N VAL A 49 -1.31 2.99 -5.00
CA VAL A 49 -1.91 2.04 -4.08
C VAL A 49 -3.26 2.55 -3.60
N VAL A 50 -4.29 1.73 -3.71
CA VAL A 50 -5.63 2.11 -3.28
C VAL A 50 -6.26 1.02 -2.43
N GLY A 51 -6.57 1.34 -1.18
CA GLY A 51 -7.17 0.36 -0.29
C GLY A 51 -8.28 0.94 0.56
N ARG A 52 -9.27 0.11 0.85
CA ARG A 52 -10.40 0.53 1.68
C ARG A 52 -10.63 -0.47 2.82
N LYS A 53 -11.29 -0.01 3.87
CA LYS A 53 -11.57 -0.87 5.02
C LYS A 53 -12.67 -1.88 4.69
N MET A 54 -12.75 -2.93 5.49
CA MET A 54 -13.76 -3.96 5.29
C MET A 54 -14.94 -3.73 6.23
N GLN A 55 -15.36 -2.48 6.33
CA GLN A 55 -16.48 -2.11 7.18
C GLN A 55 -17.76 -2.01 6.37
N PRO A 56 -18.92 -2.02 7.05
CA PRO A 56 -20.22 -1.90 6.38
C PRO A 56 -20.30 -0.61 5.56
N ASP A 57 -19.42 0.34 5.86
CA ASP A 57 -19.39 1.61 5.15
C ASP A 57 -18.25 1.64 4.14
N GLN A 58 -17.13 1.02 4.51
CA GLN A 58 -15.96 0.97 3.64
C GLN A 58 -15.42 2.37 3.36
N GLN A 59 -14.13 2.57 3.64
CA GLN A 59 -13.49 3.86 3.43
C GLN A 59 -12.04 3.67 3.00
N VAL A 60 -11.60 4.44 2.01
CA VAL A 60 -10.24 4.35 1.52
C VAL A 60 -9.24 4.79 2.58
N VAL A 61 -8.36 3.88 2.95
CA VAL A 61 -7.33 4.17 3.96
C VAL A 61 -6.04 4.62 3.29
N ILE A 62 -5.84 4.15 2.06
CA ILE A 62 -4.65 4.50 1.30
C ILE A 62 -5.01 4.79 -0.16
N ASN A 63 -4.49 5.88 -0.69
CA ASN A 63 -4.77 6.26 -2.07
C ASN A 63 -3.71 7.24 -2.59
N CYS A 64 -2.48 6.74 -2.72
CA CYS A 64 -1.38 7.56 -3.22
C CYS A 64 -0.70 6.90 -4.41
N ALA A 65 0.06 7.69 -5.17
CA ALA A 65 0.75 7.18 -6.35
C ALA A 65 2.24 7.01 -6.08
N ILE A 66 2.85 6.02 -6.74
CA ILE A 66 4.28 5.75 -6.58
C ILE A 66 5.00 5.88 -7.92
N VAL A 67 6.22 6.41 -7.88
CA VAL A 67 7.01 6.57 -9.09
C VAL A 67 8.49 6.40 -8.81
N ARG A 68 9.06 5.32 -9.35
CA ARG A 68 10.48 5.00 -9.21
C ARG A 68 11.11 5.67 -7.98
N GLY A 69 10.83 5.13 -6.79
CA GLY A 69 11.39 5.71 -5.58
C GLY A 69 11.02 5.00 -4.30
N VAL A 70 9.82 4.42 -4.25
CA VAL A 70 9.38 3.73 -3.05
C VAL A 70 9.67 2.23 -3.13
N LYS A 71 10.38 1.73 -2.13
CA LYS A 71 10.73 0.31 -2.07
C LYS A 71 9.94 -0.37 -0.95
N TYR A 72 9.62 -1.64 -1.16
CA TYR A 72 8.86 -2.39 -0.16
C TYR A 72 9.77 -3.00 0.89
N ASN A 73 9.79 -2.40 2.07
CA ASN A 73 10.62 -2.87 3.16
C ASN A 73 9.83 -3.81 4.07
N GLN A 74 9.98 -5.10 3.87
CA GLN A 74 9.28 -6.11 4.66
C GLN A 74 9.74 -6.06 6.11
N ALA A 75 9.14 -5.17 6.89
CA ALA A 75 9.47 -5.02 8.30
C ALA A 75 9.34 -6.37 9.03
N THR A 76 8.44 -7.20 8.51
CA THR A 76 8.21 -8.52 9.09
C THR A 76 7.39 -9.38 8.12
N PRO A 77 7.59 -10.71 8.17
CA PRO A 77 6.88 -11.65 7.28
C PRO A 77 5.43 -11.25 7.00
N ASN A 78 4.81 -10.57 7.96
CA ASN A 78 3.41 -10.15 7.79
C ASN A 78 3.27 -8.64 7.90
N PHE A 79 4.09 -7.90 7.16
CA PHE A 79 4.04 -6.45 7.17
C PHE A 79 4.90 -5.84 6.06
N HIS A 80 4.29 -4.96 5.27
CA HIS A 80 5.00 -4.30 4.18
C HIS A 80 5.02 -2.79 4.41
N GLN A 81 6.21 -2.26 4.67
CA GLN A 81 6.37 -0.84 4.92
C GLN A 81 7.29 -0.17 3.90
N TRP A 82 6.85 0.95 3.35
CA TRP A 82 7.65 1.68 2.36
C TRP A 82 7.58 3.19 2.61
N ARG A 83 8.70 3.87 2.41
CA ARG A 83 8.77 5.31 2.60
C ARG A 83 8.38 6.05 1.32
N ASP A 84 7.18 6.62 1.32
CA ASP A 84 6.69 7.36 0.17
C ASP A 84 6.74 8.86 0.43
N ALA A 85 7.33 9.58 -0.52
CA ALA A 85 7.45 11.03 -0.41
C ALA A 85 8.29 11.43 0.80
N ARG A 86 7.66 11.48 1.97
CA ARG A 86 8.36 11.84 3.20
C ARG A 86 7.97 10.91 4.35
N GLN A 87 6.75 10.43 4.31
CA GLN A 87 6.25 9.53 5.34
C GLN A 87 6.46 8.09 4.92
N VAL A 88 5.85 7.17 5.65
CA VAL A 88 5.98 5.75 5.33
C VAL A 88 4.64 5.05 5.47
N TRP A 89 4.21 4.38 4.40
CA TRP A 89 2.94 3.68 4.40
C TRP A 89 3.10 2.22 4.79
N GLY A 90 2.82 1.92 6.06
CA GLY A 90 2.93 0.56 6.55
C GLY A 90 1.72 -0.27 6.18
N LEU A 91 1.86 -1.59 6.24
CA LEU A 91 0.76 -2.49 5.91
C LEU A 91 0.84 -3.77 6.74
N ASN A 92 -0.05 -3.90 7.71
CA ASN A 92 -0.06 -5.11 8.54
C ASN A 92 -1.01 -6.13 7.96
N PHE A 93 -0.45 -7.15 7.33
CA PHE A 93 -1.22 -8.20 6.71
C PHE A 93 -1.89 -9.10 7.74
N GLY A 94 -2.89 -9.85 7.28
CA GLY A 94 -3.60 -10.76 8.16
C GLY A 94 -3.27 -12.21 7.87
N SER A 95 -2.88 -12.49 6.64
CA SER A 95 -2.53 -13.85 6.24
C SER A 95 -1.24 -13.86 5.41
N LYS A 96 -0.60 -15.02 5.34
CA LYS A 96 0.64 -15.18 4.58
C LYS A 96 0.42 -14.85 3.11
N GLU A 97 -0.71 -15.30 2.57
CA GLU A 97 -1.03 -15.07 1.17
C GLU A 97 -1.13 -13.58 0.86
N ASP A 98 -1.80 -12.84 1.74
CA ASP A 98 -1.96 -11.41 1.56
C ASP A 98 -0.60 -10.75 1.32
N ALA A 99 0.24 -10.74 2.35
CA ALA A 99 1.56 -10.14 2.25
C ALA A 99 2.29 -10.60 0.98
N ALA A 100 2.01 -11.82 0.54
CA ALA A 100 2.63 -12.36 -0.67
C ALA A 100 2.02 -11.76 -1.93
N GLN A 101 0.72 -11.52 -1.90
CA GLN A 101 0.01 -10.96 -3.04
C GLN A 101 0.25 -9.46 -3.15
N PHE A 102 0.22 -8.77 -2.02
CA PHE A 102 0.43 -7.33 -2.00
C PHE A 102 1.75 -6.95 -2.65
N ALA A 103 2.82 -7.60 -2.22
CA ALA A 103 4.14 -7.34 -2.77
C ALA A 103 4.21 -7.73 -4.24
N ALA A 104 3.47 -8.77 -4.60
CA ALA A 104 3.43 -9.27 -5.97
C ALA A 104 3.25 -8.13 -6.97
N GLY A 105 2.10 -7.47 -6.90
CA GLY A 105 1.82 -6.38 -7.81
C GLY A 105 2.77 -5.21 -7.60
N MET A 106 2.89 -4.78 -6.36
CA MET A 106 3.77 -3.67 -6.02
C MET A 106 5.14 -3.86 -6.67
N ALA A 107 5.81 -4.93 -6.29
CA ALA A 107 7.12 -5.24 -6.84
C ALA A 107 7.12 -5.08 -8.35
N SER A 108 5.97 -5.38 -8.97
CA SER A 108 5.84 -5.24 -10.41
C SER A 108 5.82 -3.77 -10.80
N ALA A 109 5.22 -2.94 -9.95
CA ALA A 109 5.15 -1.51 -10.19
C ALA A 109 6.53 -0.87 -10.03
N LEU A 110 7.22 -1.23 -8.95
CA LEU A 110 8.55 -0.70 -8.67
C LEU A 110 9.56 -1.21 -9.70
N GLU A 111 9.36 -2.44 -10.15
CA GLU A 111 10.24 -3.05 -11.14
C GLU A 111 9.98 -2.48 -12.53
N ALA A 112 8.81 -1.90 -12.71
CA ALA A 112 8.44 -1.30 -13.98
C ALA A 112 8.51 0.21 -13.86
N LEU A 113 8.94 0.65 -12.67
CA LEU A 113 9.07 2.05 -12.37
C LEU A 113 10.52 2.47 -12.49
N GLU A 114 11.41 1.59 -12.06
CA GLU A 114 12.84 1.86 -12.13
C GLU A 114 13.49 1.05 -13.25
N GLY A 115 12.93 -0.12 -13.53
CA GLY A 115 13.46 -0.97 -14.59
C GLY A 115 13.33 -0.34 -15.96
N MET A 1 -11.76 6.51 -18.71
CA MET A 1 -12.67 6.14 -17.60
C MET A 1 -11.90 5.86 -16.32
N SER A 2 -11.14 4.77 -16.33
CA SER A 2 -10.35 4.39 -15.16
C SER A 2 -9.04 3.72 -15.58
N GLU A 3 -8.20 3.41 -14.59
CA GLU A 3 -6.92 2.77 -14.85
C GLU A 3 -7.01 1.26 -14.65
N THR A 4 -5.86 0.59 -14.65
CA THR A 4 -5.82 -0.85 -14.47
C THR A 4 -5.18 -1.22 -13.14
N VAL A 5 -5.84 -2.12 -12.41
CA VAL A 5 -5.34 -2.57 -11.12
C VAL A 5 -4.32 -3.70 -11.29
N ILE A 6 -3.47 -3.90 -10.29
CA ILE A 6 -2.47 -4.94 -10.35
C ILE A 6 -2.84 -6.16 -9.50
N CYS A 7 -2.85 -5.97 -8.19
CA CYS A 7 -3.19 -7.04 -7.27
C CYS A 7 -4.10 -6.57 -6.15
N SER A 8 -4.32 -7.42 -5.15
CA SER A 8 -5.17 -7.08 -4.01
C SER A 8 -4.82 -7.92 -2.79
N SER A 9 -4.49 -7.26 -1.69
CA SER A 9 -4.13 -7.95 -0.46
C SER A 9 -4.93 -7.44 0.73
N ARG A 10 -5.11 -8.30 1.74
CA ARG A 10 -5.82 -7.93 2.95
C ARG A 10 -4.82 -7.55 4.05
N ALA A 11 -5.01 -6.39 4.64
CA ALA A 11 -4.10 -5.93 5.68
C ALA A 11 -4.62 -4.67 6.36
N THR A 12 -3.80 -4.11 7.26
CA THR A 12 -4.18 -2.90 7.98
C THR A 12 -3.22 -1.76 7.65
N VAL A 13 -3.60 -0.93 6.68
CA VAL A 13 -2.77 0.19 6.26
C VAL A 13 -2.23 0.95 7.46
N MET A 14 -1.12 1.65 7.25
CA MET A 14 -0.48 2.41 8.30
C MET A 14 0.33 3.56 7.71
N LEU A 15 0.67 4.55 8.53
CA LEU A 15 1.44 5.70 8.07
C LEU A 15 2.48 6.10 9.11
N TYR A 16 3.76 5.88 8.78
CA TYR A 16 4.84 6.21 9.70
C TYR A 16 5.04 7.71 9.84
N ASP A 17 5.54 8.10 11.01
CA ASP A 17 5.81 9.51 11.29
C ASP A 17 7.28 9.70 11.66
N ASP A 18 8.14 9.75 10.64
CA ASP A 18 9.58 9.91 10.84
C ASP A 18 9.87 11.05 11.83
N GLY A 19 8.96 12.00 11.92
CA GLY A 19 9.14 13.12 12.83
C GLY A 19 9.31 12.67 14.27
N ASN A 20 8.57 11.64 14.65
CA ASN A 20 8.65 11.11 16.01
C ASN A 20 9.03 9.63 16.01
N LYS A 21 9.28 9.09 14.82
CA LYS A 21 9.66 7.68 14.68
C LYS A 21 8.59 6.78 15.27
N ARG A 22 7.56 6.49 14.46
CA ARG A 22 6.46 5.64 14.89
C ARG A 22 5.38 5.57 13.81
N TRP A 23 4.57 4.52 13.86
CA TRP A 23 3.49 4.35 12.89
C TRP A 23 2.35 5.31 13.18
N LEU A 24 1.39 5.39 12.26
CA LEU A 24 0.25 6.27 12.41
C LEU A 24 -0.86 5.88 11.43
N PRO A 25 -2.04 5.46 11.93
CA PRO A 25 -3.16 5.06 11.08
C PRO A 25 -3.36 5.99 9.89
N ALA A 26 -2.76 5.64 8.75
CA ALA A 26 -2.88 6.45 7.54
C ALA A 26 -4.31 6.90 7.29
N GLY A 27 -5.23 5.93 7.26
CA GLY A 27 -6.63 6.24 7.04
C GLY A 27 -7.14 7.35 7.93
N THR A 28 -7.72 6.98 9.07
CA THR A 28 -8.26 7.96 10.00
C THR A 28 -8.01 7.53 11.44
N GLY A 29 -8.84 6.63 11.94
CA GLY A 29 -8.70 6.15 13.30
C GLY A 29 -8.74 4.64 13.39
N PRO A 30 -9.92 4.02 13.19
CA PRO A 30 -10.07 2.57 13.26
C PRO A 30 -9.04 1.84 12.41
N GLN A 31 -8.97 0.51 12.56
CA GLN A 31 -8.03 -0.29 11.80
C GLN A 31 -8.54 -1.72 11.62
N ALA A 32 -9.70 -1.84 10.99
CA ALA A 32 -10.30 -3.16 10.75
C ALA A 32 -9.86 -3.70 9.40
N PHE A 33 -8.54 -3.70 9.18
CA PHE A 33 -7.99 -4.18 7.92
C PHE A 33 -8.52 -3.38 6.74
N SER A 34 -8.14 -3.78 5.54
CA SER A 34 -8.57 -3.09 4.33
C SER A 34 -8.06 -3.82 3.09
N ARG A 35 -8.83 -3.77 2.02
CA ARG A 35 -8.44 -4.41 0.76
C ARG A 35 -7.73 -3.40 -0.13
N VAL A 36 -6.41 -3.47 -0.13
CA VAL A 36 -5.61 -2.55 -0.93
C VAL A 36 -5.17 -3.16 -2.25
N GLN A 37 -5.49 -2.45 -3.33
CA GLN A 37 -5.14 -2.88 -4.68
C GLN A 37 -4.17 -1.88 -5.28
N ILE A 38 -3.38 -2.30 -6.25
CA ILE A 38 -2.42 -1.41 -6.87
C ILE A 38 -2.88 -1.00 -8.25
N TYR A 39 -2.52 0.20 -8.68
CA TYR A 39 -2.92 0.71 -9.98
C TYR A 39 -1.72 0.83 -10.91
N HIS A 40 -1.79 0.15 -12.05
CA HIS A 40 -0.72 0.18 -13.03
C HIS A 40 -1.02 1.16 -14.16
N ASN A 41 -0.61 2.41 -13.95
CA ASN A 41 -0.82 3.46 -14.95
C ASN A 41 0.42 3.66 -15.81
N PRO A 42 0.45 3.09 -17.02
CA PRO A 42 1.59 3.22 -17.92
C PRO A 42 1.55 4.51 -18.73
N THR A 43 0.37 5.10 -18.88
CA THR A 43 0.21 6.34 -19.63
C THR A 43 1.23 7.37 -19.17
N ALA A 44 1.58 7.33 -17.89
CA ALA A 44 2.56 8.25 -17.33
C ALA A 44 3.76 7.51 -16.74
N ASN A 45 3.71 6.18 -16.79
CA ASN A 45 4.78 5.35 -16.27
C ASN A 45 4.86 5.48 -14.75
N SER A 46 3.69 5.42 -14.12
CA SER A 46 3.60 5.52 -12.66
C SER A 46 2.64 4.48 -12.09
N PHE A 47 2.50 4.48 -10.77
CA PHE A 47 1.63 3.53 -10.10
C PHE A 47 0.90 4.20 -8.93
N ARG A 48 0.07 3.43 -8.24
CA ARG A 48 -0.68 3.97 -7.11
C ARG A 48 -1.27 2.85 -6.25
N VAL A 49 -1.42 3.13 -4.96
CA VAL A 49 -1.98 2.17 -4.02
C VAL A 49 -3.36 2.63 -3.56
N VAL A 50 -4.36 1.78 -3.76
CA VAL A 50 -5.73 2.12 -3.39
C VAL A 50 -6.34 1.02 -2.52
N GLY A 51 -6.70 1.38 -1.30
CA GLY A 51 -7.29 0.40 -0.40
C GLY A 51 -8.41 0.98 0.45
N ARG A 52 -9.37 0.14 0.81
CA ARG A 52 -10.50 0.56 1.62
C ARG A 52 -10.71 -0.39 2.79
N LYS A 53 -11.31 0.11 3.86
CA LYS A 53 -11.57 -0.70 5.04
C LYS A 53 -12.50 -1.86 4.72
N MET A 54 -12.57 -2.83 5.64
CA MET A 54 -13.43 -3.99 5.45
C MET A 54 -14.64 -3.93 6.37
N GLN A 55 -15.29 -2.77 6.41
CA GLN A 55 -16.47 -2.57 7.25
C GLN A 55 -17.68 -2.18 6.40
N PRO A 56 -18.89 -2.29 6.97
CA PRO A 56 -20.13 -1.95 6.26
C PRO A 56 -20.09 -0.55 5.66
N ASP A 57 -19.29 0.33 6.24
CA ASP A 57 -19.17 1.69 5.76
C ASP A 57 -18.33 1.75 4.48
N GLN A 58 -17.25 0.99 4.46
CA GLN A 58 -16.36 0.95 3.30
C GLN A 58 -15.79 2.33 3.01
N GLN A 59 -14.51 2.51 3.37
CA GLN A 59 -13.84 3.78 3.16
C GLN A 59 -12.38 3.56 2.74
N VAL A 60 -11.92 4.35 1.78
CA VAL A 60 -10.55 4.24 1.30
C VAL A 60 -9.56 4.69 2.36
N VAL A 61 -8.70 3.77 2.79
CA VAL A 61 -7.70 4.07 3.81
C VAL A 61 -6.38 4.49 3.18
N ILE A 62 -6.17 4.10 1.93
CA ILE A 62 -4.94 4.44 1.21
C ILE A 62 -5.27 4.84 -0.23
N ASN A 63 -4.72 5.97 -0.65
CA ASN A 63 -4.96 6.47 -2.01
C ASN A 63 -3.87 7.43 -2.43
N CYS A 64 -2.67 6.91 -2.64
CA CYS A 64 -1.53 7.73 -3.05
C CYS A 64 -0.74 7.05 -4.18
N ALA A 65 -0.39 7.84 -5.19
CA ALA A 65 0.37 7.32 -6.33
C ALA A 65 1.84 7.10 -5.98
N ILE A 66 2.39 5.98 -6.44
CA ILE A 66 3.79 5.67 -6.17
C ILE A 66 4.61 5.70 -7.45
N VAL A 67 5.67 6.49 -7.44
CA VAL A 67 6.55 6.61 -8.60
C VAL A 67 7.91 5.99 -8.32
N ARG A 68 8.76 5.94 -9.33
CA ARG A 68 10.09 5.36 -9.19
C ARG A 68 10.81 5.89 -7.95
N GLY A 69 10.71 5.16 -6.85
CA GLY A 69 11.36 5.60 -5.63
C GLY A 69 10.84 4.91 -4.37
N VAL A 70 9.65 4.31 -4.43
CA VAL A 70 9.10 3.64 -3.26
C VAL A 70 9.39 2.15 -3.30
N LYS A 71 10.07 1.67 -2.27
CA LYS A 71 10.42 0.25 -2.17
C LYS A 71 9.59 -0.41 -1.09
N TYR A 72 9.74 -1.73 -0.95
CA TYR A 72 8.98 -2.48 0.05
C TYR A 72 9.91 -3.05 1.12
N ASN A 73 9.96 -2.38 2.26
CA ASN A 73 10.80 -2.82 3.37
C ASN A 73 9.99 -3.67 4.35
N GLN A 74 9.84 -4.95 4.02
CA GLN A 74 9.09 -5.88 4.87
C GLN A 74 9.53 -5.78 6.32
N ALA A 75 8.69 -5.15 7.15
CA ALA A 75 8.99 -4.98 8.56
C ALA A 75 9.01 -6.33 9.28
N THR A 76 8.10 -7.22 8.86
CA THR A 76 8.02 -8.55 9.45
C THR A 76 7.47 -9.55 8.44
N PRO A 77 7.37 -10.84 8.80
CA PRO A 77 6.84 -11.87 7.90
C PRO A 77 5.51 -11.48 7.28
N ASN A 78 4.78 -10.62 7.98
CA ASN A 78 3.48 -10.15 7.49
C ASN A 78 3.34 -8.64 7.68
N PHE A 79 4.15 -7.88 6.98
CA PHE A 79 4.11 -6.41 7.07
C PHE A 79 4.93 -5.77 5.96
N HIS A 80 4.24 -5.14 5.01
CA HIS A 80 4.92 -4.46 3.90
C HIS A 80 4.81 -2.95 4.05
N GLN A 81 5.96 -2.30 4.16
CA GLN A 81 6.00 -0.85 4.32
C GLN A 81 6.81 -0.20 3.21
N TRP A 82 6.42 1.02 2.85
CA TRP A 82 7.13 1.76 1.81
C TRP A 82 7.11 3.26 2.07
N ARG A 83 8.28 3.89 1.93
CA ARG A 83 8.41 5.33 2.14
C ARG A 83 7.94 6.09 0.91
N ASP A 84 6.72 6.60 0.96
CA ASP A 84 6.14 7.33 -0.15
C ASP A 84 6.20 8.83 0.11
N ALA A 85 6.79 9.56 -0.82
CA ALA A 85 6.93 11.01 -0.72
C ALA A 85 7.88 11.39 0.41
N ARG A 86 7.38 11.36 1.64
CA ARG A 86 8.19 11.71 2.81
C ARG A 86 7.92 10.76 3.97
N GLN A 87 6.68 10.31 4.08
CA GLN A 87 6.29 9.40 5.13
C GLN A 87 6.39 7.97 4.64
N VAL A 88 5.85 7.04 5.40
CA VAL A 88 5.90 5.64 5.03
C VAL A 88 4.56 4.97 5.27
N TRP A 89 4.13 4.16 4.31
CA TRP A 89 2.85 3.46 4.41
C TRP A 89 3.06 2.01 4.83
N GLY A 90 2.87 1.73 6.11
CA GLY A 90 3.04 0.38 6.62
C GLY A 90 1.78 -0.44 6.49
N LEU A 91 1.89 -1.65 5.96
CA LEU A 91 0.75 -2.52 5.79
C LEU A 91 0.86 -3.78 6.63
N ASN A 92 -0.02 -3.91 7.61
CA ASN A 92 -0.03 -5.10 8.46
C ASN A 92 -1.00 -6.13 7.90
N PHE A 93 -0.43 -7.17 7.29
CA PHE A 93 -1.21 -8.23 6.69
C PHE A 93 -1.85 -9.14 7.73
N GLY A 94 -2.97 -9.76 7.35
CA GLY A 94 -3.66 -10.64 8.27
C GLY A 94 -3.34 -12.10 8.00
N SER A 95 -3.00 -12.42 6.75
CA SER A 95 -2.67 -13.78 6.36
C SER A 95 -1.34 -13.81 5.61
N LYS A 96 -0.78 -15.01 5.47
CA LYS A 96 0.50 -15.18 4.77
C LYS A 96 0.33 -14.92 3.27
N GLU A 97 -0.86 -15.16 2.76
CA GLU A 97 -1.15 -14.95 1.34
C GLU A 97 -1.21 -13.46 1.01
N ASP A 98 -1.96 -12.71 1.80
CA ASP A 98 -2.09 -11.27 1.59
C ASP A 98 -0.72 -10.62 1.45
N ALA A 99 0.11 -10.77 2.48
CA ALA A 99 1.45 -10.21 2.48
C ALA A 99 2.22 -10.59 1.23
N ALA A 100 2.09 -11.84 0.80
CA ALA A 100 2.79 -12.32 -0.39
C ALA A 100 2.15 -11.77 -1.66
N GLN A 101 0.83 -11.61 -1.65
CA GLN A 101 0.11 -11.10 -2.81
C GLN A 101 0.33 -9.60 -2.98
N PHE A 102 0.24 -8.86 -1.88
CA PHE A 102 0.41 -7.42 -1.91
C PHE A 102 1.73 -7.04 -2.58
N ALA A 103 2.83 -7.62 -2.10
CA ALA A 103 4.15 -7.36 -2.68
C ALA A 103 4.18 -7.78 -4.15
N ALA A 104 3.41 -8.83 -4.46
CA ALA A 104 3.34 -9.34 -5.82
C ALA A 104 3.19 -8.22 -6.84
N GLY A 105 2.06 -7.53 -6.78
CA GLY A 105 1.82 -6.43 -7.70
C GLY A 105 2.71 -5.26 -7.41
N MET A 106 2.86 -4.94 -6.14
CA MET A 106 3.70 -3.83 -5.71
C MET A 106 5.05 -3.89 -6.41
N ALA A 107 5.76 -4.99 -6.19
CA ALA A 107 7.06 -5.20 -6.81
C ALA A 107 6.97 -4.87 -8.29
N SER A 108 5.88 -5.30 -8.92
CA SER A 108 5.66 -5.04 -10.34
C SER A 108 5.64 -3.54 -10.60
N ALA A 109 5.12 -2.77 -9.64
CA ALA A 109 5.06 -1.32 -9.78
C ALA A 109 6.46 -0.71 -9.67
N LEU A 110 7.22 -1.19 -8.70
CA LEU A 110 8.57 -0.69 -8.46
C LEU A 110 9.54 -1.19 -9.54
N GLU A 111 9.31 -2.40 -10.03
CA GLU A 111 10.17 -2.98 -11.06
C GLU A 111 9.91 -2.36 -12.42
N ALA A 112 8.72 -1.79 -12.58
CA ALA A 112 8.36 -1.13 -13.82
C ALA A 112 8.49 0.37 -13.66
N LEU A 113 8.83 0.75 -12.44
CA LEU A 113 9.01 2.15 -12.09
C LEU A 113 10.46 2.57 -12.28
N GLU A 114 11.38 1.70 -11.86
CA GLU A 114 12.80 1.96 -11.98
C GLU A 114 13.39 1.26 -13.20
N GLY A 115 12.82 0.10 -13.54
CA GLY A 115 13.30 -0.65 -14.68
C GLY A 115 14.76 -1.04 -14.54
N MET A 1 -11.47 9.64 -15.24
CA MET A 1 -10.34 8.99 -14.52
C MET A 1 -10.54 7.49 -14.41
N SER A 2 -9.83 6.74 -15.24
CA SER A 2 -9.93 5.29 -15.25
C SER A 2 -8.56 4.65 -15.45
N GLU A 3 -8.31 3.57 -14.73
CA GLU A 3 -7.03 2.86 -14.83
C GLU A 3 -7.22 1.35 -14.70
N THR A 4 -6.11 0.63 -14.58
CA THR A 4 -6.15 -0.82 -14.45
C THR A 4 -5.47 -1.26 -13.16
N VAL A 5 -6.20 -2.00 -12.32
CA VAL A 5 -5.65 -2.49 -11.06
C VAL A 5 -4.67 -3.64 -11.31
N ILE A 6 -3.73 -3.82 -10.38
CA ILE A 6 -2.73 -4.88 -10.52
C ILE A 6 -3.02 -6.06 -9.60
N CYS A 7 -2.88 -5.86 -8.30
CA CYS A 7 -3.11 -6.92 -7.34
C CYS A 7 -4.07 -6.50 -6.23
N SER A 8 -4.29 -7.40 -5.27
CA SER A 8 -5.19 -7.13 -4.14
C SER A 8 -4.82 -8.00 -2.94
N SER A 9 -4.53 -7.36 -1.81
CA SER A 9 -4.18 -8.09 -0.59
C SER A 9 -4.90 -7.55 0.63
N ARG A 10 -5.06 -8.40 1.65
CA ARG A 10 -5.72 -8.01 2.89
C ARG A 10 -4.70 -7.63 3.95
N ALA A 11 -4.88 -6.46 4.56
CA ALA A 11 -3.96 -5.98 5.58
C ALA A 11 -4.50 -4.74 6.27
N THR A 12 -3.70 -4.17 7.16
CA THR A 12 -4.10 -2.97 7.89
C THR A 12 -3.13 -1.83 7.60
N VAL A 13 -3.51 -0.97 6.65
CA VAL A 13 -2.66 0.16 6.28
C VAL A 13 -2.19 0.93 7.52
N MET A 14 -1.04 1.56 7.39
CA MET A 14 -0.45 2.32 8.49
C MET A 14 0.42 3.45 7.95
N LEU A 15 0.43 4.58 8.64
CA LEU A 15 1.24 5.72 8.24
C LEU A 15 2.20 6.11 9.34
N TYR A 16 3.50 5.99 9.07
CA TYR A 16 4.52 6.31 10.06
C TYR A 16 4.79 7.80 10.13
N ASP A 17 5.00 8.29 11.35
CA ASP A 17 5.30 9.70 11.57
C ASP A 17 6.69 9.82 12.18
N ASP A 18 7.71 9.85 11.32
CA ASP A 18 9.10 9.95 11.78
C ASP A 18 9.29 11.12 12.74
N GLY A 19 8.41 12.11 12.65
CA GLY A 19 8.50 13.26 13.54
C GLY A 19 8.67 12.86 15.00
N ASN A 20 8.14 11.69 15.33
CA ASN A 20 8.23 11.17 16.70
C ASN A 20 8.44 9.66 16.69
N LYS A 21 8.85 9.11 15.54
CA LYS A 21 9.09 7.68 15.41
C LYS A 21 7.92 6.86 15.97
N ARG A 22 6.93 6.62 15.13
CA ARG A 22 5.74 5.86 15.54
C ARG A 22 4.72 5.80 14.41
N TRP A 23 4.06 4.65 14.28
CA TRP A 23 3.05 4.48 13.25
C TRP A 23 1.90 5.48 13.43
N LEU A 24 0.90 5.37 12.55
CA LEU A 24 -0.26 6.25 12.60
C LEU A 24 -1.27 5.84 11.53
N PRO A 25 -2.45 5.36 11.93
CA PRO A 25 -3.50 4.93 11.00
C PRO A 25 -3.65 5.88 9.80
N ALA A 26 -3.05 5.49 8.67
CA ALA A 26 -3.10 6.29 7.45
C ALA A 26 -4.51 6.83 7.19
N GLY A 27 -5.50 5.99 7.44
CA GLY A 27 -6.88 6.39 7.23
C GLY A 27 -7.25 7.63 8.02
N THR A 28 -7.97 7.44 9.12
CA THR A 28 -8.38 8.56 9.96
C THR A 28 -8.11 8.25 11.43
N GLY A 29 -8.48 7.06 11.86
CA GLY A 29 -8.27 6.66 13.24
C GLY A 29 -8.55 5.19 13.46
N PRO A 30 -9.83 4.78 13.32
CA PRO A 30 -10.23 3.38 13.50
C PRO A 30 -9.41 2.43 12.63
N GLN A 31 -9.45 1.15 12.96
CA GLN A 31 -8.70 0.14 12.22
C GLN A 31 -9.50 -1.16 12.10
N ALA A 32 -9.44 -1.76 10.91
CA ALA A 32 -10.14 -3.01 10.65
C ALA A 32 -9.72 -3.58 9.31
N PHE A 33 -8.41 -3.59 9.07
CA PHE A 33 -7.84 -4.10 7.83
C PHE A 33 -8.46 -3.39 6.63
N SER A 34 -7.93 -3.67 5.45
CA SER A 34 -8.42 -3.07 4.22
C SER A 34 -7.87 -3.80 3.01
N ARG A 35 -8.62 -3.78 1.92
CA ARG A 35 -8.19 -4.41 0.69
C ARG A 35 -7.49 -3.40 -0.21
N VAL A 36 -6.16 -3.42 -0.17
CA VAL A 36 -5.38 -2.48 -0.96
C VAL A 36 -4.89 -3.09 -2.27
N GLN A 37 -5.32 -2.47 -3.36
CA GLN A 37 -4.93 -2.92 -4.69
C GLN A 37 -3.97 -1.91 -5.31
N ILE A 38 -3.32 -2.29 -6.39
CA ILE A 38 -2.38 -1.40 -7.06
C ILE A 38 -2.94 -0.94 -8.40
N TYR A 39 -2.54 0.25 -8.82
CA TYR A 39 -3.00 0.80 -10.08
C TYR A 39 -1.89 0.89 -11.10
N HIS A 40 -2.03 0.16 -12.19
CA HIS A 40 -1.03 0.15 -13.26
C HIS A 40 -1.40 1.16 -14.33
N ASN A 41 -0.89 2.39 -14.17
CA ASN A 41 -1.14 3.46 -15.12
C ASN A 41 0.07 3.70 -16.03
N PRO A 42 0.16 2.95 -17.14
CA PRO A 42 1.28 3.08 -18.07
C PRO A 42 1.16 4.33 -18.95
N THR A 43 -0.06 4.86 -19.06
CA THR A 43 -0.30 6.06 -19.86
C THR A 43 0.70 7.15 -19.50
N ALA A 44 1.10 7.17 -18.24
CA ALA A 44 2.07 8.16 -17.76
C ALA A 44 3.24 7.49 -17.05
N ASN A 45 3.27 6.16 -17.09
CA ASN A 45 4.33 5.40 -16.45
C ASN A 45 4.33 5.66 -14.95
N SER A 46 3.15 5.55 -14.35
CA SER A 46 2.99 5.79 -12.92
C SER A 46 2.10 4.72 -12.28
N PHE A 47 2.35 4.45 -11.00
CA PHE A 47 1.57 3.45 -10.27
C PHE A 47 0.90 4.09 -9.06
N ARG A 48 0.06 3.32 -8.38
CA ARG A 48 -0.64 3.84 -7.20
C ARG A 48 -1.24 2.71 -6.36
N VAL A 49 -1.31 2.95 -5.06
CA VAL A 49 -1.88 1.97 -4.13
C VAL A 49 -3.22 2.46 -3.62
N VAL A 50 -4.25 1.64 -3.75
CA VAL A 50 -5.59 2.02 -3.32
C VAL A 50 -6.21 0.94 -2.44
N GLY A 51 -6.57 1.31 -1.21
CA GLY A 51 -7.17 0.36 -0.29
C GLY A 51 -8.34 0.95 0.47
N ARG A 52 -9.30 0.10 0.80
CA ARG A 52 -10.48 0.53 1.55
C ARG A 52 -10.77 -0.42 2.71
N LYS A 53 -11.29 0.14 3.80
CA LYS A 53 -11.61 -0.65 4.99
C LYS A 53 -12.52 -1.82 4.64
N MET A 54 -12.51 -2.85 5.49
CA MET A 54 -13.33 -4.03 5.27
C MET A 54 -14.55 -4.02 6.19
N GLN A 55 -15.21 -2.88 6.26
CA GLN A 55 -16.39 -2.73 7.11
C GLN A 55 -17.57 -2.15 6.32
N PRO A 56 -18.79 -2.28 6.85
CA PRO A 56 -19.99 -1.76 6.19
C PRO A 56 -19.85 -0.29 5.78
N ASP A 57 -18.97 0.43 6.47
CA ASP A 57 -18.74 1.84 6.17
C ASP A 57 -18.02 2.01 4.84
N GLN A 58 -17.00 1.19 4.62
CA GLN A 58 -16.23 1.24 3.38
C GLN A 58 -15.57 2.61 3.20
N GLN A 59 -14.29 2.70 3.54
CA GLN A 59 -13.55 3.94 3.42
C GLN A 59 -12.13 3.69 2.94
N VAL A 60 -11.65 4.53 2.04
CA VAL A 60 -10.30 4.37 1.51
C VAL A 60 -9.25 4.73 2.56
N VAL A 61 -8.37 3.79 2.86
CA VAL A 61 -7.31 4.01 3.84
C VAL A 61 -6.04 4.47 3.16
N ILE A 62 -5.86 4.04 1.91
CA ILE A 62 -4.69 4.42 1.13
C ILE A 62 -5.07 4.73 -0.31
N ASN A 63 -4.48 5.79 -0.86
CA ASN A 63 -4.76 6.20 -2.23
C ASN A 63 -3.72 7.20 -2.71
N CYS A 64 -2.47 6.75 -2.78
CA CYS A 64 -1.36 7.60 -3.22
C CYS A 64 -0.58 6.94 -4.35
N ALA A 65 -0.27 7.72 -5.38
CA ALA A 65 0.47 7.21 -6.53
C ALA A 65 1.95 7.03 -6.21
N ILE A 66 2.50 5.90 -6.65
CA ILE A 66 3.92 5.61 -6.42
C ILE A 66 4.68 5.64 -7.74
N VAL A 67 6.00 5.63 -7.64
CA VAL A 67 6.85 5.65 -8.82
C VAL A 67 8.23 5.08 -8.49
N ARG A 68 9.15 5.17 -9.45
CA ARG A 68 10.50 4.66 -9.25
C ARG A 68 11.15 5.34 -8.05
N GLY A 69 10.94 4.77 -6.86
CA GLY A 69 11.52 5.35 -5.67
C GLY A 69 11.12 4.64 -4.39
N VAL A 70 9.92 4.06 -4.35
CA VAL A 70 9.46 3.37 -3.16
C VAL A 70 10.00 1.94 -3.12
N LYS A 71 10.51 1.55 -1.95
CA LYS A 71 11.06 0.21 -1.76
C LYS A 71 10.32 -0.52 -0.65
N TYR A 72 9.64 -1.60 -1.01
CA TYR A 72 8.89 -2.40 -0.04
C TYR A 72 9.83 -3.04 0.98
N ASN A 73 9.82 -2.50 2.19
CA ASN A 73 10.66 -3.01 3.27
C ASN A 73 9.86 -3.92 4.20
N GLN A 74 9.95 -5.23 3.97
CA GLN A 74 9.24 -6.20 4.78
C GLN A 74 9.62 -6.07 6.25
N ALA A 75 8.86 -5.27 6.98
CA ALA A 75 9.12 -5.06 8.40
C ALA A 75 9.07 -6.37 9.17
N THR A 76 8.15 -7.24 8.79
CA THR A 76 7.99 -8.54 9.43
C THR A 76 7.42 -9.56 8.44
N PRO A 77 7.29 -10.83 8.88
CA PRO A 77 6.75 -11.89 8.02
C PRO A 77 5.44 -11.48 7.34
N ASN A 78 4.73 -10.56 7.98
CA ASN A 78 3.46 -10.08 7.45
C ASN A 78 3.35 -8.57 7.62
N PHE A 79 4.21 -7.83 6.92
CA PHE A 79 4.21 -6.37 7.00
C PHE A 79 5.02 -5.75 5.87
N HIS A 80 4.35 -5.07 4.95
CA HIS A 80 5.02 -4.42 3.82
C HIS A 80 4.97 -2.90 3.98
N GLN A 81 6.08 -2.33 4.43
CA GLN A 81 6.16 -0.88 4.62
C GLN A 81 7.05 -0.24 3.56
N TRP A 82 6.74 1.01 3.23
CA TRP A 82 7.52 1.76 2.25
C TRP A 82 7.51 3.26 2.51
N ARG A 83 8.59 3.91 2.16
CA ARG A 83 8.72 5.35 2.31
C ARG A 83 8.75 6.01 0.94
N ASP A 84 7.72 6.76 0.62
CA ASP A 84 7.64 7.42 -0.69
C ASP A 84 8.20 8.84 -0.64
N ALA A 85 7.33 9.82 -0.39
CA ALA A 85 7.76 11.22 -0.32
C ALA A 85 8.36 11.54 1.04
N ARG A 86 7.52 11.57 2.05
CA ARG A 86 7.96 11.86 3.41
C ARG A 86 7.16 11.05 4.43
N GLN A 87 6.40 10.07 3.95
CA GLN A 87 5.60 9.23 4.83
C GLN A 87 5.94 7.77 4.61
N VAL A 88 5.62 6.96 5.61
CA VAL A 88 5.87 5.53 5.54
C VAL A 88 4.56 4.78 5.66
N TRP A 89 4.17 4.10 4.60
CA TRP A 89 2.91 3.36 4.59
C TRP A 89 3.11 1.91 4.99
N GLY A 90 2.91 1.64 6.28
CA GLY A 90 3.06 0.30 6.80
C GLY A 90 1.81 -0.54 6.66
N LEU A 91 1.91 -1.62 5.90
CA LEU A 91 0.78 -2.51 5.69
C LEU A 91 0.90 -3.78 6.51
N ASN A 92 0.04 -3.92 7.51
CA ASN A 92 0.07 -5.12 8.34
C ASN A 92 -0.91 -6.15 7.79
N PHE A 93 -0.36 -7.18 7.18
CA PHE A 93 -1.16 -8.24 6.58
C PHE A 93 -1.78 -9.16 7.63
N GLY A 94 -2.83 -9.86 7.22
CA GLY A 94 -3.51 -10.76 8.12
C GLY A 94 -2.96 -12.18 8.04
N SER A 95 -2.42 -12.53 6.88
CA SER A 95 -1.86 -13.86 6.67
C SER A 95 -0.65 -13.79 5.75
N LYS A 96 0.17 -14.84 5.78
CA LYS A 96 1.36 -14.89 4.94
C LYS A 96 1.01 -14.79 3.46
N GLU A 97 -0.19 -15.25 3.11
CA GLU A 97 -0.64 -15.22 1.72
C GLU A 97 -0.85 -13.78 1.26
N ASP A 98 -1.67 -13.03 2.00
CA ASP A 98 -1.95 -11.64 1.66
C ASP A 98 -0.65 -10.89 1.40
N ALA A 99 0.22 -10.86 2.40
CA ALA A 99 1.51 -10.19 2.31
C ALA A 99 2.23 -10.56 1.02
N ALA A 100 2.09 -11.80 0.59
CA ALA A 100 2.74 -12.28 -0.63
C ALA A 100 2.05 -11.71 -1.88
N GLN A 101 0.76 -11.47 -1.78
CA GLN A 101 -0.01 -10.94 -2.90
C GLN A 101 0.24 -9.45 -3.09
N PHE A 102 0.13 -8.69 -2.01
CA PHE A 102 0.35 -7.25 -2.05
C PHE A 102 1.68 -6.91 -2.73
N ALA A 103 2.76 -7.51 -2.24
CA ALA A 103 4.08 -7.27 -2.81
C ALA A 103 4.13 -7.72 -4.26
N ALA A 104 3.39 -8.78 -4.56
CA ALA A 104 3.35 -9.33 -5.92
C ALA A 104 3.19 -8.23 -6.95
N GLY A 105 2.03 -7.59 -6.95
CA GLY A 105 1.78 -6.50 -7.89
C GLY A 105 2.72 -5.34 -7.65
N MET A 106 2.94 -5.03 -6.39
CA MET A 106 3.82 -3.94 -6.01
C MET A 106 5.15 -4.07 -6.71
N ALA A 107 5.81 -5.20 -6.49
CA ALA A 107 7.11 -5.47 -7.12
C ALA A 107 7.04 -5.12 -8.60
N SER A 108 5.89 -5.41 -9.21
CA SER A 108 5.67 -5.11 -10.61
C SER A 108 5.70 -3.60 -10.83
N ALA A 109 5.15 -2.85 -9.88
CA ALA A 109 5.12 -1.40 -9.96
C ALA A 109 6.52 -0.83 -9.88
N LEU A 110 7.26 -1.23 -8.84
CA LEU A 110 8.62 -0.77 -8.64
C LEU A 110 9.55 -1.28 -9.74
N GLU A 111 9.08 -2.29 -10.48
CA GLU A 111 9.86 -2.88 -11.56
C GLU A 111 9.46 -2.33 -12.92
N ALA A 112 8.24 -1.82 -13.00
CA ALA A 112 7.75 -1.24 -14.24
C ALA A 112 7.91 0.26 -14.22
N LEU A 113 8.44 0.76 -13.12
CA LEU A 113 8.65 2.18 -12.95
C LEU A 113 10.14 2.49 -12.82
N GLU A 114 10.88 1.55 -12.22
CA GLU A 114 12.32 1.71 -12.04
C GLU A 114 13.07 1.05 -13.20
N GLY A 115 12.47 0.01 -13.77
CA GLY A 115 13.11 -0.68 -14.88
C GLY A 115 13.82 -1.95 -14.44
N MET A 1 -13.29 1.71 -16.62
CA MET A 1 -12.95 2.50 -15.41
C MET A 1 -11.59 3.17 -15.55
N SER A 2 -11.35 4.17 -14.70
CA SER A 2 -10.08 4.89 -14.73
C SER A 2 -8.92 3.98 -14.35
N GLU A 3 -8.00 3.78 -15.29
CA GLU A 3 -6.83 2.93 -15.05
C GLU A 3 -7.26 1.50 -14.75
N THR A 4 -6.30 0.66 -14.36
CA THR A 4 -6.58 -0.73 -14.06
C THR A 4 -5.87 -1.16 -12.77
N VAL A 5 -6.51 -2.06 -12.02
CA VAL A 5 -5.95 -2.56 -10.79
C VAL A 5 -4.96 -3.70 -11.06
N ILE A 6 -3.98 -3.86 -10.18
CA ILE A 6 -2.96 -4.90 -10.35
C ILE A 6 -3.13 -6.03 -9.35
N CYS A 7 -2.91 -5.73 -8.08
CA CYS A 7 -3.00 -6.74 -7.03
C CYS A 7 -4.09 -6.39 -6.01
N SER A 8 -4.26 -7.28 -5.03
CA SER A 8 -5.25 -7.08 -3.99
C SER A 8 -4.89 -7.90 -2.75
N SER A 9 -4.42 -7.22 -1.71
CA SER A 9 -4.03 -7.91 -0.48
C SER A 9 -4.74 -7.33 0.74
N ARG A 10 -4.93 -8.17 1.76
CA ARG A 10 -5.59 -7.75 2.99
C ARG A 10 -4.55 -7.33 4.02
N ALA A 11 -4.76 -6.18 4.65
CA ALA A 11 -3.83 -5.67 5.64
C ALA A 11 -4.38 -4.41 6.29
N THR A 12 -3.61 -3.86 7.22
CA THR A 12 -4.01 -2.64 7.92
C THR A 12 -3.04 -1.52 7.62
N VAL A 13 -3.32 -0.75 6.56
CA VAL A 13 -2.46 0.36 6.16
C VAL A 13 -2.08 1.19 7.38
N MET A 14 -0.83 1.62 7.41
CA MET A 14 -0.31 2.41 8.51
C MET A 14 0.55 3.56 8.01
N LEU A 15 0.66 4.61 8.82
CA LEU A 15 1.46 5.78 8.48
C LEU A 15 2.43 6.11 9.60
N TYR A 16 3.73 5.94 9.34
CA TYR A 16 4.74 6.21 10.35
C TYR A 16 4.98 7.71 10.52
N ASP A 17 5.31 8.09 11.75
CA ASP A 17 5.59 9.49 12.06
C ASP A 17 6.96 9.61 12.71
N ASP A 18 8.00 9.73 11.88
CA ASP A 18 9.37 9.85 12.37
C ASP A 18 9.48 10.95 13.42
N GLY A 19 8.59 11.92 13.36
CA GLY A 19 8.62 13.02 14.32
C GLY A 19 8.65 12.53 15.75
N ASN A 20 8.10 11.34 15.99
CA ASN A 20 8.07 10.75 17.32
C ASN A 20 8.38 9.25 17.28
N LYS A 21 8.87 8.78 16.13
CA LYS A 21 9.20 7.37 15.97
C LYS A 21 8.04 6.47 16.39
N ARG A 22 7.10 6.25 15.47
CA ARG A 22 5.94 5.42 15.75
C ARG A 22 5.00 5.37 14.55
N TRP A 23 4.04 4.46 14.59
CA TRP A 23 3.07 4.31 13.51
C TRP A 23 1.87 5.24 13.73
N LEU A 24 0.99 5.31 12.74
CA LEU A 24 -0.20 6.14 12.82
C LEU A 24 -1.21 5.73 11.75
N PRO A 25 -2.46 5.45 12.17
CA PRO A 25 -3.53 5.04 11.24
C PRO A 25 -3.54 5.84 9.94
N ALA A 26 -3.00 5.25 8.88
CA ALA A 26 -2.94 5.90 7.58
C ALA A 26 -4.29 6.52 7.21
N GLY A 27 -5.34 5.74 7.36
CA GLY A 27 -6.68 6.23 7.03
C GLY A 27 -7.07 7.45 7.83
N THR A 28 -8.13 7.32 8.63
CA THR A 28 -8.61 8.42 9.45
C THR A 28 -8.54 8.08 10.93
N GLY A 29 -9.55 7.36 11.42
CA GLY A 29 -9.58 6.98 12.82
C GLY A 29 -9.74 5.48 13.02
N PRO A 30 -10.98 4.96 12.98
CA PRO A 30 -11.25 3.54 13.15
C PRO A 30 -10.34 2.66 12.30
N GLN A 31 -10.15 1.42 12.72
CA GLN A 31 -9.31 0.49 11.99
C GLN A 31 -9.88 -0.93 12.02
N ALA A 32 -9.74 -1.63 10.90
CA ALA A 32 -10.21 -3.00 10.78
C ALA A 32 -9.70 -3.62 9.49
N PHE A 33 -8.42 -3.39 9.23
CA PHE A 33 -7.77 -3.89 8.02
C PHE A 33 -8.39 -3.25 6.79
N SER A 34 -7.97 -3.69 5.62
CA SER A 34 -8.49 -3.14 4.38
C SER A 34 -7.96 -3.92 3.17
N ARG A 35 -8.67 -3.79 2.06
CA ARG A 35 -8.28 -4.46 0.83
C ARG A 35 -7.54 -3.48 -0.07
N VAL A 36 -6.22 -3.50 0.01
CA VAL A 36 -5.41 -2.58 -0.78
C VAL A 36 -4.96 -3.21 -2.10
N GLN A 37 -5.32 -2.54 -3.18
CA GLN A 37 -4.95 -2.97 -4.51
C GLN A 37 -4.01 -1.96 -5.14
N ILE A 38 -3.45 -2.29 -6.29
CA ILE A 38 -2.52 -1.38 -6.96
C ILE A 38 -3.09 -0.95 -8.30
N TYR A 39 -2.68 0.21 -8.77
CA TYR A 39 -3.18 0.72 -10.04
C TYR A 39 -2.09 0.78 -11.10
N HIS A 40 -2.29 0.04 -12.19
CA HIS A 40 -1.34 -0.01 -13.29
C HIS A 40 -1.69 1.02 -14.36
N ASN A 41 -1.16 2.22 -14.21
CA ASN A 41 -1.41 3.30 -15.16
C ASN A 41 -0.24 3.45 -16.13
N PRO A 42 -0.31 2.80 -17.31
CA PRO A 42 0.75 2.87 -18.31
C PRO A 42 0.65 4.14 -19.16
N THR A 43 -0.54 4.71 -19.25
CA THR A 43 -0.76 5.93 -20.03
C THR A 43 0.33 6.96 -19.71
N ALA A 44 0.82 6.92 -18.48
CA ALA A 44 1.87 7.85 -18.04
C ALA A 44 3.01 7.11 -17.36
N ASN A 45 2.96 5.78 -17.38
CA ASN A 45 4.00 4.97 -16.75
C ASN A 45 4.05 5.25 -15.27
N SER A 46 2.88 5.22 -14.63
CA SER A 46 2.78 5.49 -13.20
C SER A 46 1.91 4.46 -12.50
N PHE A 47 2.16 4.27 -11.20
CA PHE A 47 1.41 3.31 -10.41
C PHE A 47 0.79 3.99 -9.20
N ARG A 48 -0.07 3.27 -8.47
CA ARG A 48 -0.72 3.83 -7.29
C ARG A 48 -1.30 2.74 -6.39
N VAL A 49 -1.36 3.03 -5.10
CA VAL A 49 -1.90 2.08 -4.13
C VAL A 49 -3.26 2.57 -3.62
N VAL A 50 -4.25 1.70 -3.62
CA VAL A 50 -5.58 2.05 -3.17
C VAL A 50 -6.20 0.93 -2.34
N GLY A 51 -6.56 1.24 -1.11
CA GLY A 51 -7.15 0.25 -0.24
C GLY A 51 -8.25 0.80 0.65
N ARG A 52 -9.30 0.01 0.85
CA ARG A 52 -10.42 0.43 1.69
C ARG A 52 -10.71 -0.63 2.76
N LYS A 53 -11.38 -0.20 3.82
CA LYS A 53 -11.73 -1.10 4.92
C LYS A 53 -12.56 -2.27 4.42
N MET A 54 -12.72 -3.28 5.28
CA MET A 54 -13.49 -4.46 4.93
C MET A 54 -14.83 -4.47 5.65
N GLN A 55 -15.47 -3.31 5.70
CA GLN A 55 -16.77 -3.17 6.36
C GLN A 55 -17.78 -2.51 5.42
N PRO A 56 -19.09 -2.64 5.74
CA PRO A 56 -20.16 -2.07 4.92
C PRO A 56 -19.89 -0.61 4.55
N ASP A 57 -19.20 0.11 5.43
CA ASP A 57 -18.88 1.51 5.18
C ASP A 57 -17.91 1.66 4.01
N GLN A 58 -16.82 0.89 4.05
CA GLN A 58 -15.81 0.92 2.99
C GLN A 58 -15.18 2.31 2.88
N GLN A 59 -14.06 2.50 3.56
CA GLN A 59 -13.35 3.77 3.54
C GLN A 59 -11.90 3.56 3.10
N VAL A 60 -11.47 4.29 2.07
CA VAL A 60 -10.12 4.17 1.57
C VAL A 60 -9.10 4.59 2.62
N VAL A 61 -8.24 3.67 3.02
CA VAL A 61 -7.21 3.95 4.01
C VAL A 61 -5.89 4.36 3.36
N ILE A 62 -5.74 4.02 2.09
CA ILE A 62 -4.53 4.37 1.34
C ILE A 62 -4.90 4.81 -0.07
N ASN A 63 -4.26 5.88 -0.53
CA ASN A 63 -4.52 6.40 -1.86
C ASN A 63 -3.40 7.32 -2.32
N CYS A 64 -2.23 6.73 -2.57
CA CYS A 64 -1.07 7.49 -3.01
C CYS A 64 -0.41 6.84 -4.22
N ALA A 65 -0.08 7.64 -5.22
CA ALA A 65 0.54 7.13 -6.44
C ALA A 65 2.02 6.84 -6.22
N ILE A 66 2.49 5.75 -6.85
CA ILE A 66 3.90 5.35 -6.75
C ILE A 66 4.55 5.33 -8.13
N VAL A 67 5.66 6.05 -8.26
CA VAL A 67 6.37 6.09 -9.53
C VAL A 67 7.88 6.06 -9.33
N ARG A 68 8.49 4.94 -9.73
CA ARG A 68 9.94 4.74 -9.63
C ARG A 68 10.54 5.55 -8.46
N GLY A 69 10.31 5.10 -7.23
CA GLY A 69 10.85 5.83 -6.09
C GLY A 69 10.69 5.09 -4.78
N VAL A 70 9.58 4.36 -4.63
CA VAL A 70 9.33 3.63 -3.40
C VAL A 70 9.86 2.19 -3.48
N LYS A 71 10.43 1.72 -2.38
CA LYS A 71 10.98 0.37 -2.31
C LYS A 71 10.38 -0.39 -1.13
N TYR A 72 9.51 -1.35 -1.43
CA TYR A 72 8.86 -2.15 -0.39
C TYR A 72 9.89 -2.75 0.57
N ASN A 73 9.70 -2.48 1.85
CA ASN A 73 10.61 -2.99 2.88
C ASN A 73 9.86 -3.87 3.87
N GLN A 74 10.14 -5.17 3.83
CA GLN A 74 9.49 -6.12 4.71
C GLN A 74 9.91 -5.91 6.16
N ALA A 75 9.14 -5.11 6.88
CA ALA A 75 9.44 -4.82 8.28
C ALA A 75 9.35 -6.09 9.13
N THR A 76 8.37 -6.93 8.82
CA THR A 76 8.18 -8.17 9.55
C THR A 76 7.66 -9.26 8.62
N PRO A 77 7.54 -10.52 9.12
CA PRO A 77 7.06 -11.63 8.30
C PRO A 77 5.74 -11.32 7.60
N ASN A 78 4.98 -10.38 8.18
CA ASN A 78 3.71 -9.98 7.61
C ASN A 78 3.48 -8.48 7.78
N PHE A 79 4.37 -7.68 7.18
CA PHE A 79 4.27 -6.23 7.26
C PHE A 79 5.12 -5.56 6.19
N HIS A 80 4.45 -5.02 5.16
CA HIS A 80 5.16 -4.34 4.07
C HIS A 80 5.14 -2.84 4.30
N GLN A 81 6.32 -2.27 4.49
CA GLN A 81 6.45 -0.84 4.72
C GLN A 81 7.35 -0.19 3.67
N TRP A 82 7.02 1.05 3.29
CA TRP A 82 7.81 1.76 2.31
C TRP A 82 7.91 3.25 2.62
N ARG A 83 9.02 3.84 2.21
CA ARG A 83 9.26 5.27 2.40
C ARG A 83 9.28 5.96 1.05
N ASP A 84 8.35 6.87 0.83
CA ASP A 84 8.26 7.57 -0.44
C ASP A 84 9.03 8.89 -0.40
N ALA A 85 8.41 9.93 0.15
CA ALA A 85 9.04 11.23 0.24
C ALA A 85 9.59 11.48 1.65
N ARG A 86 8.68 11.59 2.61
CA ARG A 86 9.06 11.83 4.00
C ARG A 86 8.22 11.01 4.97
N GLN A 87 7.22 10.31 4.45
CA GLN A 87 6.34 9.50 5.28
C GLN A 87 6.61 8.02 5.05
N VAL A 88 5.88 7.18 5.77
CA VAL A 88 6.02 5.74 5.65
C VAL A 88 4.67 5.07 5.67
N TRP A 89 4.32 4.42 4.57
CA TRP A 89 3.03 3.75 4.46
C TRP A 89 3.13 2.28 4.85
N GLY A 90 3.06 2.00 6.14
CA GLY A 90 3.14 0.64 6.62
C GLY A 90 1.91 -0.16 6.27
N LEU A 91 2.05 -1.48 6.27
CA LEU A 91 0.92 -2.35 5.94
C LEU A 91 0.97 -3.62 6.78
N ASN A 92 0.05 -3.74 7.74
CA ASN A 92 0.00 -4.93 8.57
C ASN A 92 -0.96 -5.94 7.97
N PHE A 93 -0.39 -6.95 7.33
CA PHE A 93 -1.17 -8.00 6.69
C PHE A 93 -1.88 -8.88 7.70
N GLY A 94 -2.91 -9.58 7.23
CA GLY A 94 -3.67 -10.46 8.10
C GLY A 94 -3.51 -11.92 7.71
N SER A 95 -2.46 -12.21 6.95
CA SER A 95 -2.19 -13.59 6.51
C SER A 95 -0.92 -13.64 5.66
N LYS A 96 -0.38 -14.84 5.50
CA LYS A 96 0.83 -15.03 4.71
C LYS A 96 0.56 -14.79 3.23
N GLU A 97 -0.65 -15.07 2.79
CA GLU A 97 -1.04 -14.88 1.40
C GLU A 97 -1.13 -13.39 1.05
N ASP A 98 -1.84 -12.64 1.88
CA ASP A 98 -1.99 -11.20 1.66
C ASP A 98 -0.65 -10.55 1.42
N ALA A 99 0.23 -10.62 2.42
CA ALA A 99 1.56 -10.04 2.33
C ALA A 99 2.27 -10.47 1.05
N ALA A 100 2.06 -11.71 0.64
CA ALA A 100 2.69 -12.23 -0.56
C ALA A 100 2.05 -11.64 -1.82
N GLN A 101 0.75 -11.40 -1.76
CA GLN A 101 0.01 -10.85 -2.89
C GLN A 101 0.26 -9.35 -3.04
N PHE A 102 0.26 -8.64 -1.92
CA PHE A 102 0.47 -7.19 -1.94
C PHE A 102 1.78 -6.84 -2.64
N ALA A 103 2.86 -7.49 -2.24
CA ALA A 103 4.17 -7.24 -2.84
C ALA A 103 4.20 -7.71 -4.28
N ALA A 104 3.43 -8.76 -4.57
CA ALA A 104 3.36 -9.32 -5.91
C ALA A 104 3.18 -8.24 -6.97
N GLY A 105 2.04 -7.56 -6.91
CA GLY A 105 1.76 -6.50 -7.87
C GLY A 105 2.71 -5.34 -7.70
N MET A 106 2.84 -4.86 -6.47
CA MET A 106 3.73 -3.75 -6.17
C MET A 106 5.09 -3.97 -6.79
N ALA A 107 5.75 -5.05 -6.37
CA ALA A 107 7.07 -5.39 -6.89
C ALA A 107 7.10 -5.22 -8.41
N SER A 108 5.99 -5.55 -9.05
CA SER A 108 5.87 -5.41 -10.50
C SER A 108 5.88 -3.93 -10.88
N ALA A 109 5.20 -3.10 -10.08
CA ALA A 109 5.15 -1.67 -10.32
C ALA A 109 6.54 -1.06 -10.26
N LEU A 110 7.20 -1.25 -9.13
CA LEU A 110 8.55 -0.72 -8.92
C LEU A 110 9.52 -1.27 -9.98
N GLU A 111 9.15 -2.38 -10.60
CA GLU A 111 9.99 -3.00 -11.62
C GLU A 111 9.61 -2.52 -13.02
N ALA A 112 8.38 -2.05 -13.16
CA ALA A 112 7.90 -1.55 -14.44
C ALA A 112 7.98 -0.03 -14.47
N LEU A 113 8.47 0.54 -13.38
CA LEU A 113 8.60 1.98 -13.26
C LEU A 113 10.07 2.38 -13.20
N GLU A 114 10.90 1.49 -12.67
CA GLU A 114 12.33 1.74 -12.56
C GLU A 114 13.09 1.05 -13.70
N GLY A 115 12.55 -0.07 -14.16
CA GLY A 115 13.19 -0.81 -15.24
C GLY A 115 12.99 -2.30 -15.12
#